data_2ONU
# 
_entry.id   2ONU 
# 
_audit_conform.dict_name       mmcif_pdbx.dic 
_audit_conform.dict_version    5.377 
_audit_conform.dict_location   http://mmcif.pdb.org/dictionaries/ascii/mmcif_pdbx.dic 
# 
loop_
_database_2.database_id 
_database_2.database_code 
_database_2.pdbx_database_accession 
_database_2.pdbx_DOI 
PDB   2ONU         pdb_00002onu 10.2210/pdb2onu/pdb 
RCSB  RCSB041366   ?            ?                   
WWPDB D_1000041366 ?            ?                   
# 
_pdbx_database_status.status_code                     REL 
_pdbx_database_status.entry_id                        2ONU 
_pdbx_database_status.recvd_initial_deposition_date   2007-01-24 
_pdbx_database_status.deposit_site                    RCSB 
_pdbx_database_status.process_site                    RCSB 
_pdbx_database_status.status_code_sf                  REL 
_pdbx_database_status.status_code_mr                  ? 
_pdbx_database_status.SG_entry                        Y 
_pdbx_database_status.pdb_format_compatible           Y 
_pdbx_database_status.status_code_cs                  ? 
_pdbx_database_status.methods_development_category    ? 
_pdbx_database_status.status_code_nmr_data            ? 
# 
loop_
_audit_author.name 
_audit_author.pdbx_ordinal 
'Dong, A.'                             1  
'Lew, J.'                              2  
'Lin, L.'                              3  
'Hassanali, A.'                        4  
'Zhao, Y.'                             5  
'Senisterra, G.'                       6  
'Wasney, G.'                           7  
'Vedadi, M.'                           8  
'Kozieradzki, I.'                      9  
'Bochkarev, A.'                        10 
'Arrowsmith, C.H.'                     11 
'Edwards, A.M.'                        12 
'Sundstrom, M.'                        13 
'Weigelt, J.'                          14 
'Hui, R.'                              15 
'Brokx, S.J.'                          16 
'Structural Genomics Consortium (SGC)' 17 
# 
_citation.id                        primary 
_citation.title                     
'Plasmodium falciparum ubiquitin conjugating enzyme PF10_0330, putative homologue of human UBE2H' 
_citation.journal_abbrev            'To be Published' 
_citation.journal_volume            ? 
_citation.page_first                ? 
_citation.page_last                 ? 
_citation.year                      ? 
_citation.journal_id_ASTM           ? 
_citation.country                   ? 
_citation.journal_id_ISSN           ? 
_citation.journal_id_CSD            0353 
_citation.book_publisher            ? 
_citation.pdbx_database_id_PubMed   ? 
_citation.pdbx_database_id_DOI      ? 
# 
loop_
_citation_author.citation_id 
_citation_author.name 
_citation_author.ordinal 
_citation_author.identifier_ORCID 
primary 'Dong, A.'         1  ? 
primary 'Lew, J.'          2  ? 
primary 'Lin, L.'          3  ? 
primary 'Hassanali, A.'    4  ? 
primary 'Zhao, Y.'         5  ? 
primary 'Senisterra, G.'   6  ? 
primary 'Wasney, G.'       7  ? 
primary 'Vedadi, M.'       8  ? 
primary 'Kozieradzki, I.'  9  ? 
primary 'Bochkarev, A.'    10 ? 
primary 'Arrowsmith, C.H.' 11 ? 
primary 'Edwards, A.M.'    12 ? 
primary 'Sundstrom, M.'    13 ? 
primary 'Weigelt, J.'      14 ? 
primary 'Hui, R.'          15 ? 
primary 'Brokx, S.J.'      16 ? 
# 
_cell.entry_id           2ONU 
_cell.length_a           52.821 
_cell.length_b           52.821 
_cell.length_c           206.886 
_cell.angle_alpha        90.00 
_cell.angle_beta         90.00 
_cell.angle_gamma        90.00 
_cell.Z_PDB              8 
_cell.pdbx_unique_axis   ? 
_cell.length_a_esd       ? 
_cell.length_b_esd       ? 
_cell.length_c_esd       ? 
_cell.angle_alpha_esd    ? 
_cell.angle_beta_esd     ? 
_cell.angle_gamma_esd    ? 
# 
_symmetry.entry_id                         2ONU 
_symmetry.space_group_name_H-M             'P 43 21 2' 
_symmetry.pdbx_full_space_group_name_H-M   ? 
_symmetry.cell_setting                     ? 
_symmetry.Int_Tables_number                96 
_symmetry.space_group_name_Hall            ? 
# 
loop_
_entity.id 
_entity.type 
_entity.src_method 
_entity.pdbx_description 
_entity.formula_weight 
_entity.pdbx_number_of_molecules 
_entity.pdbx_ec 
_entity.pdbx_mutation 
_entity.pdbx_fragment 
_entity.details 
1 polymer     man 'Ubiquitin-conjugating enzyme, putative' 17117.283 1   6.3.2.19 ? ? ? 
2 non-polymer syn 'TETRAETHYLENE GLYCOL'                   194.226   1   ?        ? ? ? 
3 water       nat water                                    18.015    122 ?        ? ? ? 
# 
_entity_poly.entity_id                      1 
_entity_poly.type                           'polypeptide(L)' 
_entity_poly.nstd_linkage                   no 
_entity_poly.nstd_monomer                   no 
_entity_poly.pdbx_seq_one_letter_code       
;GTSLTRKQCDFTKLIMAGYDLELNNGSTQDFDVMFHGPNGTAYEGGIWKVHVTLPDDYPFASPSIGFMNKLLHPNVDEAS
GSVCLDVINQTWTPLYSLVNVFEVFLPQLLTYPNPSDPLNSDAASLLMKDKNIYEEKVKEYVKLYASKDLWE
;
_entity_poly.pdbx_seq_one_letter_code_can   
;GTSLTRKQCDFTKLIMAGYDLELNNGSTQDFDVMFHGPNGTAYEGGIWKVHVTLPDDYPFASPSIGFMNKLLHPNVDEAS
GSVCLDVINQTWTPLYSLVNVFEVFLPQLLTYPNPSDPLNSDAASLLMKDKNIYEEKVKEYVKLYASKDLWE
;
_entity_poly.pdbx_strand_id                 A 
_entity_poly.pdbx_target_identifier         ? 
# 
loop_
_entity_poly_seq.entity_id 
_entity_poly_seq.num 
_entity_poly_seq.mon_id 
_entity_poly_seq.hetero 
1 1   GLY n 
1 2   THR n 
1 3   SER n 
1 4   LEU n 
1 5   THR n 
1 6   ARG n 
1 7   LYS n 
1 8   GLN n 
1 9   CYS n 
1 10  ASP n 
1 11  PHE n 
1 12  THR n 
1 13  LYS n 
1 14  LEU n 
1 15  ILE n 
1 16  MET n 
1 17  ALA n 
1 18  GLY n 
1 19  TYR n 
1 20  ASP n 
1 21  LEU n 
1 22  GLU n 
1 23  LEU n 
1 24  ASN n 
1 25  ASN n 
1 26  GLY n 
1 27  SER n 
1 28  THR n 
1 29  GLN n 
1 30  ASP n 
1 31  PHE n 
1 32  ASP n 
1 33  VAL n 
1 34  MET n 
1 35  PHE n 
1 36  HIS n 
1 37  GLY n 
1 38  PRO n 
1 39  ASN n 
1 40  GLY n 
1 41  THR n 
1 42  ALA n 
1 43  TYR n 
1 44  GLU n 
1 45  GLY n 
1 46  GLY n 
1 47  ILE n 
1 48  TRP n 
1 49  LYS n 
1 50  VAL n 
1 51  HIS n 
1 52  VAL n 
1 53  THR n 
1 54  LEU n 
1 55  PRO n 
1 56  ASP n 
1 57  ASP n 
1 58  TYR n 
1 59  PRO n 
1 60  PHE n 
1 61  ALA n 
1 62  SER n 
1 63  PRO n 
1 64  SER n 
1 65  ILE n 
1 66  GLY n 
1 67  PHE n 
1 68  MET n 
1 69  ASN n 
1 70  LYS n 
1 71  LEU n 
1 72  LEU n 
1 73  HIS n 
1 74  PRO n 
1 75  ASN n 
1 76  VAL n 
1 77  ASP n 
1 78  GLU n 
1 79  ALA n 
1 80  SER n 
1 81  GLY n 
1 82  SER n 
1 83  VAL n 
1 84  CYS n 
1 85  LEU n 
1 86  ASP n 
1 87  VAL n 
1 88  ILE n 
1 89  ASN n 
1 90  GLN n 
1 91  THR n 
1 92  TRP n 
1 93  THR n 
1 94  PRO n 
1 95  LEU n 
1 96  TYR n 
1 97  SER n 
1 98  LEU n 
1 99  VAL n 
1 100 ASN n 
1 101 VAL n 
1 102 PHE n 
1 103 GLU n 
1 104 VAL n 
1 105 PHE n 
1 106 LEU n 
1 107 PRO n 
1 108 GLN n 
1 109 LEU n 
1 110 LEU n 
1 111 THR n 
1 112 TYR n 
1 113 PRO n 
1 114 ASN n 
1 115 PRO n 
1 116 SER n 
1 117 ASP n 
1 118 PRO n 
1 119 LEU n 
1 120 ASN n 
1 121 SER n 
1 122 ASP n 
1 123 ALA n 
1 124 ALA n 
1 125 SER n 
1 126 LEU n 
1 127 LEU n 
1 128 MET n 
1 129 LYS n 
1 130 ASP n 
1 131 LYS n 
1 132 ASN n 
1 133 ILE n 
1 134 TYR n 
1 135 GLU n 
1 136 GLU n 
1 137 LYS n 
1 138 VAL n 
1 139 LYS n 
1 140 GLU n 
1 141 TYR n 
1 142 VAL n 
1 143 LYS n 
1 144 LEU n 
1 145 TYR n 
1 146 ALA n 
1 147 SER n 
1 148 LYS n 
1 149 ASP n 
1 150 LEU n 
1 151 TRP n 
1 152 GLU n 
# 
_entity_src_gen.entity_id                          1 
_entity_src_gen.pdbx_src_id                        1 
_entity_src_gen.pdbx_alt_source_flag               sample 
_entity_src_gen.pdbx_seq_type                      ? 
_entity_src_gen.pdbx_beg_seq_num                   ? 
_entity_src_gen.pdbx_end_seq_num                   ? 
_entity_src_gen.gene_src_common_name               ? 
_entity_src_gen.gene_src_genus                     Plasmodium 
_entity_src_gen.pdbx_gene_src_gene                 PF10_0330 
_entity_src_gen.gene_src_species                   'Plasmodium falciparum' 
_entity_src_gen.gene_src_strain                    3D7 
_entity_src_gen.gene_src_tissue                    ? 
_entity_src_gen.gene_src_tissue_fraction           ? 
_entity_src_gen.gene_src_details                   ? 
_entity_src_gen.pdbx_gene_src_fragment             ? 
_entity_src_gen.pdbx_gene_src_scientific_name      'Plasmodium falciparum' 
_entity_src_gen.pdbx_gene_src_ncbi_taxonomy_id     36329 
_entity_src_gen.pdbx_gene_src_variant              ? 
_entity_src_gen.pdbx_gene_src_cell_line            ? 
_entity_src_gen.pdbx_gene_src_atcc                 ? 
_entity_src_gen.pdbx_gene_src_organ                ? 
_entity_src_gen.pdbx_gene_src_organelle            ? 
_entity_src_gen.pdbx_gene_src_cell                 ? 
_entity_src_gen.pdbx_gene_src_cellular_location    ? 
_entity_src_gen.host_org_common_name               ? 
_entity_src_gen.pdbx_host_org_scientific_name      'Escherichia coli' 
_entity_src_gen.pdbx_host_org_ncbi_taxonomy_id     562 
_entity_src_gen.host_org_genus                     Escherichia 
_entity_src_gen.pdbx_host_org_gene                 ? 
_entity_src_gen.pdbx_host_org_organ                ? 
_entity_src_gen.host_org_species                   ? 
_entity_src_gen.pdbx_host_org_tissue               ? 
_entity_src_gen.pdbx_host_org_tissue_fraction      ? 
_entity_src_gen.pdbx_host_org_strain               'BL21 Rosetta-R3' 
_entity_src_gen.pdbx_host_org_variant              ? 
_entity_src_gen.pdbx_host_org_cell_line            ? 
_entity_src_gen.pdbx_host_org_atcc                 ? 
_entity_src_gen.pdbx_host_org_culture_collection   ? 
_entity_src_gen.pdbx_host_org_cell                 ? 
_entity_src_gen.pdbx_host_org_organelle            ? 
_entity_src_gen.pdbx_host_org_cellular_location    ? 
_entity_src_gen.pdbx_host_org_vector_type          PLASMID 
_entity_src_gen.pdbx_host_org_vector               ? 
_entity_src_gen.host_org_details                   ? 
_entity_src_gen.expression_system_id               ? 
_entity_src_gen.plasmid_name                       'p15-tev-lic DERIVED FROM PET15' 
_entity_src_gen.plasmid_details                    ? 
_entity_src_gen.pdbx_description                   ? 
# 
_struct_ref.id                         1 
_struct_ref.db_name                    UNP 
_struct_ref.db_code                    Q8IJ70_PLAF7 
_struct_ref.pdbx_db_accession          Q8IJ70 
_struct_ref.entity_id                  1 
_struct_ref.pdbx_seq_one_letter_code   
;TSLTRKQCDFTKLIMAGYDLELNNGSTQDFDVMFHGPNGTAYEGGIWKVHVTLPDDYPFASPSIGFMNKLLHPNVDEASG
SVCLDVINQTWTPLYSLVNVFEVFLPQLLTYPNPSDPLNSDAASLLMKDKNIYEEKVKEYVKLYASKDLWE
;
_struct_ref.pdbx_align_begin           5 
_struct_ref.pdbx_db_isoform            ? 
# 
_struct_ref_seq.align_id                      1 
_struct_ref_seq.ref_id                        1 
_struct_ref_seq.pdbx_PDB_id_code              2ONU 
_struct_ref_seq.pdbx_strand_id                A 
_struct_ref_seq.seq_align_beg                 2 
_struct_ref_seq.pdbx_seq_align_beg_ins_code   ? 
_struct_ref_seq.seq_align_end                 152 
_struct_ref_seq.pdbx_seq_align_end_ins_code   ? 
_struct_ref_seq.pdbx_db_accession             Q8IJ70 
_struct_ref_seq.db_align_beg                  5 
_struct_ref_seq.pdbx_db_align_beg_ins_code    ? 
_struct_ref_seq.db_align_end                  155 
_struct_ref_seq.pdbx_db_align_end_ins_code    ? 
_struct_ref_seq.pdbx_auth_seq_align_beg       2 
_struct_ref_seq.pdbx_auth_seq_align_end       152 
# 
_struct_ref_seq_dif.align_id                     1 
_struct_ref_seq_dif.pdbx_pdb_id_code             2ONU 
_struct_ref_seq_dif.mon_id                       GLY 
_struct_ref_seq_dif.pdbx_pdb_strand_id           A 
_struct_ref_seq_dif.seq_num                      1 
_struct_ref_seq_dif.pdbx_pdb_ins_code            ? 
_struct_ref_seq_dif.pdbx_seq_db_name             UNP 
_struct_ref_seq_dif.pdbx_seq_db_accession_code   Q8IJ70 
_struct_ref_seq_dif.db_mon_id                    ? 
_struct_ref_seq_dif.pdbx_seq_db_seq_num          ? 
_struct_ref_seq_dif.details                      'cloning artifact' 
_struct_ref_seq_dif.pdbx_auth_seq_num            1 
_struct_ref_seq_dif.pdbx_ordinal                 1 
# 
loop_
_chem_comp.id 
_chem_comp.type 
_chem_comp.mon_nstd_flag 
_chem_comp.name 
_chem_comp.pdbx_synonyms 
_chem_comp.formula 
_chem_comp.formula_weight 
ALA 'L-peptide linking' y ALANINE                ? 'C3 H7 N O2'     89.093  
ARG 'L-peptide linking' y ARGININE               ? 'C6 H15 N4 O2 1' 175.209 
ASN 'L-peptide linking' y ASPARAGINE             ? 'C4 H8 N2 O3'    132.118 
ASP 'L-peptide linking' y 'ASPARTIC ACID'        ? 'C4 H7 N O4'     133.103 
CYS 'L-peptide linking' y CYSTEINE               ? 'C3 H7 N O2 S'   121.158 
GLN 'L-peptide linking' y GLUTAMINE              ? 'C5 H10 N2 O3'   146.144 
GLU 'L-peptide linking' y 'GLUTAMIC ACID'        ? 'C5 H9 N O4'     147.129 
GLY 'peptide linking'   y GLYCINE                ? 'C2 H5 N O2'     75.067  
HIS 'L-peptide linking' y HISTIDINE              ? 'C6 H10 N3 O2 1' 156.162 
HOH non-polymer         . WATER                  ? 'H2 O'           18.015  
ILE 'L-peptide linking' y ISOLEUCINE             ? 'C6 H13 N O2'    131.173 
LEU 'L-peptide linking' y LEUCINE                ? 'C6 H13 N O2'    131.173 
LYS 'L-peptide linking' y LYSINE                 ? 'C6 H15 N2 O2 1' 147.195 
MET 'L-peptide linking' y METHIONINE             ? 'C5 H11 N O2 S'  149.211 
PG4 non-polymer         . 'TETRAETHYLENE GLYCOL' ? 'C8 H18 O5'      194.226 
PHE 'L-peptide linking' y PHENYLALANINE          ? 'C9 H11 N O2'    165.189 
PRO 'L-peptide linking' y PROLINE                ? 'C5 H9 N O2'     115.130 
SER 'L-peptide linking' y SERINE                 ? 'C3 H7 N O3'     105.093 
THR 'L-peptide linking' y THREONINE              ? 'C4 H9 N O3'     119.119 
TRP 'L-peptide linking' y TRYPTOPHAN             ? 'C11 H12 N2 O2'  204.225 
TYR 'L-peptide linking' y TYROSINE               ? 'C9 H11 N O3'    181.189 
VAL 'L-peptide linking' y VALINE                 ? 'C5 H11 N O2'    117.146 
# 
_exptl.entry_id          2ONU 
_exptl.method            'X-RAY DIFFRACTION' 
_exptl.crystals_number   1 
# 
_exptl_crystal.id                    1 
_exptl_crystal.density_meas          ? 
_exptl_crystal.density_Matthews      4.21 
_exptl_crystal.density_percent_sol   70.80 
_exptl_crystal.description           ? 
_exptl_crystal.F_000                 ? 
_exptl_crystal.preparation           ? 
# 
_exptl_crystal_grow.crystal_id      1 
_exptl_crystal_grow.method          'VAPOR DIFFUSION, HANGING DROP' 
_exptl_crystal_grow.temp            291 
_exptl_crystal_grow.temp_details    ? 
_exptl_crystal_grow.pH              8.5 
_exptl_crystal_grow.pdbx_details    
'25% PEG 3350, 0.1 M Ammonium sulfate, 0.1 M Tris-HCl pH 8.5, VAPOR DIFFUSION, HANGING DROP, temperature 291K' 
_exptl_crystal_grow.pdbx_pH_range   . 
# 
_diffrn.id                     1 
_diffrn.ambient_temp           100 
_diffrn.ambient_temp_details   ? 
_diffrn.crystal_id             1 
# 
_diffrn_detector.diffrn_id              1 
_diffrn_detector.detector               'IMAGE PLATE' 
_diffrn_detector.type                   'RIGAKU RAXIS IV' 
_diffrn_detector.pdbx_collection_date   2007-01-17 
_diffrn_detector.details                'VeriMax HR' 
# 
_diffrn_radiation.diffrn_id                        1 
_diffrn_radiation.wavelength_id                    1 
_diffrn_radiation.pdbx_monochromatic_or_laue_m_l   M 
_diffrn_radiation.monochromator                    ? 
_diffrn_radiation.pdbx_diffrn_protocol             'SINGLE WAVELENGTH' 
_diffrn_radiation.pdbx_scattering_type             x-ray 
# 
_diffrn_radiation_wavelength.id           1 
_diffrn_radiation_wavelength.wavelength   1.54180 
_diffrn_radiation_wavelength.wt           1.0 
# 
_diffrn_source.diffrn_id                   1 
_diffrn_source.source                      'ROTATING ANODE' 
_diffrn_source.type                        RIGAKU 
_diffrn_source.pdbx_synchrotron_site       ? 
_diffrn_source.pdbx_synchrotron_beamline   ? 
_diffrn_source.pdbx_wavelength             ? 
_diffrn_source.pdbx_wavelength_list        1.54180 
# 
_reflns.entry_id                     2ONU 
_reflns.observed_criterion_sigma_F   0 
_reflns.observed_criterion_sigma_I   0 
_reflns.d_resolution_high            2.38 
_reflns.d_resolution_low             50 
_reflns.number_all                   12626 
_reflns.number_obs                   12626 
_reflns.percent_possible_obs         99.7 
_reflns.pdbx_Rmerge_I_obs            0.102 
_reflns.pdbx_Rsym_value              0.102 
_reflns.pdbx_netI_over_sigmaI        7.5 
_reflns.B_iso_Wilson_estimate        50.3 
_reflns.pdbx_redundancy              8.4 
_reflns.R_free_details               ? 
_reflns.limit_h_max                  ? 
_reflns.limit_h_min                  ? 
_reflns.limit_k_max                  ? 
_reflns.limit_k_min                  ? 
_reflns.limit_l_max                  ? 
_reflns.limit_l_min                  ? 
_reflns.observed_criterion_F_max     ? 
_reflns.observed_criterion_F_min     ? 
_reflns.pdbx_chi_squared             ? 
_reflns.pdbx_scaling_rejects         ? 
_reflns.pdbx_ordinal                 1 
_reflns.pdbx_diffrn_id               1 
# 
_reflns_shell.d_res_high             2.38 
_reflns_shell.d_res_low              2.42 
_reflns_shell.percent_possible_all   100.0 
_reflns_shell.Rmerge_I_obs           0.961 
_reflns_shell.pdbx_Rsym_value        0.961 
_reflns_shell.meanI_over_sigI_obs    2.41 
_reflns_shell.pdbx_redundancy        8.8 
_reflns_shell.percent_possible_obs   ? 
_reflns_shell.number_unique_all      623 
_reflns_shell.number_measured_all    ? 
_reflns_shell.number_measured_obs    ? 
_reflns_shell.number_unique_obs      ? 
_reflns_shell.pdbx_chi_squared       ? 
_reflns_shell.pdbx_ordinal           1 
_reflns_shell.pdbx_diffrn_id         1 
# 
_refine.entry_id                                 2ONU 
_refine.ls_number_reflns_obs                     11957 
_refine.ls_number_reflns_all                     0 
_refine.pdbx_ls_sigma_I                          0 
_refine.pdbx_ls_sigma_F                          0 
_refine.pdbx_data_cutoff_high_absF               ? 
_refine.pdbx_data_cutoff_low_absF                ? 
_refine.pdbx_data_cutoff_high_rms_absF           ? 
_refine.ls_d_res_low                             50.00 
_refine.ls_d_res_high                            2.38 
_refine.ls_percent_reflns_obs                    99.78 
_refine.ls_R_factor_obs                          0.21528 
_refine.ls_R_factor_all                          0.21528 
_refine.ls_R_factor_R_work                       0.21349 
_refine.ls_R_factor_R_free                       0.24978 
_refine.ls_R_factor_R_free_error                 ? 
_refine.ls_R_factor_R_free_error_details         ? 
_refine.ls_percent_reflns_R_free                 4.8 
_refine.ls_number_reflns_R_free                  608 
_refine.ls_number_parameters                     ? 
_refine.ls_number_restraints                     ? 
_refine.occupancy_min                            ? 
_refine.occupancy_max                            ? 
_refine.correlation_coeff_Fo_to_Fc               0.945 
_refine.correlation_coeff_Fo_to_Fc_free          0.935 
_refine.B_iso_mean                               44.566 
_refine.aniso_B[1][1]                            1.93 
_refine.aniso_B[2][2]                            1.93 
_refine.aniso_B[3][3]                            -3.86 
_refine.aniso_B[1][2]                            0.00 
_refine.aniso_B[1][3]                            0.00 
_refine.aniso_B[2][3]                            0.00 
_refine.solvent_model_details                    MASK 
_refine.solvent_model_param_ksol                 ? 
_refine.solvent_model_param_bsol                 ? 
_refine.pdbx_solvent_vdw_probe_radii             1.20 
_refine.pdbx_solvent_ion_probe_radii             0.80 
_refine.pdbx_solvent_shrinkage_radii             0.80 
_refine.pdbx_ls_cross_valid_method               THROUGHOUT 
_refine.details                                  
'HYDROGENS HAVE BEEN ADDED IN THE RIDING POSITIONS. PROGRAM COOT 0.1.2 HAS ALSO BEEN USED IN THE REFINEMENT' 
_refine.pdbx_starting_model                      'PDB entry 1YH6' 
_refine.pdbx_method_to_determine_struct          'MOLECULAR REPLACEMENT' 
_refine.pdbx_isotropic_thermal_model             ? 
_refine.pdbx_stereochemistry_target_values       'MAXIMUM LIKELIHOOD' 
_refine.pdbx_stereochem_target_val_spec_case     ? 
_refine.pdbx_R_Free_selection_details            RANDOM 
_refine.pdbx_overall_ESU_R                       0.231 
_refine.pdbx_overall_ESU_R_Free                  0.201 
_refine.overall_SU_ML                            0.144 
_refine.overall_SU_B                             6.095 
_refine.ls_redundancy_reflns_obs                 ? 
_refine.B_iso_min                                ? 
_refine.B_iso_max                                ? 
_refine.overall_SU_R_Cruickshank_DPI             ? 
_refine.overall_SU_R_free                        ? 
_refine.ls_wR_factor_R_free                      ? 
_refine.ls_wR_factor_R_work                      ? 
_refine.overall_FOM_free_R_set                   ? 
_refine.overall_FOM_work_R_set                   ? 
_refine.pdbx_refine_id                           'X-RAY DIFFRACTION' 
_refine.pdbx_diffrn_id                           1 
_refine.pdbx_TLS_residual_ADP_flag               ? 
_refine.pdbx_overall_phase_error                 ? 
_refine.pdbx_overall_SU_R_free_Cruickshank_DPI   ? 
_refine.pdbx_overall_SU_R_Blow_DPI               ? 
_refine.pdbx_overall_SU_R_free_Blow_DPI          ? 
# 
_refine_hist.pdbx_refine_id                   'X-RAY DIFFRACTION' 
_refine_hist.cycle_id                         LAST 
_refine_hist.pdbx_number_atoms_protein        1183 
_refine_hist.pdbx_number_atoms_nucleic_acid   0 
_refine_hist.pdbx_number_atoms_ligand         13 
_refine_hist.number_atoms_solvent             122 
_refine_hist.number_atoms_total               1318 
_refine_hist.d_res_high                       2.38 
_refine_hist.d_res_low                        50.00 
# 
loop_
_refine_ls_restr.type 
_refine_ls_restr.dev_ideal 
_refine_ls_restr.dev_ideal_target 
_refine_ls_restr.weight 
_refine_ls_restr.number 
_refine_ls_restr.pdbx_refine_id 
_refine_ls_restr.pdbx_restraint_function 
r_bond_refined_d             0.013  0.022  ? 1228 'X-RAY DIFFRACTION' ? 
r_bond_other_d               ?      ?      ? ?    'X-RAY DIFFRACTION' ? 
r_angle_refined_deg          1.249  1.972  ? 1671 'X-RAY DIFFRACTION' ? 
r_angle_other_deg            ?      ?      ? ?    'X-RAY DIFFRACTION' ? 
r_dihedral_angle_1_deg       7.015  5.000  ? 149  'X-RAY DIFFRACTION' ? 
r_dihedral_angle_2_deg       36.101 25.741 ? 54   'X-RAY DIFFRACTION' ? 
r_dihedral_angle_3_deg       17.860 15.000 ? 193  'X-RAY DIFFRACTION' ? 
r_dihedral_angle_4_deg       9.099  15.000 ? 1    'X-RAY DIFFRACTION' ? 
r_chiral_restr               0.101  0.200  ? 184  'X-RAY DIFFRACTION' ? 
r_gen_planes_refined         0.005  0.020  ? 930  'X-RAY DIFFRACTION' ? 
r_gen_planes_other           ?      ?      ? ?    'X-RAY DIFFRACTION' ? 
r_nbd_refined                0.207  0.200  ? 555  'X-RAY DIFFRACTION' ? 
r_nbd_other                  ?      ?      ? ?    'X-RAY DIFFRACTION' ? 
r_nbtor_refined              0.307  0.200  ? 811  'X-RAY DIFFRACTION' ? 
r_nbtor_other                ?      ?      ? ?    'X-RAY DIFFRACTION' ? 
r_xyhbond_nbd_refined        0.160  0.200  ? 100  'X-RAY DIFFRACTION' ? 
r_xyhbond_nbd_other          ?      ?      ? ?    'X-RAY DIFFRACTION' ? 
r_metal_ion_refined          ?      ?      ? ?    'X-RAY DIFFRACTION' ? 
r_metal_ion_other            ?      ?      ? ?    'X-RAY DIFFRACTION' ? 
r_symmetry_vdw_refined       0.208  0.200  ? 24   'X-RAY DIFFRACTION' ? 
r_symmetry_vdw_other         ?      ?      ? ?    'X-RAY DIFFRACTION' ? 
r_symmetry_hbond_refined     0.180  0.200  ? 5    'X-RAY DIFFRACTION' ? 
r_symmetry_hbond_other       ?      ?      ? ?    'X-RAY DIFFRACTION' ? 
r_symmetry_metal_ion_refined ?      ?      ? ?    'X-RAY DIFFRACTION' ? 
r_symmetry_metal_ion_other   ?      ?      ? ?    'X-RAY DIFFRACTION' ? 
r_mcbond_it                  0.896  1.500  ? 773  'X-RAY DIFFRACTION' ? 
r_mcbond_other               ?      ?      ? ?    'X-RAY DIFFRACTION' ? 
r_mcangle_it                 1.518  2.000  ? 1217 'X-RAY DIFFRACTION' ? 
r_scbond_it                  2.075  3.000  ? 529  'X-RAY DIFFRACTION' ? 
r_scangle_it                 3.249  4.500  ? 454  'X-RAY DIFFRACTION' ? 
r_rigid_bond_restr           ?      ?      ? ?    'X-RAY DIFFRACTION' ? 
r_sphericity_free            ?      ?      ? ?    'X-RAY DIFFRACTION' ? 
r_sphericity_bonded          ?      ?      ? ?    'X-RAY DIFFRACTION' ? 
# 
_refine_ls_shell.pdbx_total_number_of_bins_used   20 
_refine_ls_shell.d_res_high                       2.38 
_refine_ls_shell.d_res_low                        2.44 
_refine_ls_shell.number_reflns_R_work             828 
_refine_ls_shell.R_factor_R_work                  0.258 
_refine_ls_shell.percent_reflns_obs               99.33 
_refine_ls_shell.R_factor_R_free                  0.346 
_refine_ls_shell.R_factor_R_free_error            ? 
_refine_ls_shell.percent_reflns_R_free            ? 
_refine_ls_shell.number_reflns_R_free             60 
_refine_ls_shell.number_reflns_all                ? 
_refine_ls_shell.R_factor_all                     ? 
_refine_ls_shell.number_reflns_obs                ? 
_refine_ls_shell.redundancy_reflns_obs            ? 
_refine_ls_shell.pdbx_refine_id                   'X-RAY DIFFRACTION' 
# 
_struct.entry_id                  2ONU 
_struct.title                     'Plasmodium falciparum ubiquitin conjugating enzyme PF10_0330, putative homologue of human UBE2H' 
_struct.pdbx_model_details        ? 
_struct.pdbx_CASP_flag            ? 
_struct.pdbx_model_type_details   ? 
# 
_struct_keywords.entry_id        2ONU 
_struct_keywords.pdbx_keywords   LIGASE 
_struct_keywords.text            
'Ubiquitin-conjugating enzyme; UBC; Ubiquitin; Plasmodium falciparum; Structural Genomics Consortium; SGC, LIGASE' 
# 
loop_
_struct_asym.id 
_struct_asym.pdbx_blank_PDB_chainid_flag 
_struct_asym.pdbx_modified 
_struct_asym.entity_id 
_struct_asym.details 
A N N 1 ? 
B N N 2 ? 
C N N 3 ? 
# 
_struct_biol.id                    1 
_struct_biol.details               ? 
_struct_biol.pdbx_parent_biol_id   ? 
# 
loop_
_struct_conf.conf_type_id 
_struct_conf.id 
_struct_conf.pdbx_PDB_helix_id 
_struct_conf.beg_label_comp_id 
_struct_conf.beg_label_asym_id 
_struct_conf.beg_label_seq_id 
_struct_conf.pdbx_beg_PDB_ins_code 
_struct_conf.end_label_comp_id 
_struct_conf.end_label_asym_id 
_struct_conf.end_label_seq_id 
_struct_conf.pdbx_end_PDB_ins_code 
_struct_conf.beg_auth_comp_id 
_struct_conf.beg_auth_asym_id 
_struct_conf.beg_auth_seq_id 
_struct_conf.end_auth_comp_id 
_struct_conf.end_auth_asym_id 
_struct_conf.end_auth_seq_id 
_struct_conf.pdbx_PDB_helix_class 
_struct_conf.details 
_struct_conf.pdbx_PDB_helix_length 
HELX_P HELX_P1 1 THR A 5   ? ASP A 10  ? THR A 5   ASP A 10  1 ? 6  
HELX_P HELX_P2 2 ASP A 10  ? GLY A 18  ? ASP A 10  GLY A 18  1 ? 9  
HELX_P HELX_P3 3 CYS A 84  ? TRP A 92  ? CYS A 84  TRP A 92  1 ? 9  
HELX_P HELX_P4 4 SER A 97  ? VAL A 104 ? SER A 97  VAL A 104 1 ? 8  
HELX_P HELX_P5 5 VAL A 104 ? TYR A 112 ? VAL A 104 TYR A 112 1 ? 9  
HELX_P HELX_P6 6 ASN A 120 ? ASP A 130 ? ASN A 120 ASP A 130 1 ? 11 
HELX_P HELX_P7 7 ASP A 130 ? ALA A 146 ? ASP A 130 ALA A 146 1 ? 17 
HELX_P HELX_P8 8 SER A 147 ? GLU A 152 ? SER A 147 GLU A 152 5 ? 6  
# 
_struct_conf_type.id          HELX_P 
_struct_conf_type.criteria    ? 
_struct_conf_type.reference   ? 
# 
_struct_mon_prot_cis.pdbx_id                1 
_struct_mon_prot_cis.label_comp_id          TYR 
_struct_mon_prot_cis.label_seq_id           58 
_struct_mon_prot_cis.label_asym_id          A 
_struct_mon_prot_cis.label_alt_id           . 
_struct_mon_prot_cis.pdbx_PDB_ins_code      ? 
_struct_mon_prot_cis.auth_comp_id           TYR 
_struct_mon_prot_cis.auth_seq_id            58 
_struct_mon_prot_cis.auth_asym_id           A 
_struct_mon_prot_cis.pdbx_label_comp_id_2   PRO 
_struct_mon_prot_cis.pdbx_label_seq_id_2    59 
_struct_mon_prot_cis.pdbx_label_asym_id_2   A 
_struct_mon_prot_cis.pdbx_PDB_ins_code_2    ? 
_struct_mon_prot_cis.pdbx_auth_comp_id_2    PRO 
_struct_mon_prot_cis.pdbx_auth_seq_id_2     59 
_struct_mon_prot_cis.pdbx_auth_asym_id_2    A 
_struct_mon_prot_cis.pdbx_PDB_model_num     1 
_struct_mon_prot_cis.pdbx_omega_angle       7.19 
# 
_struct_sheet.id               A 
_struct_sheet.type             ? 
_struct_sheet.number_strands   4 
_struct_sheet.details          ? 
# 
loop_
_struct_sheet_order.sheet_id 
_struct_sheet_order.range_id_1 
_struct_sheet_order.range_id_2 
_struct_sheet_order.offset 
_struct_sheet_order.sense 
A 1 2 ? anti-parallel 
A 2 3 ? anti-parallel 
A 3 4 ? anti-parallel 
# 
loop_
_struct_sheet_range.sheet_id 
_struct_sheet_range.id 
_struct_sheet_range.beg_label_comp_id 
_struct_sheet_range.beg_label_asym_id 
_struct_sheet_range.beg_label_seq_id 
_struct_sheet_range.pdbx_beg_PDB_ins_code 
_struct_sheet_range.end_label_comp_id 
_struct_sheet_range.end_label_asym_id 
_struct_sheet_range.end_label_seq_id 
_struct_sheet_range.pdbx_end_PDB_ins_code 
_struct_sheet_range.beg_auth_comp_id 
_struct_sheet_range.beg_auth_asym_id 
_struct_sheet_range.beg_auth_seq_id 
_struct_sheet_range.end_auth_comp_id 
_struct_sheet_range.end_auth_asym_id 
_struct_sheet_range.end_auth_seq_id 
A 1 LEU A 21 ? ASN A 24 ? LEU A 21 ASN A 24 
A 2 SER A 27 ? HIS A 36 ? SER A 27 HIS A 36 
A 3 ILE A 47 ? THR A 53 ? ILE A 47 THR A 53 
A 4 SER A 64 ? PHE A 67 ? SER A 64 PHE A 67 
# 
loop_
_pdbx_struct_sheet_hbond.sheet_id 
_pdbx_struct_sheet_hbond.range_id_1 
_pdbx_struct_sheet_hbond.range_id_2 
_pdbx_struct_sheet_hbond.range_1_label_atom_id 
_pdbx_struct_sheet_hbond.range_1_label_comp_id 
_pdbx_struct_sheet_hbond.range_1_label_asym_id 
_pdbx_struct_sheet_hbond.range_1_label_seq_id 
_pdbx_struct_sheet_hbond.range_1_PDB_ins_code 
_pdbx_struct_sheet_hbond.range_1_auth_atom_id 
_pdbx_struct_sheet_hbond.range_1_auth_comp_id 
_pdbx_struct_sheet_hbond.range_1_auth_asym_id 
_pdbx_struct_sheet_hbond.range_1_auth_seq_id 
_pdbx_struct_sheet_hbond.range_2_label_atom_id 
_pdbx_struct_sheet_hbond.range_2_label_comp_id 
_pdbx_struct_sheet_hbond.range_2_label_asym_id 
_pdbx_struct_sheet_hbond.range_2_label_seq_id 
_pdbx_struct_sheet_hbond.range_2_PDB_ins_code 
_pdbx_struct_sheet_hbond.range_2_auth_atom_id 
_pdbx_struct_sheet_hbond.range_2_auth_comp_id 
_pdbx_struct_sheet_hbond.range_2_auth_asym_id 
_pdbx_struct_sheet_hbond.range_2_auth_seq_id 
A 1 2 N ASN A 24 ? N ASN A 24 O ASP A 30 ? O ASP A 30 
A 2 3 N PHE A 31 ? N PHE A 31 O VAL A 52 ? O VAL A 52 
A 3 4 N HIS A 51 ? N HIS A 51 O GLY A 66 ? O GLY A 66 
# 
_struct_site.id                   AC1 
_struct_site.pdbx_evidence_code   Software 
_struct_site.pdbx_auth_asym_id    A 
_struct_site.pdbx_auth_comp_id    PG4 
_struct_site.pdbx_auth_seq_id     503 
_struct_site.pdbx_auth_ins_code   ? 
_struct_site.pdbx_num_residues    4 
_struct_site.details              'BINDING SITE FOR RESIDUE PG4 A 503' 
# 
loop_
_struct_site_gen.id 
_struct_site_gen.site_id 
_struct_site_gen.pdbx_num_res 
_struct_site_gen.label_comp_id 
_struct_site_gen.label_asym_id 
_struct_site_gen.label_seq_id 
_struct_site_gen.pdbx_auth_ins_code 
_struct_site_gen.auth_comp_id 
_struct_site_gen.auth_asym_id 
_struct_site_gen.auth_seq_id 
_struct_site_gen.label_atom_id 
_struct_site_gen.label_alt_id 
_struct_site_gen.symmetry 
_struct_site_gen.details 
1 AC1 4 ILE A 15  ? ILE A 15  . ? 5_555 ? 
2 AC1 4 GLY A 18  ? GLY A 18  . ? 5_555 ? 
3 AC1 4 MET A 128 ? MET A 128 . ? 1_555 ? 
4 AC1 4 LYS A 129 ? LYS A 129 . ? 1_555 ? 
# 
_atom_sites.entry_id                    2ONU 
_atom_sites.fract_transf_matrix[1][1]   0.01004192 
_atom_sites.fract_transf_matrix[1][2]   0.01408608 
_atom_sites.fract_transf_matrix[1][3]   -0.00769174 
_atom_sites.fract_transf_matrix[2][1]   -0.00756799 
_atom_sites.fract_transf_matrix[2][2]   -0.00384521 
_atom_sites.fract_transf_matrix[2][3]   -0.01692219 
_atom_sites.fract_transf_matrix[3][1]   -0.00361374 
_atom_sites.fract_transf_matrix[3][2]   0.00307694 
_atom_sites.fract_transf_matrix[3][3]   0.00091698 
_atom_sites.fract_transf_vector[1]      0.169386 
_atom_sites.fract_transf_vector[2]      0.385975 
_atom_sites.fract_transf_vector[3]      0.410678 
# 
loop_
_atom_type.symbol 
C 
N 
O 
S 
# 
loop_
_atom_site.group_PDB 
_atom_site.id 
_atom_site.type_symbol 
_atom_site.label_atom_id 
_atom_site.label_alt_id 
_atom_site.label_comp_id 
_atom_site.label_asym_id 
_atom_site.label_entity_id 
_atom_site.label_seq_id 
_atom_site.pdbx_PDB_ins_code 
_atom_site.Cartn_x 
_atom_site.Cartn_y 
_atom_site.Cartn_z 
_atom_site.occupancy 
_atom_site.B_iso_or_equiv 
_atom_site.pdbx_formal_charge 
_atom_site.auth_seq_id 
_atom_site.auth_comp_id 
_atom_site.auth_asym_id 
_atom_site.auth_atom_id 
_atom_site.pdbx_PDB_model_num 
ATOM   1    N N   . SER A 1 3   ? -14.905 12.747  22.863  1.00 66.12 ? 3   SER A N   1 
ATOM   2    C CA  . SER A 1 3   ? -16.029 12.137  22.087  1.00 66.01 ? 3   SER A CA  1 
ATOM   3    C C   . SER A 1 3   ? -15.462 11.328  20.897  1.00 65.68 ? 3   SER A C   1 
ATOM   4    O O   . SER A 1 3   ? -16.216 10.685  20.136  1.00 65.96 ? 3   SER A O   1 
ATOM   5    C CB  . SER A 1 3   ? -16.965 13.252  21.582  1.00 66.17 ? 3   SER A CB  1 
ATOM   6    O OG  . SER A 1 3   ? -18.307 12.802  21.473  1.00 66.28 ? 3   SER A OG  1 
ATOM   7    N N   . LEU A 1 4   ? -14.125 11.326  20.793  1.00 64.19 ? 4   LEU A N   1 
ATOM   8    C CA  . LEU A 1 4   ? -13.410 11.113  19.529  1.00 62.36 ? 4   LEU A CA  1 
ATOM   9    C C   . LEU A 1 4   ? -12.843 9.703   19.314  1.00 61.14 ? 4   LEU A C   1 
ATOM   10   O O   . LEU A 1 4   ? -11.870 9.287   19.984  1.00 61.16 ? 4   LEU A O   1 
ATOM   11   C CB  . LEU A 1 4   ? -12.282 12.131  19.399  1.00 61.99 ? 4   LEU A CB  1 
ATOM   12   C CG  . LEU A 1 4   ? -12.603 13.570  19.749  1.00 61.86 ? 4   LEU A CG  1 
ATOM   13   C CD1 . LEU A 1 4   ? -11.358 14.216  20.411  1.00 60.55 ? 4   LEU A CD1 1 
ATOM   14   C CD2 . LEU A 1 4   ? -13.101 14.357  18.504  1.00 59.26 ? 4   LEU A CD2 1 
ATOM   15   N N   . THR A 1 5   ? -13.416 9.014   18.331  1.00 58.79 ? 5   THR A N   1 
ATOM   16   C CA  . THR A 1 5   ? -12.965 7.701   17.923  1.00 56.83 ? 5   THR A CA  1 
ATOM   17   C C   . THR A 1 5   ? -11.659 7.697   17.095  1.00 55.28 ? 5   THR A C   1 
ATOM   18   O O   . THR A 1 5   ? -11.166 8.735   16.642  1.00 54.96 ? 5   THR A O   1 
ATOM   19   C CB  . THR A 1 5   ? -14.068 6.969   17.138  1.00 57.15 ? 5   THR A CB  1 
ATOM   20   O OG1 . THR A 1 5   ? -14.447 7.748   15.999  1.00 56.98 ? 5   THR A OG1 1 
ATOM   21   C CG2 . THR A 1 5   ? -15.292 6.729   18.025  1.00 57.49 ? 5   THR A CG2 1 
ATOM   22   N N   . ARG A 1 6   ? -11.108 6.501   16.906  1.00 53.52 ? 6   ARG A N   1 
ATOM   23   C CA  . ARG A 1 6   ? -10.011 6.296   15.963  1.00 51.15 ? 6   ARG A CA  1 
ATOM   24   C C   . ARG A 1 6   ? -10.507 6.329   14.512  1.00 49.45 ? 6   ARG A C   1 
ATOM   25   O O   . ARG A 1 6   ? -9.810  6.821   13.630  1.00 48.71 ? 6   ARG A O   1 
ATOM   26   C CB  . ARG A 1 6   ? -9.256  5.004   16.296  1.00 50.89 ? 6   ARG A CB  1 
ATOM   27   C CG  . ARG A 1 6   ? -8.391  5.161   17.550  1.00 50.48 ? 6   ARG A CG  1 
ATOM   28   C CD  . ARG A 1 6   ? -7.519  3.968   17.815  1.00 48.72 ? 6   ARG A CD  1 
ATOM   29   N NE  . ARG A 1 6   ? -6.652  3.669   16.683  1.00 49.24 ? 6   ARG A NE  1 
ATOM   30   C CZ  . ARG A 1 6   ? -5.906  2.572   16.576  1.00 49.09 ? 6   ARG A CZ  1 
ATOM   31   N NH1 . ARG A 1 6   ? -5.907  1.665   17.544  1.00 47.67 ? 6   ARG A NH1 1 
ATOM   32   N NH2 . ARG A 1 6   ? -5.155  2.387   15.494  1.00 49.40 ? 6   ARG A NH2 1 
ATOM   33   N N   . LYS A 1 7   ? -11.718 5.827   14.288  1.00 48.03 ? 7   LYS A N   1 
ATOM   34   C CA  . LYS A 1 7   ? -12.445 6.020   13.021  1.00 47.73 ? 7   LYS A CA  1 
ATOM   35   C C   . LYS A 1 7   ? -12.449 7.482   12.584  1.00 47.25 ? 7   LYS A C   1 
ATOM   36   O O   . LYS A 1 7   ? -12.200 7.801   11.424  1.00 47.11 ? 7   LYS A O   1 
ATOM   37   C CB  . LYS A 1 7   ? -13.891 5.556   13.161  1.00 47.61 ? 7   LYS A CB  1 
ATOM   38   C CG  . LYS A 1 7   ? -14.226 4.255   12.449  1.00 48.72 ? 7   LYS A CG  1 
ATOM   39   C CD  . LYS A 1 7   ? -14.466 3.115   13.408  1.00 49.67 ? 7   LYS A CD  1 
ATOM   40   C CE  . LYS A 1 7   ? -15.699 3.322   14.303  1.00 50.82 ? 7   LYS A CE  1 
ATOM   41   N NZ  . LYS A 1 7   ? -16.993 2.991   13.632  1.00 51.40 ? 7   LYS A NZ  1 
ATOM   42   N N   . GLN A 1 8   ? -12.722 8.363   13.533  1.00 46.81 ? 8   GLN A N   1 
ATOM   43   C CA  . GLN A 1 8   ? -12.901 9.780   13.254  1.00 46.69 ? 8   GLN A CA  1 
ATOM   44   C C   . GLN A 1 8   ? -11.564 10.525  13.065  1.00 45.55 ? 8   GLN A C   1 
ATOM   45   O O   . GLN A 1 8   ? -11.459 11.404  12.223  1.00 44.87 ? 8   GLN A O   1 
ATOM   46   C CB  . GLN A 1 8   ? -13.759 10.438  14.372  1.00 46.03 ? 8   GLN A CB  1 
ATOM   47   C CG  . GLN A 1 8   ? -13.979 11.941  14.176  1.00 48.11 ? 8   GLN A CG  1 
ATOM   48   C CD  . GLN A 1 8   ? -15.009 12.585  15.141  1.00 48.38 ? 8   GLN A CD  1 
ATOM   49   O OE1 . GLN A 1 8   ? -15.081 13.814  15.233  1.00 50.27 ? 8   GLN A OE1 1 
ATOM   50   N NE2 . GLN A 1 8   ? -15.805 11.764  15.832  1.00 49.22 ? 8   GLN A NE2 1 
ATOM   51   N N   . CYS A 1 9   ? -10.553 10.156  13.850  1.00 44.93 ? 9   CYS A N   1 
ATOM   52   C CA  . CYS A 1 9   ? -9.366  10.979  14.002  1.00 45.05 ? 9   CYS A CA  1 
ATOM   53   C C   . CYS A 1 9   ? -8.042  10.414  13.455  1.00 42.99 ? 9   CYS A C   1 
ATOM   54   O O   . CYS A 1 9   ? -7.087  11.173  13.252  1.00 42.83 ? 9   CYS A O   1 
ATOM   55   C CB  . CYS A 1 9   ? -9.193  11.350  15.477  1.00 45.78 ? 9   CYS A CB  1 
ATOM   56   S SG  . CYS A 1 9   ? -10.762 11.855  16.317  1.00 56.08 ? 9   CYS A SG  1 
ATOM   57   N N   . ASP A 1 10  ? -7.963  9.107   13.222  1.00 41.10 ? 10  ASP A N   1 
ATOM   58   C CA  . ASP A 1 10  ? -6.650  8.501   12.882  1.00 39.60 ? 10  ASP A CA  1 
ATOM   59   C C   . ASP A 1 10  ? -5.983  9.097   11.650  1.00 38.28 ? 10  ASP A C   1 
ATOM   60   O O   . ASP A 1 10  ? -4.766  9.232   11.616  1.00 37.67 ? 10  ASP A O   1 
ATOM   61   C CB  . ASP A 1 10  ? -6.724  6.979   12.762  1.00 39.10 ? 10  ASP A CB  1 
ATOM   62   C CG  . ASP A 1 10  ? -6.496  6.288   14.069  1.00 38.95 ? 10  ASP A CG  1 
ATOM   63   O OD1 . ASP A 1 10  ? -6.261  6.975   15.090  1.00 36.01 ? 10  ASP A OD1 1 
ATOM   64   O OD2 . ASP A 1 10  ? -6.565  5.034   14.080  1.00 42.70 ? 10  ASP A OD2 1 
ATOM   65   N N   . PHE A 1 11  ? -6.778  9.458   10.643  1.00 37.20 ? 11  PHE A N   1 
ATOM   66   C CA  . PHE A 1 11  ? -6.217  10.085  9.426   1.00 35.84 ? 11  PHE A CA  1 
ATOM   67   C C   . PHE A 1 11  ? -5.408  11.328  9.723   1.00 35.60 ? 11  PHE A C   1 
ATOM   68   O O   . PHE A 1 11  ? -4.496  11.666  8.960   1.00 35.88 ? 11  PHE A O   1 
ATOM   69   C CB  . PHE A 1 11  ? -7.294  10.357  8.368   1.00 35.53 ? 11  PHE A CB  1 
ATOM   70   C CG  . PHE A 1 11  ? -8.057  11.657  8.572   1.00 34.36 ? 11  PHE A CG  1 
ATOM   71   C CD1 . PHE A 1 11  ? -7.655  12.828  7.921   1.00 32.71 ? 11  PHE A CD1 1 
ATOM   72   C CD2 . PHE A 1 11  ? -9.185  11.700  9.399   1.00 32.56 ? 11  PHE A CD2 1 
ATOM   73   C CE1 . PHE A 1 11  ? -8.361  14.022  8.095   1.00 32.30 ? 11  PHE A CE1 1 
ATOM   74   C CE2 . PHE A 1 11  ? -9.896  12.889  9.584   1.00 32.64 ? 11  PHE A CE2 1 
ATOM   75   C CZ  . PHE A 1 11  ? -9.478  14.054  8.926   1.00 33.86 ? 11  PHE A CZ  1 
ATOM   76   N N   . THR A 1 12  ? -5.703  12.003  10.839  1.00 35.26 ? 12  THR A N   1 
ATOM   77   C CA  . THR A 1 12  ? -4.943  13.211  11.211  1.00 35.18 ? 12  THR A CA  1 
ATOM   78   C C   . THR A 1 12  ? -3.474  12.896  11.535  1.00 35.35 ? 12  THR A C   1 
ATOM   79   O O   . THR A 1 12  ? -2.603  13.783  11.453  1.00 36.09 ? 12  THR A O   1 
ATOM   80   C CB  . THR A 1 12  ? -5.565  13.975  12.421  1.00 35.16 ? 12  THR A CB  1 
ATOM   81   O OG1 . THR A 1 12  ? -5.429  13.184  13.606  1.00 34.29 ? 12  THR A OG1 1 
ATOM   82   C CG2 . THR A 1 12  ? -7.066  14.294  12.182  1.00 35.30 ? 12  THR A CG2 1 
ATOM   83   N N   . LYS A 1 13  ? -3.205  11.652  11.934  1.00 35.34 ? 13  LYS A N   1 
ATOM   84   C CA  . LYS A 1 13  ? -1.860  11.246  12.311  1.00 35.90 ? 13  LYS A CA  1 
ATOM   85   C C   . LYS A 1 13  ? -0.999  11.165  11.066  1.00 36.01 ? 13  LYS A C   1 
ATOM   86   O O   . LYS A 1 13  ? 0.176   11.511  11.103  1.00 36.70 ? 13  LYS A O   1 
ATOM   87   C CB  . LYS A 1 13  ? -1.875  9.908   13.049  1.00 36.52 ? 13  LYS A CB  1 
ATOM   88   C CG  . LYS A 1 13  ? -2.451  9.970   14.447  1.00 37.57 ? 13  LYS A CG  1 
ATOM   89   C CD  . LYS A 1 13  ? -2.291  8.651   15.153  1.00 41.55 ? 13  LYS A CD  1 
ATOM   90   C CE  . LYS A 1 13  ? -0.880  8.500   15.762  1.00 43.66 ? 13  LYS A CE  1 
ATOM   91   N NZ  . LYS A 1 13  ? -0.723  7.259   16.610  1.00 43.68 ? 13  LYS A NZ  1 
ATOM   92   N N   . LEU A 1 14  ? -1.600  10.748  9.950   1.00 35.50 ? 14  LEU A N   1 
ATOM   93   C CA  . LEU A 1 14  ? -0.922  10.807  8.653   1.00 35.33 ? 14  LEU A CA  1 
ATOM   94   C C   . LEU A 1 14  ? -0.612  12.237  8.207   1.00 35.11 ? 14  LEU A C   1 
ATOM   95   O O   . LEU A 1 14  ? 0.482   12.501  7.657   1.00 35.70 ? 14  LEU A O   1 
ATOM   96   C CB  . LEU A 1 14  ? -1.744  10.071  7.572   1.00 35.10 ? 14  LEU A CB  1 
ATOM   97   C CG  . LEU A 1 14  ? -1.845  8.544   7.699   1.00 36.34 ? 14  LEU A CG  1 
ATOM   98   C CD1 . LEU A 1 14  ? -3.012  8.035   6.910   1.00 36.98 ? 14  LEU A CD1 1 
ATOM   99   C CD2 . LEU A 1 14  ? -0.540  7.839   7.256   1.00 34.49 ? 14  LEU A CD2 1 
ATOM   100  N N   . ILE A 1 15  ? -1.564  13.156  8.407   1.00 35.06 ? 15  ILE A N   1 
ATOM   101  C CA  . ILE A 1 15  ? -1.328  14.585  8.113   1.00 35.27 ? 15  ILE A CA  1 
ATOM   102  C C   . ILE A 1 15  ? -0.196  15.117  8.974   1.00 35.74 ? 15  ILE A C   1 
ATOM   103  O O   . ILE A 1 15  ? 0.700   15.780  8.468   1.00 35.55 ? 15  ILE A O   1 
ATOM   104  C CB  . ILE A 1 15  ? -2.595  15.493  8.311   1.00 35.80 ? 15  ILE A CB  1 
ATOM   105  C CG1 . ILE A 1 15  ? -3.655  15.196  7.242   1.00 34.61 ? 15  ILE A CG1 1 
ATOM   106  C CG2 . ILE A 1 15  ? -2.188  16.995  8.268   1.00 34.45 ? 15  ILE A CG2 1 
ATOM   107  C CD1 . ILE A 1 15  ? -5.050  15.504  7.667   1.00 33.92 ? 15  ILE A CD1 1 
ATOM   108  N N   . MET A 1 16  ? -0.233  14.810  10.273  1.00 36.81 ? 16  MET A N   1 
ATOM   109  C CA  . MET A 1 16  ? 0.872   15.163  11.195  1.00 38.63 ? 16  MET A CA  1 
ATOM   110  C C   . MET A 1 16  ? 2.228   14.561  10.776  1.00 38.57 ? 16  MET A C   1 
ATOM   111  O O   . MET A 1 16  ? 3.262   15.250  10.820  1.00 38.80 ? 16  MET A O   1 
ATOM   112  C CB  . MET A 1 16  ? 0.525   14.769  12.632  1.00 38.28 ? 16  MET A CB  1 
ATOM   113  C CG  . MET A 1 16  ? -0.626  15.613  13.251  1.00 38.04 ? 16  MET A CG  1 
ATOM   114  S SD  . MET A 1 16  ? -1.388  14.824  14.699  1.00 43.26 ? 16  MET A SD  1 
ATOM   115  C CE  . MET A 1 16  ? -0.029  14.929  15.909  1.00 39.95 ? 16  MET A CE  1 
ATOM   116  N N   . ALA A 1 17  ? 2.213   13.295  10.337  1.00 37.81 ? 17  ALA A N   1 
ATOM   117  C CA  . ALA A 1 17  ? 3.428   12.633  9.822   1.00 37.22 ? 17  ALA A CA  1 
ATOM   118  C C   . ALA A 1 17  ? 3.996   13.265  8.539   1.00 36.89 ? 17  ALA A C   1 
ATOM   119  O O   . ALA A 1 17  ? 5.146   13.010  8.180   1.00 37.40 ? 17  ALA A O   1 
ATOM   120  C CB  . ALA A 1 17  ? 3.188   11.122  9.635   1.00 36.77 ? 17  ALA A CB  1 
ATOM   121  N N   . GLY A 1 18  ? 3.199   14.103  7.862   1.00 36.58 ? 18  GLY A N   1 
ATOM   122  C CA  . GLY A 1 18  ? 3.648   14.816  6.648   1.00 34.67 ? 18  GLY A CA  1 
ATOM   123  C C   . GLY A 1 18  ? 3.032   14.283  5.357   1.00 34.84 ? 18  GLY A C   1 
ATOM   124  O O   . GLY A 1 18  ? 3.457   14.632  4.254   1.00 33.97 ? 18  GLY A O   1 
ATOM   125  N N   . TYR A 1 19  ? 2.025   13.435  5.490   1.00 35.53 ? 19  TYR A N   1 
ATOM   126  C CA  . TYR A 1 19  ? 1.408   12.826  4.320   1.00 36.68 ? 19  TYR A CA  1 
ATOM   127  C C   . TYR A 1 19  ? 0.475   13.797  3.563   1.00 37.69 ? 19  TYR A C   1 
ATOM   128  O O   . TYR A 1 19  ? -0.194  14.663  4.163   1.00 37.32 ? 19  TYR A O   1 
ATOM   129  C CB  . TYR A 1 19  ? 0.695   11.513  4.697   1.00 35.91 ? 19  TYR A CB  1 
ATOM   130  C CG  . TYR A 1 19  ? 1.667   10.357  4.879   1.00 36.14 ? 19  TYR A CG  1 
ATOM   131  C CD1 . TYR A 1 19  ? 1.863   9.400   3.855   1.00 35.44 ? 19  TYR A CD1 1 
ATOM   132  C CD2 . TYR A 1 19  ? 2.432   10.239  6.048   1.00 36.95 ? 19  TYR A CD2 1 
ATOM   133  C CE1 . TYR A 1 19  ? 2.770   8.360   3.998   1.00 33.70 ? 19  TYR A CE1 1 
ATOM   134  C CE2 . TYR A 1 19  ? 3.348   9.186   6.214   1.00 36.87 ? 19  TYR A CE2 1 
ATOM   135  C CZ  . TYR A 1 19  ? 3.520   8.254   5.182   1.00 36.51 ? 19  TYR A CZ  1 
ATOM   136  O OH  . TYR A 1 19  ? 4.442   7.237   5.338   1.00 35.40 ? 19  TYR A OH  1 
ATOM   137  N N   . ASP A 1 20  ? 0.477   13.666  2.242   1.00 38.71 ? 20  ASP A N   1 
ATOM   138  C CA  . ASP A 1 20  ? -0.448  14.371  1.374   1.00 39.28 ? 20  ASP A CA  1 
ATOM   139  C C   . ASP A 1 20  ? -1.642  13.446  1.253   1.00 38.93 ? 20  ASP A C   1 
ATOM   140  O O   . ASP A 1 20  ? -1.517  12.347  0.745   1.00 39.49 ? 20  ASP A O   1 
ATOM   141  C CB  . ASP A 1 20  ? 0.242   14.641  0.031   1.00 39.82 ? 20  ASP A CB  1 
ATOM   142  C CG  . ASP A 1 20  ? -0.717  15.139  -1.087  1.00 43.57 ? 20  ASP A CG  1 
ATOM   143  O OD1 . ASP A 1 20  ? -1.940  15.326  -0.879  1.00 46.11 ? 20  ASP A OD1 1 
ATOM   144  O OD2 . ASP A 1 20  ? -0.208  15.348  -2.214  1.00 48.21 ? 20  ASP A OD2 1 
ATOM   145  N N   . LEU A 1 21  ? -2.778  13.849  1.808   1.00 38.88 ? 21  LEU A N   1 
ATOM   146  C CA  . LEU A 1 21  ? -3.982  13.053  1.684   1.00 39.63 ? 21  LEU A CA  1 
ATOM   147  C C   . LEU A 1 21  ? -5.246  13.873  1.506   1.00 40.33 ? 21  LEU A C   1 
ATOM   148  O O   . LEU A 1 21  ? -5.296  15.033  1.855   1.00 40.59 ? 21  LEU A O   1 
ATOM   149  C CB  . LEU A 1 21  ? -4.130  12.035  2.823   1.00 39.22 ? 21  LEU A CB  1 
ATOM   150  C CG  . LEU A 1 21  ? -4.583  12.420  4.228   1.00 40.23 ? 21  LEU A CG  1 
ATOM   151  C CD1 . LEU A 1 21  ? -6.115  12.521  4.362   1.00 38.37 ? 21  LEU A CD1 1 
ATOM   152  C CD2 . LEU A 1 21  ? -4.050  11.393  5.184   1.00 39.52 ? 21  LEU A CD2 1 
ATOM   153  N N   . GLU A 1 22  ? -6.268  13.213  0.983   1.00 40.96 ? 22  GLU A N   1 
ATOM   154  C CA  . GLU A 1 22  ? -7.509  13.825  0.599   1.00 42.11 ? 22  GLU A CA  1 
ATOM   155  C C   . GLU A 1 22  ? -8.602  12.894  1.100   1.00 41.08 ? 22  GLU A C   1 
ATOM   156  O O   . GLU A 1 22  ? -8.589  11.711  0.769   1.00 41.02 ? 22  GLU A O   1 
ATOM   157  C CB  . GLU A 1 22  ? -7.563  13.866  -0.922  1.00 42.62 ? 22  GLU A CB  1 
ATOM   158  C CG  . GLU A 1 22  ? -8.094  15.140  -1.503  1.00 49.08 ? 22  GLU A CG  1 
ATOM   159  C CD  . GLU A 1 22  ? -8.419  15.004  -3.003  1.00 56.38 ? 22  GLU A CD  1 
ATOM   160  O OE1 . GLU A 1 22  ? -7.922  15.846  -3.794  1.00 59.66 ? 22  GLU A OE1 1 
ATOM   161  O OE2 . GLU A 1 22  ? -9.151  14.046  -3.392  1.00 58.40 ? 22  GLU A OE2 1 
ATOM   162  N N   . LEU A 1 23  ? -9.539  13.412  1.898   1.00 40.16 ? 23  LEU A N   1 
ATOM   163  C CA  . LEU A 1 23  ? -10.747 12.652  2.251   1.00 39.74 ? 23  LEU A CA  1 
ATOM   164  C C   . LEU A 1 23  ? -11.671 12.496  1.046   1.00 39.88 ? 23  LEU A C   1 
ATOM   165  O O   . LEU A 1 23  ? -11.764 13.384  0.202   1.00 39.26 ? 23  LEU A O   1 
ATOM   166  C CB  . LEU A 1 23  ? -11.516 13.330  3.395   1.00 39.00 ? 23  LEU A CB  1 
ATOM   167  C CG  . LEU A 1 23  ? -10.782 13.588  4.701   1.00 38.31 ? 23  LEU A CG  1 
ATOM   168  C CD1 . LEU A 1 23  ? -11.725 14.309  5.719   1.00 36.09 ? 23  LEU A CD1 1 
ATOM   169  C CD2 . LEU A 1 23  ? -10.201 12.281  5.257   1.00 33.31 ? 23  LEU A CD2 1 
ATOM   170  N N   . ASN A 1 24  ? -12.359 11.366  0.983   1.00 40.96 ? 24  ASN A N   1 
ATOM   171  C CA  . ASN A 1 24  ? -13.366 11.126  -0.048  1.00 42.15 ? 24  ASN A CA  1 
ATOM   172  C C   . ASN A 1 24  ? -14.771 11.422  0.484   1.00 42.95 ? 24  ASN A C   1 
ATOM   173  O O   . ASN A 1 24  ? -15.205 10.822  1.467   1.00 42.33 ? 24  ASN A O   1 
ATOM   174  C CB  . ASN A 1 24  ? -13.268 9.682   -0.551  1.00 42.13 ? 24  ASN A CB  1 
ATOM   175  C CG  . ASN A 1 24  ? -11.922 9.379   -1.197  1.00 42.29 ? 24  ASN A CG  1 
ATOM   176  O OD1 . ASN A 1 24  ? -11.414 10.171  -1.992  1.00 43.47 ? 24  ASN A OD1 1 
ATOM   177  N ND2 . ASN A 1 24  ? -11.336 8.234   -0.853  1.00 38.02 ? 24  ASN A ND2 1 
ATOM   178  N N   . ASN A 1 25  ? -15.463 12.369  -0.158  1.00 44.57 ? 25  ASN A N   1 
ATOM   179  C CA  . ASN A 1 25  ? -16.803 12.838  0.293   1.00 45.66 ? 25  ASN A CA  1 
ATOM   180  C C   . ASN A 1 25  ? -16.917 13.183  1.781   1.00 45.03 ? 25  ASN A C   1 
ATOM   181  O O   . ASN A 1 25  ? -17.887 12.775  2.443   1.00 45.33 ? 25  ASN A O   1 
ATOM   182  C CB  . ASN A 1 25  ? -17.875 11.807  -0.040  1.00 46.38 ? 25  ASN A CB  1 
ATOM   183  C CG  . ASN A 1 25  ? -17.733 11.260  -1.423  1.00 50.30 ? 25  ASN A CG  1 
ATOM   184  O OD1 . ASN A 1 25  ? -17.718 10.033  -1.620  1.00 54.72 ? 25  ASN A OD1 1 
ATOM   185  N ND2 . ASN A 1 25  ? -17.608 12.154  -2.407  1.00 52.16 ? 25  ASN A ND2 1 
ATOM   186  N N   . GLY A 1 26  ? -15.927 13.895  2.312   1.00 44.07 ? 26  GLY A N   1 
ATOM   187  C CA  . GLY A 1 26  ? -15.894 14.239  3.739   1.00 43.45 ? 26  GLY A CA  1 
ATOM   188  C C   . GLY A 1 26  ? -16.058 13.089  4.721   1.00 43.45 ? 26  GLY A C   1 
ATOM   189  O O   . GLY A 1 26  ? -16.543 13.289  5.852   1.00 44.32 ? 26  GLY A O   1 
ATOM   190  N N   . SER A 1 27  ? -15.655 11.882  4.310   1.00 42.89 ? 27  SER A N   1 
ATOM   191  C CA  . SER A 1 27  ? -15.612 10.725  5.216   1.00 41.86 ? 27  SER A CA  1 
ATOM   192  C C   . SER A 1 27  ? -14.214 10.594  5.825   1.00 41.94 ? 27  SER A C   1 
ATOM   193  O O   . SER A 1 27  ? -13.203 10.676  5.110   1.00 42.83 ? 27  SER A O   1 
ATOM   194  C CB  . SER A 1 27  ? -15.983 9.442   4.479   1.00 41.63 ? 27  SER A CB  1 
ATOM   195  O OG  . SER A 1 27  ? -15.834 8.306   5.332   1.00 41.05 ? 27  SER A OG  1 
ATOM   196  N N   . THR A 1 28  ? -14.152 10.420  7.144   1.00 40.82 ? 28  THR A N   1 
ATOM   197  C CA  . THR A 1 28  ? -12.870 10.268  7.852   1.00 39.77 ? 28  THR A CA  1 
ATOM   198  C C   . THR A 1 28  ? -12.363 8.812   7.723   1.00 40.26 ? 28  THR A C   1 
ATOM   199  O O   . THR A 1 28  ? -11.272 8.467   8.210   1.00 40.04 ? 28  THR A O   1 
ATOM   200  C CB  . THR A 1 28  ? -13.009 10.612  9.350   1.00 38.91 ? 28  THR A CB  1 
ATOM   201  O OG1 . THR A 1 28  ? -13.896 9.667   9.974   1.00 38.87 ? 28  THR A OG1 1 
ATOM   202  C CG2 . THR A 1 28  ? -13.554 12.017  9.545   1.00 37.29 ? 28  THR A CG2 1 
ATOM   203  N N   . GLN A 1 29  ? -13.188 7.971   7.086   1.00 39.86 ? 29  GLN A N   1 
ATOM   204  C CA  . GLN A 1 29  ? -12.945 6.535   6.966   1.00 39.77 ? 29  GLN A CA  1 
ATOM   205  C C   . GLN A 1 29  ? -12.692 6.142   5.515   1.00 39.53 ? 29  GLN A C   1 
ATOM   206  O O   . GLN A 1 29  ? -12.728 4.971   5.181   1.00 39.19 ? 29  GLN A O   1 
ATOM   207  C CB  . GLN A 1 29  ? -14.146 5.737   7.508   1.00 39.34 ? 29  GLN A CB  1 
ATOM   208  C CG  . GLN A 1 29  ? -14.358 5.895   8.980   1.00 40.09 ? 29  GLN A CG  1 
ATOM   209  C CD  . GLN A 1 29  ? -15.615 5.238   9.463   1.00 41.98 ? 29  GLN A CD  1 
ATOM   210  O OE1 . GLN A 1 29  ? -16.495 5.902   9.986   1.00 43.65 ? 29  GLN A OE1 1 
ATOM   211  N NE2 . GLN A 1 29  ? -15.704 3.917   9.314   1.00 42.74 ? 29  GLN A NE2 1 
ATOM   212  N N   . ASP A 1 30  ? -12.435 7.134   4.665   1.00 39.82 ? 30  ASP A N   1 
ATOM   213  C CA  . ASP A 1 30  ? -12.269 6.916   3.240   1.00 39.90 ? 30  ASP A CA  1 
ATOM   214  C C   . ASP A 1 30  ? -11.421 8.051   2.684   1.00 40.07 ? 30  ASP A C   1 
ATOM   215  O O   . ASP A 1 30  ? -11.861 9.215   2.611   1.00 40.65 ? 30  ASP A O   1 
ATOM   216  C CB  . ASP A 1 30  ? -13.643 6.828   2.556   1.00 39.99 ? 30  ASP A CB  1 
ATOM   217  C CG  . ASP A 1 30  ? -13.560 6.376   1.073   1.00 43.08 ? 30  ASP A CG  1 
ATOM   218  O OD1 . ASP A 1 30  ? -12.456 6.342   0.460   1.00 41.85 ? 30  ASP A OD1 1 
ATOM   219  O OD2 . ASP A 1 30  ? -14.630 6.060   0.514   1.00 46.76 ? 30  ASP A OD2 1 
ATOM   220  N N   . PHE A 1 31  ? -10.181 7.723   2.326   1.00 39.85 ? 31  PHE A N   1 
ATOM   221  C CA  . PHE A 1 31  ? -9.224  8.734   1.877   1.00 39.03 ? 31  PHE A CA  1 
ATOM   222  C C   . PHE A 1 31  ? -8.153  8.163   0.950   1.00 38.80 ? 31  PHE A C   1 
ATOM   223  O O   . PHE A 1 31  ? -7.908  6.944   0.914   1.00 38.26 ? 31  PHE A O   1 
ATOM   224  C CB  . PHE A 1 31  ? -8.583  9.481   3.065   1.00 39.50 ? 31  PHE A CB  1 
ATOM   225  C CG  . PHE A 1 31  ? -8.160  8.580   4.215   1.00 39.68 ? 31  PHE A CG  1 
ATOM   226  C CD1 . PHE A 1 31  ? -6.835  8.152   4.334   1.00 39.03 ? 31  PHE A CD1 1 
ATOM   227  C CD2 . PHE A 1 31  ? -9.080  8.188   5.191   1.00 38.45 ? 31  PHE A CD2 1 
ATOM   228  C CE1 . PHE A 1 31  ? -6.445  7.335   5.408   1.00 38.68 ? 31  PHE A CE1 1 
ATOM   229  C CE2 . PHE A 1 31  ? -8.705  7.354   6.254   1.00 39.92 ? 31  PHE A CE2 1 
ATOM   230  C CZ  . PHE A 1 31  ? -7.391  6.932   6.366   1.00 39.25 ? 31  PHE A CZ  1 
ATOM   231  N N   . ASP A 1 32  ? -7.552  9.058   0.176   1.00 38.01 ? 32  ASP A N   1 
ATOM   232  C CA  . ASP A 1 32  ? -6.521  8.707   -0.755  1.00 38.19 ? 32  ASP A CA  1 
ATOM   233  C C   . ASP A 1 32  ? -5.255  9.380   -0.283  1.00 38.16 ? 32  ASP A C   1 
ATOM   234  O O   . ASP A 1 32  ? -5.245  10.590  -0.074  1.00 38.20 ? 32  ASP A O   1 
ATOM   235  C CB  . ASP A 1 32  ? -6.865  9.230   -2.148  1.00 37.74 ? 32  ASP A CB  1 
ATOM   236  C CG  . ASP A 1 32  ? -8.129  8.603   -2.731  1.00 38.90 ? 32  ASP A CG  1 
ATOM   237  O OD1 . ASP A 1 32  ? -8.698  7.627   -2.153  1.00 38.38 ? 32  ASP A OD1 1 
ATOM   238  O OD2 . ASP A 1 32  ? -8.550  9.100   -3.794  1.00 39.11 ? 32  ASP A OD2 1 
ATOM   239  N N   . VAL A 1 33  ? -4.178  8.607   -0.137  1.00 37.78 ? 33  VAL A N   1 
ATOM   240  C CA  . VAL A 1 33  ? -2.911  9.154   0.387   1.00 37.33 ? 33  VAL A CA  1 
ATOM   241  C C   . VAL A 1 33  ? -1.759  8.905   -0.570  1.00 37.07 ? 33  VAL A C   1 
ATOM   242  O O   . VAL A 1 33  ? -1.712  7.872   -1.254  1.00 36.79 ? 33  VAL A O   1 
ATOM   243  C CB  . VAL A 1 33  ? -2.613  8.693   1.890   1.00 37.29 ? 33  VAL A CB  1 
ATOM   244  C CG1 . VAL A 1 33  ? -3.550  7.612   2.351   1.00 36.68 ? 33  VAL A CG1 1 
ATOM   245  C CG2 . VAL A 1 33  ? -1.187  8.283   2.107   1.00 36.94 ? 33  VAL A CG2 1 
ATOM   246  N N   . MET A 1 34  ? -0.865  9.886   -0.666  1.00 37.22 ? 34  MET A N   1 
ATOM   247  C CA  . MET A 1 34  ? 0.295   9.765   -1.529  1.00 37.05 ? 34  MET A CA  1 
ATOM   248  C C   . MET A 1 34  ? 1.403   9.007   -0.819  1.00 37.37 ? 34  MET A C   1 
ATOM   249  O O   . MET A 1 34  ? 1.749   9.310   0.352   1.00 37.50 ? 34  MET A O   1 
ATOM   250  C CB  . MET A 1 34  ? 0.767   11.118  -2.029  1.00 36.64 ? 34  MET A CB  1 
ATOM   251  C CG  . MET A 1 34  ? -0.289  11.886  -2.862  1.00 37.87 ? 34  MET A CG  1 
ATOM   252  S SD  . MET A 1 34  ? -1.097  10.947  -4.193  1.00 39.06 ? 34  MET A SD  1 
ATOM   253  C CE  . MET A 1 34  ? 0.205   10.851  -5.393  1.00 34.81 ? 34  MET A CE  1 
ATOM   254  N N   . PHE A 1 35  ? 1.921   7.998   -1.523  1.00 37.01 ? 35  PHE A N   1 
ATOM   255  C CA  . PHE A 1 35  ? 2.932   7.074   -1.003  1.00 36.50 ? 35  PHE A CA  1 
ATOM   256  C C   . PHE A 1 35  ? 4.133   7.013   -1.956  1.00 36.21 ? 35  PHE A C   1 
ATOM   257  O O   . PHE A 1 35  ? 3.978   6.796   -3.153  1.00 34.89 ? 35  PHE A O   1 
ATOM   258  C CB  . PHE A 1 35  ? 2.299   5.683   -0.832  1.00 36.29 ? 35  PHE A CB  1 
ATOM   259  C CG  . PHE A 1 35  ? 3.279   4.591   -0.487  1.00 36.80 ? 35  PHE A CG  1 
ATOM   260  C CD1 . PHE A 1 35  ? 3.872   4.536   0.785   1.00 35.43 ? 35  PHE A CD1 1 
ATOM   261  C CD2 . PHE A 1 35  ? 3.585   3.591   -1.420  1.00 35.24 ? 35  PHE A CD2 1 
ATOM   262  C CE1 . PHE A 1 35  ? 4.759   3.513   1.127   1.00 33.73 ? 35  PHE A CE1 1 
ATOM   263  C CE2 . PHE A 1 35  ? 4.476   2.565   -1.092  1.00 36.97 ? 35  PHE A CE2 1 
ATOM   264  C CZ  . PHE A 1 35  ? 5.067   2.529   0.195   1.00 35.67 ? 35  PHE A CZ  1 
ATOM   265  N N   . HIS A 1 36  ? 5.323   7.210   -1.396  1.00 36.76 ? 36  HIS A N   1 
ATOM   266  C CA  . HIS A 1 36  ? 6.584   7.119   -2.127  1.00 38.53 ? 36  HIS A CA  1 
ATOM   267  C C   . HIS A 1 36  ? 7.284   5.751   -1.974  1.00 38.21 ? 36  HIS A C   1 
ATOM   268  O O   . HIS A 1 36  ? 7.405   5.228   -0.870  1.00 38.15 ? 36  HIS A O   1 
ATOM   269  C CB  . HIS A 1 36  ? 7.511   8.240   -1.656  1.00 39.34 ? 36  HIS A CB  1 
ATOM   270  C CG  . HIS A 1 36  ? 6.998   9.611   -1.971  1.00 42.40 ? 36  HIS A CG  1 
ATOM   271  N ND1 . HIS A 1 36  ? 7.678   10.489  -2.786  1.00 44.39 ? 36  HIS A ND1 1 
ATOM   272  C CD2 . HIS A 1 36  ? 5.863   10.251  -1.590  1.00 44.20 ? 36  HIS A CD2 1 
ATOM   273  C CE1 . HIS A 1 36  ? 6.990   11.618  -2.883  1.00 45.37 ? 36  HIS A CE1 1 
ATOM   274  N NE2 . HIS A 1 36  ? 5.876   11.490  -2.182  1.00 44.33 ? 36  HIS A NE2 1 
ATOM   275  N N   . GLY A 1 37  ? 7.739   5.180   -3.091  1.00 38.99 ? 37  GLY A N   1 
ATOM   276  C CA  . GLY A 1 37  ? 8.409   3.862   -3.094  1.00 38.63 ? 37  GLY A CA  1 
ATOM   277  C C   . GLY A 1 37  ? 9.642   3.839   -2.187  1.00 39.79 ? 37  GLY A C   1 
ATOM   278  O O   . GLY A 1 37  ? 10.450  4.796   -2.190  1.00 39.24 ? 37  GLY A O   1 
ATOM   279  N N   . PRO A 1 38  ? 9.789   2.767   -1.377  1.00 40.01 ? 38  PRO A N   1 
ATOM   280  C CA  . PRO A 1 38  ? 10.938  2.702   -0.471  1.00 40.94 ? 38  PRO A CA  1 
ATOM   281  C C   . PRO A 1 38  ? 12.276  2.821   -1.210  1.00 42.40 ? 38  PRO A C   1 
ATOM   282  O O   . PRO A 1 38  ? 12.431  2.305   -2.311  1.00 43.50 ? 38  PRO A O   1 
ATOM   283  C CB  . PRO A 1 38  ? 10.796  1.333   0.209   1.00 40.74 ? 38  PRO A CB  1 
ATOM   284  C CG  . PRO A 1 38  ? 9.715   0.614   -0.524  1.00 40.76 ? 38  PRO A CG  1 
ATOM   285  C CD  . PRO A 1 38  ? 8.901   1.601   -1.265  1.00 39.58 ? 38  PRO A CD  1 
ATOM   286  N N   . ASN A 1 39  ? 13.207  3.559   -0.632  1.00 44.18 ? 39  ASN A N   1 
ATOM   287  C CA  . ASN A 1 39  ? 14.572  3.651   -1.163  1.00 45.37 ? 39  ASN A CA  1 
ATOM   288  C C   . ASN A 1 39  ? 15.329  2.337   -1.145  1.00 44.68 ? 39  ASN A C   1 
ATOM   289  O O   . ASN A 1 39  ? 15.135  1.502   -0.255  1.00 44.60 ? 39  ASN A O   1 
ATOM   290  C CB  . ASN A 1 39  ? 15.365  4.661   -0.366  1.00 46.35 ? 39  ASN A CB  1 
ATOM   291  C CG  . ASN A 1 39  ? 14.798  6.031   -0.479  1.00 49.81 ? 39  ASN A CG  1 
ATOM   292  O OD1 . ASN A 1 39  ? 14.709  6.588   -1.580  1.00 53.66 ? 39  ASN A OD1 1 
ATOM   293  N ND2 . ASN A 1 39  ? 14.381  6.594   0.658   1.00 53.61 ? 39  ASN A ND2 1 
ATOM   294  N N   . GLY A 1 40  ? 16.212  2.183   -2.128  1.00 44.42 ? 40  GLY A N   1 
ATOM   295  C CA  . GLY A 1 40  ? 17.014  0.974   -2.285  1.00 43.88 ? 40  GLY A CA  1 
ATOM   296  C C   . GLY A 1 40  ? 16.207  -0.259  -2.623  1.00 43.80 ? 40  GLY A C   1 
ATOM   297  O O   . GLY A 1 40  ? 16.706  -1.364  -2.469  1.00 44.39 ? 40  GLY A O   1 
ATOM   298  N N   . THR A 1 41  ? 14.944  -0.079  -3.035  1.00 42.75 ? 41  THR A N   1 
ATOM   299  C CA  . THR A 1 41  ? 14.164  -1.179  -3.590  1.00 42.06 ? 41  THR A CA  1 
ATOM   300  C C   . THR A 1 41  ? 13.883  -0.896  -5.073  1.00 41.50 ? 41  THR A C   1 
ATOM   301  O O   . THR A 1 41  ? 14.154  0.202   -5.573  1.00 41.28 ? 41  THR A O   1 
ATOM   302  C CB  . THR A 1 41  ? 12.822  -1.412  -2.847  1.00 42.59 ? 41  THR A CB  1 
ATOM   303  O OG1 . THR A 1 41  ? 11.913  -0.345  -3.151  1.00 42.39 ? 41  THR A OG1 1 
ATOM   304  C CG2 . THR A 1 41  ? 13.023  -1.509  -1.313  1.00 41.85 ? 41  THR A CG2 1 
ATOM   305  N N   . ALA A 1 42  ? 13.354  -1.895  -5.767  1.00 40.78 ? 42  ALA A N   1 
ATOM   306  C CA  . ALA A 1 42  ? 12.878  -1.731  -7.131  1.00 40.05 ? 42  ALA A CA  1 
ATOM   307  C C   . ALA A 1 42  ? 11.756  -0.661  -7.233  1.00 40.16 ? 42  ALA A C   1 
ATOM   308  O O   . ALA A 1 42  ? 11.532  -0.083  -8.309  1.00 39.67 ? 42  ALA A O   1 
ATOM   309  C CB  . ALA A 1 42  ? 12.412  -3.055  -7.660  1.00 39.56 ? 42  ALA A CB  1 
ATOM   310  N N   . TYR A 1 43  ? 11.094  -0.380  -6.103  1.00 39.59 ? 43  TYR A N   1 
ATOM   311  C CA  . TYR A 1 43  ? 10.051  0.664   -6.027  1.00 39.77 ? 43  TYR A CA  1 
ATOM   312  C C   . TYR A 1 43  ? 10.567  2.091   -5.838  1.00 40.69 ? 43  TYR A C   1 
ATOM   313  O O   . TYR A 1 43  ? 9.783   3.039   -5.831  1.00 40.86 ? 43  TYR A O   1 
ATOM   314  C CB  . TYR A 1 43  ? 9.027   0.326   -4.951  1.00 38.47 ? 43  TYR A CB  1 
ATOM   315  C CG  . TYR A 1 43  ? 8.422   -1.052  -5.153  1.00 38.05 ? 43  TYR A CG  1 
ATOM   316  C CD1 . TYR A 1 43  ? 7.318   -1.238  -5.990  1.00 34.68 ? 43  TYR A CD1 1 
ATOM   317  C CD2 . TYR A 1 43  ? 8.996   -2.180  -4.554  1.00 36.18 ? 43  TYR A CD2 1 
ATOM   318  C CE1 . TYR A 1 43  ? 6.779   -2.497  -6.189  1.00 36.79 ? 43  TYR A CE1 1 
ATOM   319  C CE2 . TYR A 1 43  ? 8.472   -3.440  -4.760  1.00 36.99 ? 43  TYR A CE2 1 
ATOM   320  C CZ  . TYR A 1 43  ? 7.356   -3.597  -5.565  1.00 38.25 ? 43  TYR A CZ  1 
ATOM   321  O OH  . TYR A 1 43  ? 6.827   -4.856  -5.743  1.00 39.10 ? 43  TYR A OH  1 
ATOM   322  N N   . GLU A 1 44  ? 11.880  2.244   -5.706  1.00 41.31 ? 44  GLU A N   1 
ATOM   323  C CA  . GLU A 1 44  ? 12.484  3.559   -5.498  1.00 42.81 ? 44  GLU A CA  1 
ATOM   324  C C   . GLU A 1 44  ? 12.115  4.501   -6.624  1.00 41.94 ? 44  GLU A C   1 
ATOM   325  O O   . GLU A 1 44  ? 12.130  4.107   -7.785  1.00 42.39 ? 44  GLU A O   1 
ATOM   326  C CB  . GLU A 1 44  ? 14.003  3.435   -5.402  1.00 42.57 ? 44  GLU A CB  1 
ATOM   327  C CG  . GLU A 1 44  ? 14.705  4.657   -4.871  1.00 45.49 ? 44  GLU A CG  1 
ATOM   328  C CD  . GLU A 1 44  ? 16.211  4.451   -4.702  1.00 46.47 ? 44  GLU A CD  1 
ATOM   329  O OE1 . GLU A 1 44  ? 16.626  3.570   -3.910  1.00 50.31 ? 44  GLU A OE1 1 
ATOM   330  O OE2 . GLU A 1 44  ? 16.984  5.186   -5.358  1.00 51.73 ? 44  GLU A OE2 1 
ATOM   331  N N   . GLY A 1 45  ? 11.768  5.744   -6.274  1.00 41.71 ? 45  GLY A N   1 
ATOM   332  C CA  . GLY A 1 45  ? 11.417  6.772   -7.255  1.00 40.26 ? 45  GLY A CA  1 
ATOM   333  C C   . GLY A 1 45  ? 9.975   6.683   -7.749  1.00 40.82 ? 45  GLY A C   1 
ATOM   334  O O   . GLY A 1 45  ? 9.524   7.508   -8.568  1.00 40.49 ? 45  GLY A O   1 
ATOM   335  N N   . GLY A 1 46  ? 9.244   5.676   -7.276  1.00 40.35 ? 46  GLY A N   1 
ATOM   336  C CA  . GLY A 1 46  ? 7.830   5.565   -7.607  1.00 39.67 ? 46  GLY A CA  1 
ATOM   337  C C   . GLY A 1 46  ? 6.957   6.384   -6.670  1.00 39.22 ? 46  GLY A C   1 
ATOM   338  O O   . GLY A 1 46  ? 7.265   6.512   -5.479  1.00 38.59 ? 46  GLY A O   1 
ATOM   339  N N   . ILE A 1 47  ? 5.864   6.929   -7.212  1.00 38.14 ? 47  ILE A N   1 
ATOM   340  C CA  . ILE A 1 47  ? 4.819   7.557   -6.404  1.00 37.80 ? 47  ILE A CA  1 
ATOM   341  C C   . ILE A 1 47  ? 3.479   6.875   -6.730  1.00 37.02 ? 47  ILE A C   1 
ATOM   342  O O   . ILE A 1 47  ? 3.140   6.704   -7.903  1.00 36.85 ? 47  ILE A O   1 
ATOM   343  C CB  . ILE A 1 47  ? 4.718   9.098   -6.688  1.00 38.13 ? 47  ILE A CB  1 
ATOM   344  C CG1 . ILE A 1 47  ? 6.099   9.767   -6.597  1.00 38.24 ? 47  ILE A CG1 1 
ATOM   345  C CG2 . ILE A 1 47  ? 3.696   9.786   -5.757  1.00 37.21 ? 47  ILE A CG2 1 
ATOM   346  C CD1 . ILE A 1 47  ? 6.086   11.275  -6.930  1.00 39.29 ? 47  ILE A CD1 1 
ATOM   347  N N   . TRP A 1 48  ? 2.737   6.488   -5.688  1.00 35.81 ? 48  TRP A N   1 
ATOM   348  C CA  . TRP A 1 48  ? 1.411   5.880   -5.827  1.00 34.77 ? 48  TRP A CA  1 
ATOM   349  C C   . TRP A 1 48  ? 0.360   6.659   -5.044  1.00 34.64 ? 48  TRP A C   1 
ATOM   350  O O   . TRP A 1 48  ? 0.639   7.188   -3.960  1.00 33.85 ? 48  TRP A O   1 
ATOM   351  C CB  . TRP A 1 48  ? 1.421   4.419   -5.327  1.00 34.47 ? 48  TRP A CB  1 
ATOM   352  C CG  . TRP A 1 48  ? 2.201   3.518   -6.236  1.00 34.28 ? 48  TRP A CG  1 
ATOM   353  C CD1 . TRP A 1 48  ? 1.717   2.804   -7.280  1.00 32.20 ? 48  TRP A CD1 1 
ATOM   354  C CD2 . TRP A 1 48  ? 3.615   3.293   -6.215  1.00 33.85 ? 48  TRP A CD2 1 
ATOM   355  N NE1 . TRP A 1 48  ? 2.722   2.136   -7.910  1.00 32.92 ? 48  TRP A NE1 1 
ATOM   356  C CE2 . TRP A 1 48  ? 3.908   2.418   -7.289  1.00 35.03 ? 48  TRP A CE2 1 
ATOM   357  C CE3 . TRP A 1 48  ? 4.663   3.740   -5.395  1.00 33.10 ? 48  TRP A CE3 1 
ATOM   358  C CZ2 . TRP A 1 48  ? 5.224   1.955   -7.561  1.00 34.87 ? 48  TRP A CZ2 1 
ATOM   359  C CZ3 . TRP A 1 48  ? 5.981   3.295   -5.676  1.00 34.20 ? 48  TRP A CZ3 1 
ATOM   360  C CH2 . TRP A 1 48  ? 6.239   2.405   -6.744  1.00 33.11 ? 48  TRP A CH2 1 
ATOM   361  N N   . LYS A 1 49  ? -0.857  6.702   -5.577  1.00 34.36 ? 49  LYS A N   1 
ATOM   362  C CA  . LYS A 1 49  ? -1.989  7.101   -4.764  1.00 34.88 ? 49  LYS A CA  1 
ATOM   363  C C   . LYS A 1 49  ? -2.651  5.881   -4.166  1.00 34.30 ? 49  LYS A C   1 
ATOM   364  O O   . LYS A 1 49  ? -2.980  4.931   -4.862  1.00 33.55 ? 49  LYS A O   1 
ATOM   365  C CB  . LYS A 1 49  ? -2.997  7.928   -5.560  1.00 35.37 ? 49  LYS A CB  1 
ATOM   366  C CG  . LYS A 1 49  ? -3.964  8.700   -4.670  1.00 35.98 ? 49  LYS A CG  1 
ATOM   367  C CD  . LYS A 1 49  ? -5.150  9.232   -5.465  1.00 39.00 ? 49  LYS A CD  1 
ATOM   368  C CE  . LYS A 1 49  ? -4.779  10.417  -6.319  1.00 38.72 ? 49  LYS A CE  1 
ATOM   369  N NZ  . LYS A 1 49  ? -4.538  11.601  -5.487  1.00 45.19 ? 49  LYS A NZ  1 
ATOM   370  N N   . VAL A 1 50  ? -2.849  5.914   -2.859  1.00 34.44 ? 50  VAL A N   1 
ATOM   371  C CA  . VAL A 1 50  ? -3.302  4.731   -2.146  1.00 34.48 ? 50  VAL A CA  1 
ATOM   372  C C   . VAL A 1 50  ? -4.667  4.969   -1.497  1.00 35.45 ? 50  VAL A C   1 
ATOM   373  O O   . VAL A 1 50  ? -4.842  5.883   -0.678  1.00 37.08 ? 50  VAL A O   1 
ATOM   374  C CB  . VAL A 1 50  ? -2.236  4.245   -1.102  1.00 33.59 ? 50  VAL A CB  1 
ATOM   375  C CG1 . VAL A 1 50  ? -2.779  3.045   -0.280  1.00 32.34 ? 50  VAL A CG1 1 
ATOM   376  C CG2 . VAL A 1 50  ? -0.942  3.876   -1.791  1.00 31.51 ? 50  VAL A CG2 1 
ATOM   377  N N   . HIS A 1 51  ? -5.622  4.135   -1.852  1.00 35.95 ? 51  HIS A N   1 
ATOM   378  C CA  . HIS A 1 51  ? -6.959  4.276   -1.362  1.00 36.78 ? 51  HIS A CA  1 
ATOM   379  C C   . HIS A 1 51  ? -7.135  3.509   -0.063  1.00 37.09 ? 51  HIS A C   1 
ATOM   380  O O   . HIS A 1 51  ? -7.119  2.287   -0.052  1.00 37.90 ? 51  HIS A O   1 
ATOM   381  C CB  . HIS A 1 51  ? -7.981  3.825   -2.441  1.00 36.79 ? 51  HIS A CB  1 
ATOM   382  C CG  . HIS A 1 51  ? -9.411  3.961   -2.015  1.00 37.58 ? 51  HIS A CG  1 
ATOM   383  N ND1 . HIS A 1 51  ? -10.335 2.949   -2.172  1.00 40.41 ? 51  HIS A ND1 1 
ATOM   384  C CD2 . HIS A 1 51  ? -10.059 4.963   -1.377  1.00 39.07 ? 51  HIS A CD2 1 
ATOM   385  C CE1 . HIS A 1 51  ? -11.498 3.333   -1.678  1.00 39.84 ? 51  HIS A CE1 1 
ATOM   386  N NE2 . HIS A 1 51  ? -11.357 4.551   -1.184  1.00 41.29 ? 51  HIS A NE2 1 
ATOM   387  N N   . VAL A 1 52  ? -7.308  4.240   1.035   1.00 38.23 ? 52  VAL A N   1 
ATOM   388  C CA  . VAL A 1 52  ? -7.544  3.633   2.361   1.00 38.46 ? 52  VAL A CA  1 
ATOM   389  C C   . VAL A 1 52  ? -9.000  3.808   2.753   1.00 39.90 ? 52  VAL A C   1 
ATOM   390  O O   . VAL A 1 52  ? -9.546  4.903   2.623   1.00 40.96 ? 52  VAL A O   1 
ATOM   391  C CB  . VAL A 1 52  ? -6.669  4.305   3.453   1.00 37.99 ? 52  VAL A CB  1 
ATOM   392  C CG1 . VAL A 1 52  ? -6.906  3.673   4.832   1.00 36.81 ? 52  VAL A CG1 1 
ATOM   393  C CG2 . VAL A 1 52  ? -5.198  4.275   3.062   1.00 36.17 ? 52  VAL A CG2 1 
ATOM   394  N N   . THR A 1 53  ? -9.634  2.730   3.208   1.00 40.88 ? 53  THR A N   1 
ATOM   395  C CA  . THR A 1 53  ? -10.909 2.826   3.906   1.00 41.81 ? 53  THR A CA  1 
ATOM   396  C C   . THR A 1 53  ? -10.822 2.148   5.265   1.00 42.25 ? 53  THR A C   1 
ATOM   397  O O   . THR A 1 53  ? -10.157 1.126   5.413   1.00 42.49 ? 53  THR A O   1 
ATOM   398  C CB  . THR A 1 53  ? -12.111 2.235   3.097   1.00 42.12 ? 53  THR A CB  1 
ATOM   399  O OG1 . THR A 1 53  ? -12.123 0.807   3.193   1.00 42.35 ? 53  THR A OG1 1 
ATOM   400  C CG2 . THR A 1 53  ? -12.055 2.660   1.644   1.00 43.30 ? 53  THR A CG2 1 
ATOM   401  N N   . LEU A 1 54  ? -11.477 2.744   6.261   1.00 42.85 ? 54  LEU A N   1 
ATOM   402  C CA  . LEU A 1 54  ? -11.509 2.203   7.601   1.00 43.26 ? 54  LEU A CA  1 
ATOM   403  C C   . LEU A 1 54  ? -12.892 1.594   7.853   1.00 44.47 ? 54  LEU A C   1 
ATOM   404  O O   . LEU A 1 54  ? -13.902 2.290   7.732   1.00 44.42 ? 54  LEU A O   1 
ATOM   405  C CB  . LEU A 1 54  ? -11.218 3.302   8.624   1.00 43.29 ? 54  LEU A CB  1 
ATOM   406  C CG  . LEU A 1 54  ? -10.052 4.277   8.447   1.00 41.87 ? 54  LEU A CG  1 
ATOM   407  C CD1 . LEU A 1 54  ? -10.097 5.343   9.523   1.00 38.48 ? 54  LEU A CD1 1 
ATOM   408  C CD2 . LEU A 1 54  ? -8.707  3.554   8.484   1.00 42.72 ? 54  LEU A CD2 1 
ATOM   409  N N   . PRO A 1 55  ? -12.947 0.280   8.175   1.00 45.72 ? 55  PRO A N   1 
ATOM   410  C CA  . PRO A 1 55  ? -14.249 -0.401  8.341   1.00 46.60 ? 55  PRO A CA  1 
ATOM   411  C C   . PRO A 1 55  ? -14.913 0.022   9.639   1.00 47.79 ? 55  PRO A C   1 
ATOM   412  O O   . PRO A 1 55  ? -14.250 0.567   10.518  1.00 48.02 ? 55  PRO A O   1 
ATOM   413  C CB  . PRO A 1 55  ? -13.866 -1.881  8.411   1.00 45.99 ? 55  PRO A CB  1 
ATOM   414  C CG  . PRO A 1 55  ? -12.489 -1.871  8.963   1.00 46.26 ? 55  PRO A CG  1 
ATOM   415  C CD  . PRO A 1 55  ? -11.817 -0.637  8.411   1.00 45.11 ? 55  PRO A CD  1 
ATOM   416  N N   . ASP A 1 56  ? -16.203 -0.239  9.780   1.00 49.15 ? 56  ASP A N   1 
ATOM   417  C CA  . ASP A 1 56  ? -16.900 0.239   10.964  1.00 50.47 ? 56  ASP A CA  1 
ATOM   418  C C   . ASP A 1 56  ? -16.488 -0.417  12.273  1.00 49.88 ? 56  ASP A C   1 
ATOM   419  O O   . ASP A 1 56  ? -16.718 0.154   13.339  1.00 49.70 ? 56  ASP A O   1 
ATOM   420  C CB  . ASP A 1 56  ? -18.414 0.286   10.745  1.00 51.49 ? 56  ASP A CB  1 
ATOM   421  C CG  . ASP A 1 56  ? -18.819 1.472   9.865   1.00 54.97 ? 56  ASP A CG  1 
ATOM   422  O OD1 . ASP A 1 56  ? -18.430 2.635   10.192  1.00 56.55 ? 56  ASP A OD1 1 
ATOM   423  O OD2 . ASP A 1 56  ? -19.479 1.241   8.818   1.00 58.63 ? 56  ASP A OD2 1 
ATOM   424  N N   . ASP A 1 57  ? -15.805 -1.558  12.199  1.00 49.81 ? 57  ASP A N   1 
ATOM   425  C CA  . ASP A 1 57  ? -15.221 -2.167  13.413  1.00 50.14 ? 57  ASP A CA  1 
ATOM   426  C C   . ASP A 1 57  ? -13.728 -1.903  13.627  1.00 48.63 ? 57  ASP A C   1 
ATOM   427  O O   . ASP A 1 57  ? -13.128 -2.428  14.568  1.00 48.69 ? 57  ASP A O   1 
ATOM   428  C CB  . ASP A 1 57  ? -15.578 -3.660  13.583  1.00 51.30 ? 57  ASP A CB  1 
ATOM   429  C CG  . ASP A 1 57  ? -15.714 -4.415  12.250  1.00 56.99 ? 57  ASP A CG  1 
ATOM   430  O OD1 . ASP A 1 57  ? -15.592 -3.806  11.142  1.00 60.95 ? 57  ASP A OD1 1 
ATOM   431  O OD2 . ASP A 1 57  ? -15.965 -5.651  12.319  1.00 62.74 ? 57  ASP A OD2 1 
ATOM   432  N N   . TYR A 1 58  ? -13.149 -1.049  12.778  1.00 46.92 ? 58  TYR A N   1 
ATOM   433  C CA  . TYR A 1 58  ? -11.842 -0.438  13.030  1.00 44.65 ? 58  TYR A CA  1 
ATOM   434  C C   . TYR A 1 58  ? -11.820 0.190   14.435  1.00 44.27 ? 58  TYR A C   1 
ATOM   435  O O   . TYR A 1 58  ? -12.766 0.868   14.811  1.00 43.65 ? 58  TYR A O   1 
ATOM   436  C CB  . TYR A 1 58  ? -11.570 0.626   11.963  1.00 43.74 ? 58  TYR A CB  1 
ATOM   437  C CG  . TYR A 1 58  ? -10.231 1.341   12.068  1.00 42.84 ? 58  TYR A CG  1 
ATOM   438  C CD1 . TYR A 1 58  ? -9.072  0.802   11.473  1.00 41.61 ? 58  TYR A CD1 1 
ATOM   439  C CD2 . TYR A 1 58  ? -10.117 2.558   12.749  1.00 39.59 ? 58  TYR A CD2 1 
ATOM   440  C CE1 . TYR A 1 58  ? -7.849  1.462   11.557  1.00 38.34 ? 58  TYR A CE1 1 
ATOM   441  C CE2 . TYR A 1 58  ? -8.891  3.218   12.842  1.00 39.72 ? 58  TYR A CE2 1 
ATOM   442  C CZ  . TYR A 1 58  ? -7.765  2.662   12.237  1.00 40.37 ? 58  TYR A CZ  1 
ATOM   443  O OH  . TYR A 1 58  ? -6.555  3.308   12.335  1.00 42.20 ? 58  TYR A OH  1 
ATOM   444  N N   . PRO A 1 59  ? -10.718 0.006   15.200  1.00 44.29 ? 59  PRO A N   1 
ATOM   445  C CA  . PRO A 1 59  ? -9.437  -0.604  14.843  1.00 44.97 ? 59  PRO A CA  1 
ATOM   446  C C   . PRO A 1 59  ? -9.330  -2.131  15.054  1.00 46.07 ? 59  PRO A C   1 
ATOM   447  O O   . PRO A 1 59  ? -8.246  -2.681  14.913  1.00 46.80 ? 59  PRO A O   1 
ATOM   448  C CB  . PRO A 1 59  ? -8.467  0.113   15.778  1.00 44.77 ? 59  PRO A CB  1 
ATOM   449  C CG  . PRO A 1 59  ? -9.277  0.324   17.021  1.00 43.05 ? 59  PRO A CG  1 
ATOM   450  C CD  . PRO A 1 59  ? -10.697 0.511   16.591  1.00 43.85 ? 59  PRO A CD  1 
ATOM   451  N N   . PHE A 1 60  ? -10.423 -2.797  15.410  1.00 46.93 ? 60  PHE A N   1 
ATOM   452  C CA  . PHE A 1 60  ? -10.389 -4.247  15.619  1.00 47.82 ? 60  PHE A CA  1 
ATOM   453  C C   . PHE A 1 60  ? -10.346 -4.993  14.291  1.00 48.13 ? 60  PHE A C   1 
ATOM   454  O O   . PHE A 1 60  ? -9.680  -6.026  14.176  1.00 48.98 ? 60  PHE A O   1 
ATOM   455  C CB  . PHE A 1 60  ? -11.551 -4.700  16.516  1.00 48.45 ? 60  PHE A CB  1 
ATOM   456  C CG  . PHE A 1 60  ? -11.668 -3.885  17.771  1.00 49.67 ? 60  PHE A CG  1 
ATOM   457  C CD1 . PHE A 1 60  ? -10.748 -4.065  18.824  1.00 51.27 ? 60  PHE A CD1 1 
ATOM   458  C CD2 . PHE A 1 60  ? -12.628 -2.873  17.877  1.00 50.73 ? 60  PHE A CD2 1 
ATOM   459  C CE1 . PHE A 1 60  ? -10.802 -3.266  19.982  1.00 50.52 ? 60  PHE A CE1 1 
ATOM   460  C CE2 . PHE A 1 60  ? -12.696 -2.069  19.038  1.00 52.08 ? 60  PHE A CE2 1 
ATOM   461  C CZ  . PHE A 1 60  ? -11.775 -2.275  20.093  1.00 49.90 ? 60  PHE A CZ  1 
ATOM   462  N N   . ALA A 1 61  ? -11.029 -4.452  13.281  1.00 47.32 ? 61  ALA A N   1 
ATOM   463  C CA  . ALA A 1 61  ? -10.780 -4.837  11.902  1.00 46.20 ? 61  ALA A CA  1 
ATOM   464  C C   . ALA A 1 61  ? -9.738  -3.885  11.286  1.00 46.04 ? 61  ALA A C   1 
ATOM   465  O O   . ALA A 1 61  ? -9.664  -2.699  11.640  1.00 46.08 ? 61  ALA A O   1 
ATOM   466  C CB  . ALA A 1 61  ? -12.059 -4.828  11.111  1.00 45.93 ? 61  ALA A CB  1 
ATOM   467  N N   . SER A 1 62  ? -8.925  -4.415  10.379  1.00 45.46 ? 62  SER A N   1 
ATOM   468  C CA  . SER A 1 62  ? -7.849  -3.647  9.747   1.00 44.71 ? 62  SER A CA  1 
ATOM   469  C C   . SER A 1 62  ? -8.386  -2.790  8.600   1.00 43.40 ? 62  SER A C   1 
ATOM   470  O O   . SER A 1 62  ? -9.444  -3.098  8.041   1.00 43.93 ? 62  SER A O   1 
ATOM   471  C CB  . SER A 1 62  ? -6.777  -4.604  9.209   1.00 44.82 ? 62  SER A CB  1 
ATOM   472  O OG  . SER A 1 62  ? -7.285  -5.335  8.111   1.00 46.03 ? 62  SER A OG  1 
ATOM   473  N N   . PRO A 1 63  ? -7.658  -1.723  8.236   1.00 41.87 ? 63  PRO A N   1 
ATOM   474  C CA  . PRO A 1 63  ? -7.998  -0.961  7.034   1.00 41.65 ? 63  PRO A CA  1 
ATOM   475  C C   . PRO A 1 63  ? -7.800  -1.737  5.711   1.00 41.50 ? 63  PRO A C   1 
ATOM   476  O O   . PRO A 1 63  ? -6.932  -2.610  5.622   1.00 41.05 ? 63  PRO A O   1 
ATOM   477  C CB  . PRO A 1 63  ? -7.032  0.228   7.091   1.00 41.28 ? 63  PRO A CB  1 
ATOM   478  C CG  . PRO A 1 63  ? -5.955  -0.177  7.950   1.00 40.94 ? 63  PRO A CG  1 
ATOM   479  C CD  . PRO A 1 63  ? -6.507  -1.143  8.941   1.00 41.70 ? 63  PRO A CD  1 
ATOM   480  N N   . SER A 1 64  ? -8.616  -1.425  4.701   1.00 41.33 ? 64  SER A N   1 
ATOM   481  C CA  . SER A 1 64  ? -8.327  -1.849  3.330   1.00 41.70 ? 64  SER A CA  1 
ATOM   482  C C   . SER A 1 64  ? -7.386  -0.860  2.675   1.00 40.78 ? 64  SER A C   1 
ATOM   483  O O   . SER A 1 64  ? -7.481  0.322   2.926   1.00 40.66 ? 64  SER A O   1 
ATOM   484  C CB  . SER A 1 64  ? -9.594  -1.969  2.501   1.00 41.76 ? 64  SER A CB  1 
ATOM   485  O OG  . SER A 1 64  ? -10.375 -3.053  2.975   1.00 46.24 ? 64  SER A OG  1 
ATOM   486  N N   . ILE A 1 65  ? -6.487  -1.375  1.834   1.00 40.20 ? 65  ILE A N   1 
ATOM   487  C CA  . ILE A 1 65  ? -5.470  -0.595  1.141   1.00 40.00 ? 65  ILE A CA  1 
ATOM   488  C C   . ILE A 1 65  ? -5.518  -0.984  -0.344  1.00 39.87 ? 65  ILE A C   1 
ATOM   489  O O   . ILE A 1 65  ? -5.530  -2.169  -0.682  1.00 39.65 ? 65  ILE A O   1 
ATOM   490  C CB  . ILE A 1 65  ? -4.046  -0.912  1.704   1.00 40.16 ? 65  ILE A CB  1 
ATOM   491  C CG1 . ILE A 1 65  ? -3.991  -0.692  3.209   1.00 40.85 ? 65  ILE A CG1 1 
ATOM   492  C CG2 . ILE A 1 65  ? -2.959  -0.077  1.021   1.00 39.12 ? 65  ILE A CG2 1 
ATOM   493  C CD1 . ILE A 1 65  ? -2.755  -1.279  3.816   1.00 43.52 ? 65  ILE A CD1 1 
ATOM   494  N N   . GLY A 1 66  ? -5.547  0.015   -1.223  1.00 39.65 ? 66  GLY A N   1 
ATOM   495  C CA  . GLY A 1 66  ? -5.628  -0.233  -2.653  1.00 38.94 ? 66  GLY A CA  1 
ATOM   496  C C   . GLY A 1 66  ? -4.765  0.738   -3.394  1.00 38.99 ? 66  GLY A C   1 
ATOM   497  O O   . GLY A 1 66  ? -4.962  1.944   -3.290  1.00 39.53 ? 66  GLY A O   1 
ATOM   498  N N   . PHE A 1 67  ? -3.779  0.220   -4.122  1.00 38.73 ? 67  PHE A N   1 
ATOM   499  C CA  . PHE A 1 67  ? -2.947  1.044   -5.006  1.00 38.52 ? 67  PHE A CA  1 
ATOM   500  C C   . PHE A 1 67  ? -3.751  1.492   -6.241  1.00 39.12 ? 67  PHE A C   1 
ATOM   501  O O   . PHE A 1 67  ? -4.333  0.657   -6.937  1.00 39.31 ? 67  PHE A O   1 
ATOM   502  C CB  . PHE A 1 67  ? -1.685  0.279   -5.417  1.00 37.50 ? 67  PHE A CB  1 
ATOM   503  C CG  . PHE A 1 67  ? -0.691  0.130   -4.305  1.00 37.20 ? 67  PHE A CG  1 
ATOM   504  C CD1 . PHE A 1 67  ? 0.314   1.086   -4.114  1.00 36.24 ? 67  PHE A CD1 1 
ATOM   505  C CD2 . PHE A 1 67  ? -0.769  -0.939  -3.424  1.00 35.45 ? 67  PHE A CD2 1 
ATOM   506  C CE1 . PHE A 1 67  ? 1.217   0.973   -3.091  1.00 34.86 ? 67  PHE A CE1 1 
ATOM   507  C CE2 . PHE A 1 67  ? 0.133   -1.070  -2.390  1.00 35.53 ? 67  PHE A CE2 1 
ATOM   508  C CZ  . PHE A 1 67  ? 1.138   -0.109  -2.217  1.00 35.66 ? 67  PHE A CZ  1 
ATOM   509  N N   . MET A 1 68  ? -3.776  2.800   -6.496  1.00 39.54 ? 68  MET A N   1 
ATOM   510  C CA  . MET A 1 68  ? -4.664  3.389   -7.524  1.00 41.07 ? 68  MET A CA  1 
ATOM   511  C C   . MET A 1 68  ? -4.025  3.544   -8.908  1.00 40.41 ? 68  MET A C   1 
ATOM   512  O O   . MET A 1 68  ? -4.725  3.579   -9.914  1.00 41.07 ? 68  MET A O   1 
ATOM   513  C CB  . MET A 1 68  ? -5.249  4.715   -7.047  1.00 39.85 ? 68  MET A CB  1 
ATOM   514  C CG  . MET A 1 68  ? -6.336  4.547   -5.987  1.00 40.90 ? 68  MET A CG  1 
ATOM   515  S SD  . MET A 1 68  ? -6.981  6.145   -5.417  1.00 45.75 ? 68  MET A SD  1 
ATOM   516  C CE  . MET A 1 68  ? -5.951  6.478   -4.044  1.00 48.15 ? 68  MET A CE  1 
ATOM   517  N N   . ASN A 1 69  ? -2.700  3.664   -8.950  1.00 40.12 ? 69  ASN A N   1 
ATOM   518  C CA  . ASN A 1 69  ? -1.948  3.382   -10.167 1.00 38.85 ? 69  ASN A CA  1 
ATOM   519  C C   . ASN A 1 69  ? -1.181  2.056   -10.032 1.00 38.72 ? 69  ASN A C   1 
ATOM   520  O O   . ASN A 1 69  ? -0.907  1.604   -8.924  1.00 38.44 ? 69  ASN A O   1 
ATOM   521  C CB  . ASN A 1 69  ? -1.019  4.549   -10.561 1.00 38.46 ? 69  ASN A CB  1 
ATOM   522  C CG  . ASN A 1 69  ? -0.127  5.048   -9.403  1.00 37.89 ? 69  ASN A CG  1 
ATOM   523  O OD1 . ASN A 1 69  ? -0.607  5.345   -8.299  1.00 37.02 ? 69  ASN A OD1 1 
ATOM   524  N ND2 . ASN A 1 69  ? 1.170   5.193   -9.682  1.00 34.40 ? 69  ASN A ND2 1 
ATOM   525  N N   . LYS A 1 70  ? -0.828  1.458   -11.161 1.00 38.15 ? 70  LYS A N   1 
ATOM   526  C CA  . LYS A 1 70  ? -0.319  0.092   -11.196 1.00 38.58 ? 70  LYS A CA  1 
ATOM   527  C C   . LYS A 1 70  ? 0.860   -0.166  -10.241 1.00 37.84 ? 70  LYS A C   1 
ATOM   528  O O   . LYS A 1 70  ? 1.869   0.569   -10.233 1.00 36.47 ? 70  LYS A O   1 
ATOM   529  C CB  . LYS A 1 70  ? 0.042   -0.289  -12.638 1.00 39.60 ? 70  LYS A CB  1 
ATOM   530  C CG  . LYS A 1 70  ? -0.323  -1.702  -13.041 1.00 42.07 ? 70  LYS A CG  1 
ATOM   531  C CD  . LYS A 1 70  ? -0.161  -1.883  -14.548 1.00 46.30 ? 70  LYS A CD  1 
ATOM   532  C CE  . LYS A 1 70  ? -1.506  -2.083  -15.254 1.00 47.44 ? 70  LYS A CE  1 
ATOM   533  N NZ  . LYS A 1 70  ? -1.884  -3.536  -15.292 1.00 47.26 ? 70  LYS A NZ  1 
ATOM   534  N N   . LEU A 1 71  ? 0.694   -1.202  -9.415  1.00 36.86 ? 71  LEU A N   1 
ATOM   535  C CA  . LEU A 1 71  ? 1.745   -1.683  -8.527  1.00 36.38 ? 71  LEU A CA  1 
ATOM   536  C C   . LEU A 1 71  ? 1.930   -3.186  -8.768  1.00 36.04 ? 71  LEU A C   1 
ATOM   537  O O   . LEU A 1 71  ? 0.980   -3.975  -8.629  1.00 35.73 ? 71  LEU A O   1 
ATOM   538  C CB  . LEU A 1 71  ? 1.366   -1.421  -7.048  1.00 36.42 ? 71  LEU A CB  1 
ATOM   539  C CG  . LEU A 1 71  ? 2.371   -1.554  -5.874  1.00 35.84 ? 71  LEU A CG  1 
ATOM   540  C CD1 . LEU A 1 71  ? 2.893   -2.961  -5.704  1.00 33.88 ? 71  LEU A CD1 1 
ATOM   541  C CD2 . LEU A 1 71  ? 3.539   -0.565  -5.979  1.00 33.70 ? 71  LEU A CD2 1 
ATOM   542  N N   . LEU A 1 72  ? 3.140   -3.578  -9.131  1.00 35.24 ? 72  LEU A N   1 
ATOM   543  C CA  . LEU A 1 72  ? 3.441   -4.989  -9.355  1.00 35.16 ? 72  LEU A CA  1 
ATOM   544  C C   . LEU A 1 72  ? 3.992   -5.662  -8.090  1.00 35.04 ? 72  LEU A C   1 
ATOM   545  O O   . LEU A 1 72  ? 5.085   -5.320  -7.617  1.00 34.86 ? 72  LEU A O   1 
ATOM   546  C CB  . LEU A 1 72  ? 4.425   -5.155  -10.536 1.00 34.91 ? 72  LEU A CB  1 
ATOM   547  C CG  . LEU A 1 72  ? 4.838   -6.583  -10.885 1.00 34.90 ? 72  LEU A CG  1 
ATOM   548  C CD1 . LEU A 1 72  ? 3.683   -7.342  -11.507 1.00 32.42 ? 72  LEU A CD1 1 
ATOM   549  C CD2 . LEU A 1 72  ? 6.070   -6.578  -11.806 1.00 34.20 ? 72  LEU A CD2 1 
ATOM   550  N N   . HIS A 1 73  ? 3.246   -6.630  -7.564  1.00 35.21 ? 73  HIS A N   1 
ATOM   551  C CA  . HIS A 1 73  ? 3.640   -7.314  -6.344  1.00 35.69 ? 73  HIS A CA  1 
ATOM   552  C C   . HIS A 1 73  ? 2.791   -8.580  -6.181  1.00 36.44 ? 73  HIS A C   1 
ATOM   553  O O   . HIS A 1 73  ? 1.595   -8.563  -6.483  1.00 36.89 ? 73  HIS A O   1 
ATOM   554  C CB  . HIS A 1 73  ? 3.437   -6.355  -5.150  1.00 35.42 ? 73  HIS A CB  1 
ATOM   555  C CG  . HIS A 1 73  ? 4.079   -6.806  -3.875  1.00 33.96 ? 73  HIS A CG  1 
ATOM   556  N ND1 . HIS A 1 73  ? 3.487   -7.716  -3.023  1.00 33.17 ? 73  HIS A ND1 1 
ATOM   557  C CD2 . HIS A 1 73  ? 5.234   -6.425  -3.278  1.00 31.16 ? 73  HIS A CD2 1 
ATOM   558  C CE1 . HIS A 1 73  ? 4.267   -7.900  -1.975  1.00 30.66 ? 73  HIS A CE1 1 
ATOM   559  N NE2 . HIS A 1 73  ? 5.335   -7.133  -2.108  1.00 30.46 ? 73  HIS A NE2 1 
ATOM   560  N N   . PRO A 1 74  ? 3.402   -9.692  -5.722  1.00 37.21 ? 74  PRO A N   1 
ATOM   561  C CA  . PRO A 1 74  ? 2.658   -10.957 -5.530  1.00 37.62 ? 74  PRO A CA  1 
ATOM   562  C C   . PRO A 1 74  ? 1.384   -10.809 -4.675  1.00 38.58 ? 74  PRO A C   1 
ATOM   563  O O   . PRO A 1 74  ? 0.382   -11.465 -4.951  1.00 38.54 ? 74  PRO A O   1 
ATOM   564  C CB  . PRO A 1 74  ? 3.669   -11.847 -4.798  1.00 37.24 ? 74  PRO A CB  1 
ATOM   565  C CG  . PRO A 1 74  ? 4.981   -11.300 -5.153  1.00 36.31 ? 74  PRO A CG  1 
ATOM   566  C CD  . PRO A 1 74  ? 4.831   -9.840  -5.378  1.00 36.63 ? 74  PRO A CD  1 
ATOM   567  N N   . ASN A 1 75  ? 1.437   -9.945  -3.653  1.00 39.73 ? 75  ASN A N   1 
ATOM   568  C CA  . ASN A 1 75  ? 0.349   -9.787  -2.670  1.00 39.75 ? 75  ASN A CA  1 
ATOM   569  C C   . ASN A 1 75  ? -0.598  -8.639  -2.985  1.00 39.84 ? 75  ASN A C   1 
ATOM   570  O O   . ASN A 1 75  ? -1.441  -8.273  -2.164  1.00 39.83 ? 75  ASN A O   1 
ATOM   571  C CB  . ASN A 1 75  ? 0.943   -9.570  -1.278  1.00 40.54 ? 75  ASN A CB  1 
ATOM   572  C CG  . ASN A 1 75  ? 1.922   -10.669 -0.875  1.00 40.34 ? 75  ASN A CG  1 
ATOM   573  O OD1 . ASN A 1 75  ? 3.094   -10.403 -0.603  1.00 38.95 ? 75  ASN A OD1 1 
ATOM   574  N ND2 . ASN A 1 75  ? 1.437   -11.904 -0.827  1.00 40.41 ? 75  ASN A ND2 1 
ATOM   575  N N   . VAL A 1 76  ? -0.433  -8.040  -4.156  1.00 40.19 ? 76  VAL A N   1 
ATOM   576  C CA  . VAL A 1 76  ? -1.330  -6.979  -4.608  1.00 40.35 ? 76  VAL A CA  1 
ATOM   577  C C   . VAL A 1 76  ? -2.099  -7.422  -5.878  1.00 41.47 ? 76  VAL A C   1 
ATOM   578  O O   . VAL A 1 76  ? -1.497  -7.860  -6.871  1.00 40.24 ? 76  VAL A O   1 
ATOM   579  C CB  . VAL A 1 76  ? -0.562  -5.623  -4.825  1.00 40.00 ? 76  VAL A CB  1 
ATOM   580  C CG1 . VAL A 1 76  ? -1.495  -4.538  -5.356  1.00 39.49 ? 76  VAL A CG1 1 
ATOM   581  C CG2 . VAL A 1 76  ? 0.064   -5.156  -3.523  1.00 39.57 ? 76  VAL A CG2 1 
ATOM   582  N N   . ASP A 1 77  ? -3.425  -7.323  -5.833  1.00 42.75 ? 77  ASP A N   1 
ATOM   583  C CA  . ASP A 1 77  ? -4.226  -7.614  -7.009  1.00 45.22 ? 77  ASP A CA  1 
ATOM   584  C C   . ASP A 1 77  ? -3.889  -6.654  -8.146  1.00 46.40 ? 77  ASP A C   1 
ATOM   585  O O   . ASP A 1 77  ? -4.027  -5.441  -8.017  1.00 46.86 ? 77  ASP A O   1 
ATOM   586  C CB  . ASP A 1 77  ? -5.716  -7.578  -6.694  1.00 45.35 ? 77  ASP A CB  1 
ATOM   587  C CG  . ASP A 1 77  ? -6.557  -7.955  -7.884  1.00 45.96 ? 77  ASP A CG  1 
ATOM   588  O OD1 . ASP A 1 77  ? -6.711  -9.156  -8.137  1.00 48.32 ? 77  ASP A OD1 1 
ATOM   589  O OD2 . ASP A 1 77  ? -7.055  -7.050  -8.579  1.00 48.22 ? 77  ASP A OD2 1 
ATOM   590  N N   . GLU A 1 78  ? -3.441  -7.203  -9.261  1.00 47.99 ? 78  GLU A N   1 
ATOM   591  C CA  . GLU A 1 78  ? -2.879  -6.382  -10.326 1.00 49.80 ? 78  GLU A CA  1 
ATOM   592  C C   . GLU A 1 78  ? -3.901  -5.416  -10.962 1.00 49.77 ? 78  GLU A C   1 
ATOM   593  O O   . GLU A 1 78  ? -3.583  -4.225  -11.200 1.00 50.84 ? 78  GLU A O   1 
ATOM   594  C CB  . GLU A 1 78  ? -2.196  -7.281  -11.369 1.00 50.38 ? 78  GLU A CB  1 
ATOM   595  C CG  . GLU A 1 78  ? -1.931  -6.638  -12.721 1.00 54.61 ? 78  GLU A CG  1 
ATOM   596  C CD  . GLU A 1 78  ? -0.559  -6.024  -12.837 1.00 59.17 ? 78  GLU A CD  1 
ATOM   597  O OE1 . GLU A 1 78  ? 0.264   -6.541  -13.647 1.00 58.66 ? 78  GLU A OE1 1 
ATOM   598  O OE2 . GLU A 1 78  ? -0.311  -5.011  -12.132 1.00 62.36 ? 78  GLU A OE2 1 
ATOM   599  N N   . ALA A 1 79  ? -5.114  -5.913  -11.211 1.00 48.83 ? 79  ALA A N   1 
ATOM   600  C CA  . ALA A 1 79  ? -6.182  -5.121  -11.831 1.00 48.73 ? 79  ALA A CA  1 
ATOM   601  C C   . ALA A 1 79  ? -6.730  -4.002  -10.913 1.00 48.61 ? 79  ALA A C   1 
ATOM   602  O O   . ALA A 1 79  ? -6.779  -2.826  -11.308 1.00 48.86 ? 79  ALA A O   1 
ATOM   603  C CB  . ALA A 1 79  ? -7.327  -6.040  -12.287 1.00 48.75 ? 79  ALA A CB  1 
ATOM   604  N N   . SER A 1 80  ? -7.141  -4.378  -9.698  1.00 47.70 ? 80  SER A N   1 
ATOM   605  C CA  . SER A 1 80  ? -7.748  -3.438  -8.741  1.00 46.77 ? 80  SER A CA  1 
ATOM   606  C C   . SER A 1 80  ? -6.746  -2.686  -7.847  1.00 45.90 ? 80  SER A C   1 
ATOM   607  O O   . SER A 1 80  ? -7.082  -1.650  -7.273  1.00 45.75 ? 80  SER A O   1 
ATOM   608  C CB  . SER A 1 80  ? -8.756  -4.163  -7.861  1.00 46.09 ? 80  SER A CB  1 
ATOM   609  O OG  . SER A 1 80  ? -8.096  -5.039  -6.979  1.00 46.40 ? 80  SER A OG  1 
ATOM   610  N N   . GLY A 1 81  ? -5.537  -3.222  -7.709  1.00 45.14 ? 81  GLY A N   1 
ATOM   611  C CA  . GLY A 1 81  ? -4.515  -2.610  -6.839  1.00 44.37 ? 81  GLY A CA  1 
ATOM   612  C C   . GLY A 1 81  ? -4.702  -2.908  -5.363  1.00 43.56 ? 81  GLY A C   1 
ATOM   613  O O   . GLY A 1 81  ? -4.009  -2.366  -4.513  1.00 43.77 ? 81  GLY A O   1 
ATOM   614  N N   . SER A 1 82  ? -5.637  -3.795  -5.079  1.00 43.44 ? 82  SER A N   1 
ATOM   615  C CA  . SER A 1 82  ? -6.046  -4.144  -3.738  1.00 43.36 ? 82  SER A CA  1 
ATOM   616  C C   . SER A 1 82  ? -5.013  -5.044  -3.032  1.00 43.39 ? 82  SER A C   1 
ATOM   617  O O   . SER A 1 82  ? -4.604  -6.053  -3.580  1.00 43.07 ? 82  SER A O   1 
ATOM   618  C CB  . SER A 1 82  ? -7.406  -4.827  -3.844  1.00 43.15 ? 82  SER A CB  1 
ATOM   619  O OG  . SER A 1 82  ? -7.714  -5.595  -2.714  1.00 45.27 ? 82  SER A OG  1 
ATOM   620  N N   . VAL A 1 83  ? -4.596  -4.660  -1.816  1.00 43.85 ? 83  VAL A N   1 
ATOM   621  C CA  . VAL A 1 83  ? -3.593  -5.423  -1.043  1.00 43.81 ? 83  VAL A CA  1 
ATOM   622  C C   . VAL A 1 83  ? -4.262  -6.552  -0.269  1.00 44.84 ? 83  VAL A C   1 
ATOM   623  O O   . VAL A 1 83  ? -5.269  -6.337  0.422   1.00 45.00 ? 83  VAL A O   1 
ATOM   624  C CB  . VAL A 1 83  ? -2.793  -4.536  -0.026  1.00 43.91 ? 83  VAL A CB  1 
ATOM   625  C CG1 . VAL A 1 83  ? -1.773  -5.377  0.741   1.00 43.62 ? 83  VAL A CG1 1 
ATOM   626  C CG2 . VAL A 1 83  ? -2.094  -3.366  -0.711  1.00 43.13 ? 83  VAL A CG2 1 
ATOM   627  N N   . CYS A 1 84  ? -3.690  -7.752  -0.378  1.00 45.66 ? 84  CYS A N   1 
ATOM   628  C CA  . CYS A 1 84  ? -4.224  -8.945  0.267   1.00 46.27 ? 84  CYS A CA  1 
ATOM   629  C C   . CYS A 1 84  ? -4.568  -8.721  1.745   1.00 46.86 ? 84  CYS A C   1 
ATOM   630  O O   . CYS A 1 84  ? -3.720  -8.354  2.551   1.00 46.33 ? 84  CYS A O   1 
ATOM   631  C CB  . CYS A 1 84  ? -3.249  -10.136 0.098   1.00 46.47 ? 84  CYS A CB  1 
ATOM   632  S SG  . CYS A 1 84  ? -3.799  -11.717 0.874   1.00 46.00 ? 84  CYS A SG  1 
ATOM   633  N N   . LEU A 1 85  ? -5.830  -8.964  2.068   1.00 48.45 ? 85  LEU A N   1 
ATOM   634  C CA  . LEU A 1 85  ? -6.379  -8.791  3.401   1.00 49.89 ? 85  LEU A CA  1 
ATOM   635  C C   . LEU A 1 85  ? -5.684  -9.694  4.433   1.00 50.01 ? 85  LEU A C   1 
ATOM   636  O O   . LEU A 1 85  ? -5.465  -9.287  5.587   1.00 50.16 ? 85  LEU A O   1 
ATOM   637  C CB  . LEU A 1 85  ? -7.888  -9.063  3.341   1.00 50.14 ? 85  LEU A CB  1 
ATOM   638  C CG  . LEU A 1 85  ? -8.681  -9.512  4.580   1.00 53.04 ? 85  LEU A CG  1 
ATOM   639  C CD1 . LEU A 1 85  ? -9.103  -8.303  5.439   1.00 54.53 ? 85  LEU A CD1 1 
ATOM   640  C CD2 . LEU A 1 85  ? -9.912  -10.374 4.167   1.00 51.33 ? 85  LEU A CD2 1 
ATOM   641  N N   . ASP A 1 86  ? -5.333  -10.912 4.023   1.00 49.96 ? 86  ASP A N   1 
ATOM   642  C CA  . ASP A 1 86  ? -4.640  -11.841 4.914   1.00 49.80 ? 86  ASP A CA  1 
ATOM   643  C C   . ASP A 1 86  ? -3.267  -11.327 5.313   1.00 48.96 ? 86  ASP A C   1 
ATOM   644  O O   . ASP A 1 86  ? -2.886  -11.412 6.486   1.00 48.90 ? 86  ASP A O   1 
ATOM   645  C CB  . ASP A 1 86  ? -4.502  -13.226 4.280   1.00 50.39 ? 86  ASP A CB  1 
ATOM   646  C CG  . ASP A 1 86  ? -5.828  -13.939 4.134   1.00 52.92 ? 86  ASP A CG  1 
ATOM   647  O OD1 . ASP A 1 86  ? -6.804  -13.594 4.857   1.00 52.78 ? 86  ASP A OD1 1 
ATOM   648  O OD2 . ASP A 1 86  ? -5.889  -14.860 3.280   1.00 58.01 ? 86  ASP A OD2 1 
ATOM   649  N N   . VAL A 1 87  ? -2.509  -10.801 4.354   1.00 47.75 ? 87  VAL A N   1 
ATOM   650  C CA  . VAL A 1 87  ? -1.196  -10.292 4.718   1.00 47.52 ? 87  VAL A CA  1 
ATOM   651  C C   . VAL A 1 87  ? -1.256  -9.014  5.559   1.00 46.87 ? 87  VAL A C   1 
ATOM   652  O O   . VAL A 1 87  ? -0.473  -8.871  6.495   1.00 46.43 ? 87  VAL A O   1 
ATOM   653  C CB  . VAL A 1 87  ? -0.139  -10.281 3.551   1.00 47.28 ? 87  VAL A CB  1 
ATOM   654  C CG1 . VAL A 1 87  ? -0.766  -10.586 2.241   1.00 48.24 ? 87  VAL A CG1 1 
ATOM   655  C CG2 . VAL A 1 87  ? 0.645   -8.985  3.516   1.00 48.05 ? 87  VAL A CG2 1 
ATOM   656  N N   . ILE A 1 88  ? -2.215  -8.130  5.273   1.00 46.27 ? 88  ILE A N   1 
ATOM   657  C CA  . ILE A 1 88  ? -2.494  -7.006  6.175   1.00 46.09 ? 88  ILE A CA  1 
ATOM   658  C C   . ILE A 1 88  ? -2.767  -7.502  7.615   1.00 46.74 ? 88  ILE A C   1 
ATOM   659  O O   . ILE A 1 88  ? -2.147  -7.019  8.572   1.00 45.63 ? 88  ILE A O   1 
ATOM   660  C CB  . ILE A 1 88  ? -3.674  -6.095  5.688   1.00 46.15 ? 88  ILE A CB  1 
ATOM   661  C CG1 . ILE A 1 88  ? -3.378  -5.481  4.318   1.00 44.98 ? 88  ILE A CG1 1 
ATOM   662  C CG2 . ILE A 1 88  ? -3.949  -4.974  6.719   1.00 45.74 ? 88  ILE A CG2 1 
ATOM   663  C CD1 . ILE A 1 88  ? -4.541  -4.712  3.721   1.00 44.91 ? 88  ILE A CD1 1 
ATOM   664  N N   . ASN A 1 89  ? -3.668  -8.485  7.741   1.00 47.72 ? 89  ASN A N   1 
ATOM   665  C CA  . ASN A 1 89  ? -4.070  -9.058  9.051   1.00 49.03 ? 89  ASN A CA  1 
ATOM   666  C C   . ASN A 1 89  ? -2.986  -9.795  9.838   1.00 49.47 ? 89  ASN A C   1 
ATOM   667  O O   . ASN A 1 89  ? -3.105  -9.946  11.054  1.00 49.91 ? 89  ASN A O   1 
ATOM   668  C CB  . ASN A 1 89  ? -5.264  -9.979  8.890   1.00 49.07 ? 89  ASN A CB  1 
ATOM   669  C CG  . ASN A 1 89  ? -6.540  -9.228  8.696   1.00 50.50 ? 89  ASN A CG  1 
ATOM   670  O OD1 . ASN A 1 89  ? -6.643  -8.058  9.058   1.00 51.11 ? 89  ASN A OD1 1 
ATOM   671  N ND2 . ASN A 1 89  ? -7.539  -9.894  8.119   1.00 52.05 ? 89  ASN A ND2 1 
ATOM   672  N N   . GLN A 1 90  ? -1.952  -10.271 9.151   1.00 49.57 ? 90  GLN A N   1 
ATOM   673  C CA  . GLN A 1 90  ? -0.790  -10.825 9.824   1.00 50.12 ? 90  GLN A CA  1 
ATOM   674  C C   . GLN A 1 90  ? 0.002   -9.737  10.571  1.00 49.28 ? 90  GLN A C   1 
ATOM   675  O O   . GLN A 1 90  ? 0.758   -10.040 11.502  1.00 49.26 ? 90  GLN A O   1 
ATOM   676  C CB  . GLN A 1 90  ? 0.114   -11.547 8.832   1.00 49.80 ? 90  GLN A CB  1 
ATOM   677  C CG  . GLN A 1 90  ? -0.440  -12.869 8.294   1.00 51.84 ? 90  GLN A CG  1 
ATOM   678  C CD  . GLN A 1 90  ? 0.243   -13.294 6.973   1.00 53.43 ? 90  GLN A CD  1 
ATOM   679  O OE1 . GLN A 1 90  ? -0.367  -13.956 6.125   1.00 58.98 ? 90  GLN A OE1 1 
ATOM   680  N NE2 . GLN A 1 90  ? 1.508   -12.888 6.792   1.00 57.04 ? 90  GLN A NE2 1 
ATOM   681  N N   . THR A 1 91  ? -0.169  -8.476  10.167  1.00 48.12 ? 91  THR A N   1 
ATOM   682  C CA  . THR A 1 91  ? 0.536   -7.370  10.810  1.00 46.87 ? 91  THR A CA  1 
ATOM   683  C C   . THR A 1 91  ? -0.387  -6.512  11.679  1.00 46.91 ? 91  THR A C   1 
ATOM   684  O O   . THR A 1 91  ? 0.008   -6.061  12.759  1.00 47.13 ? 91  THR A O   1 
ATOM   685  C CB  . THR A 1 91  ? 1.249   -6.488  9.777   1.00 46.84 ? 91  THR A CB  1 
ATOM   686  O OG1 . THR A 1 91  ? 2.367   -7.202  9.235   1.00 45.02 ? 91  THR A OG1 1 
ATOM   687  C CG2 . THR A 1 91  ? 1.739   -5.199  10.415  1.00 45.84 ? 91  THR A CG2 1 
ATOM   688  N N   . TRP A 1 92  ? -1.609  -6.287  11.203  1.00 46.48 ? 92  TRP A N   1 
ATOM   689  C CA  . TRP A 1 92  ? -2.563  -5.468  11.918  1.00 45.91 ? 92  TRP A CA  1 
ATOM   690  C C   . TRP A 1 92  ? -3.005  -6.108  13.238  1.00 46.56 ? 92  TRP A C   1 
ATOM   691  O O   . TRP A 1 92  ? -3.372  -7.295  13.292  1.00 46.64 ? 92  TRP A O   1 
ATOM   692  C CB  . TRP A 1 92  ? -3.782  -5.113  11.050  1.00 45.28 ? 92  TRP A CB  1 
ATOM   693  C CG  . TRP A 1 92  ? -4.643  -4.077  11.714  1.00 44.62 ? 92  TRP A CG  1 
ATOM   694  C CD1 . TRP A 1 92  ? -5.752  -4.300  12.491  1.00 43.73 ? 92  TRP A CD1 1 
ATOM   695  C CD2 . TRP A 1 92  ? -4.424  -2.663  11.728  1.00 43.39 ? 92  TRP A CD2 1 
ATOM   696  N NE1 . TRP A 1 92  ? -6.240  -3.117  12.972  1.00 42.30 ? 92  TRP A NE1 1 
ATOM   697  C CE2 . TRP A 1 92  ? -5.448  -2.090  12.523  1.00 43.36 ? 92  TRP A CE2 1 
ATOM   698  C CE3 . TRP A 1 92  ? -3.467  -1.819  11.143  1.00 44.33 ? 92  TRP A CE3 1 
ATOM   699  C CZ2 . TRP A 1 92  ? -5.543  -0.705  12.753  1.00 43.44 ? 92  TRP A CZ2 1 
ATOM   700  C CZ3 . TRP A 1 92  ? -3.568  -0.427  11.369  1.00 44.24 ? 92  TRP A CZ3 1 
ATOM   701  C CH2 . TRP A 1 92  ? -4.600  0.105   12.168  1.00 43.40 ? 92  TRP A CH2 1 
ATOM   702  N N   . THR A 1 93  ? -2.911  -5.310  14.302  1.00 46.64 ? 93  THR A N   1 
ATOM   703  C CA  . THR A 1 93  ? -3.584  -5.568  15.566  1.00 46.34 ? 93  THR A CA  1 
ATOM   704  C C   . THR A 1 93  ? -4.330  -4.293  15.933  1.00 46.86 ? 93  THR A C   1 
ATOM   705  O O   . THR A 1 93  ? -4.077  -3.233  15.337  1.00 46.34 ? 93  THR A O   1 
ATOM   706  C CB  . THR A 1 93  ? -2.584  -5.911  16.716  1.00 46.50 ? 93  THR A CB  1 
ATOM   707  O OG1 . THR A 1 93  ? -1.836  -4.741  17.088  1.00 45.02 ? 93  THR A OG1 1 
ATOM   708  C CG2 . THR A 1 93  ? -1.624  -7.049  16.308  1.00 45.61 ? 93  THR A CG2 1 
ATOM   709  N N   . PRO A 1 94  ? -5.247  -4.380  16.922  1.00 47.37 ? 94  PRO A N   1 
ATOM   710  C CA  . PRO A 1 94  ? -5.955  -3.205  17.445  1.00 47.33 ? 94  PRO A CA  1 
ATOM   711  C C   . PRO A 1 94  ? -5.040  -2.112  17.991  1.00 47.42 ? 94  PRO A C   1 
ATOM   712  O O   . PRO A 1 94  ? -5.501  -0.987  18.171  1.00 48.21 ? 94  PRO A O   1 
ATOM   713  C CB  . PRO A 1 94  ? -6.819  -3.798  18.574  1.00 47.59 ? 94  PRO A CB  1 
ATOM   714  C CG  . PRO A 1 94  ? -7.042  -5.223  18.151  1.00 47.36 ? 94  PRO A CG  1 
ATOM   715  C CD  . PRO A 1 94  ? -5.711  -5.622  17.576  1.00 47.43 ? 94  PRO A CD  1 
ATOM   716  N N   . LEU A 1 95  ? -3.770  -2.439  18.250  1.00 46.63 ? 95  LEU A N   1 
ATOM   717  C CA  . LEU A 1 95  ? -2.774  -1.481  18.783  1.00 46.29 ? 95  LEU A CA  1 
ATOM   718  C C   . LEU A 1 95  ? -1.829  -0.939  17.700  1.00 45.38 ? 95  LEU A C   1 
ATOM   719  O O   . LEU A 1 95  ? -0.979  -0.088  17.984  1.00 45.00 ? 95  LEU A O   1 
ATOM   720  C CB  . LEU A 1 95  ? -1.907  -2.144  19.866  1.00 46.43 ? 95  LEU A CB  1 
ATOM   721  C CG  . LEU A 1 95  ? -2.523  -2.680  21.172  1.00 49.54 ? 95  LEU A CG  1 
ATOM   722  C CD1 . LEU A 1 95  ? -1.449  -3.368  22.007  1.00 50.05 ? 95  LEU A CD1 1 
ATOM   723  C CD2 . LEU A 1 95  ? -3.198  -1.566  21.991  1.00 51.27 ? 95  LEU A CD2 1 
ATOM   724  N N   . TYR A 1 96  ? -1.941  -1.475  16.479  1.00 44.12 ? 96  TYR A N   1 
ATOM   725  C CA  . TYR A 1 96  ? -1.074  -1.054  15.373  1.00 42.91 ? 96  TYR A CA  1 
ATOM   726  C C   . TYR A 1 96  ? -1.459  0.370   14.910  1.00 42.17 ? 96  TYR A C   1 
ATOM   727  O O   . TYR A 1 96  ? -2.625  0.745   14.947  1.00 42.20 ? 96  TYR A O   1 
ATOM   728  C CB  . TYR A 1 96  ? -1.132  -2.073  14.205  1.00 42.11 ? 96  TYR A CB  1 
ATOM   729  C CG  . TYR A 1 96  ? 0.077   -2.002  13.277  1.00 42.10 ? 96  TYR A CG  1 
ATOM   730  C CD1 . TYR A 1 96  ? 1.254   -2.698  13.569  1.00 41.76 ? 96  TYR A CD1 1 
ATOM   731  C CD2 . TYR A 1 96  ? 0.051   -1.219  12.117  1.00 40.58 ? 96  TYR A CD2 1 
ATOM   732  C CE1 . TYR A 1 96  ? 2.381   -2.600  12.731  1.00 40.62 ? 96  TYR A CE1 1 
ATOM   733  C CE2 . TYR A 1 96  ? 1.147   -1.142  11.275  1.00 39.49 ? 96  TYR A CE2 1 
ATOM   734  C CZ  . TYR A 1 96  ? 2.311   -1.827  11.589  1.00 40.74 ? 96  TYR A CZ  1 
ATOM   735  O OH  . TYR A 1 96  ? 3.395   -1.739  10.748  1.00 40.48 ? 96  TYR A OH  1 
ATOM   736  N N   . SER A 1 97  ? -0.474  1.153   14.489  1.00 41.71 ? 97  SER A N   1 
ATOM   737  C CA  . SER A 1 97  ? -0.693  2.550   14.095  1.00 40.76 ? 97  SER A CA  1 
ATOM   738  C C   . SER A 1 97  ? -0.982  2.705   12.599  1.00 40.68 ? 97  SER A C   1 
ATOM   739  O O   . SER A 1 97  ? -0.266  2.127   11.750  1.00 41.18 ? 97  SER A O   1 
ATOM   740  C CB  . SER A 1 97  ? 0.521   3.374   14.462  1.00 40.29 ? 97  SER A CB  1 
ATOM   741  O OG  . SER A 1 97  ? 0.349   4.717   14.092  1.00 42.74 ? 97  SER A OG  1 
ATOM   742  N N   . LEU A 1 98  ? -2.009  3.499   12.265  1.00 39.03 ? 98  LEU A N   1 
ATOM   743  C CA  . LEU A 1 98  ? -2.301  3.824   10.857  1.00 37.78 ? 98  LEU A CA  1 
ATOM   744  C C   . LEU A 1 98  ? -1.089  4.408   10.110  1.00 36.75 ? 98  LEU A C   1 
ATOM   745  O O   . LEU A 1 98  ? -0.894  4.121   8.930   1.00 36.36 ? 98  LEU A O   1 
ATOM   746  C CB  . LEU A 1 98  ? -3.503  4.775   10.746  1.00 38.09 ? 98  LEU A CB  1 
ATOM   747  C CG  . LEU A 1 98  ? -3.958  5.196   9.338   1.00 39.22 ? 98  LEU A CG  1 
ATOM   748  C CD1 . LEU A 1 98  ? -4.304  3.981   8.479   1.00 37.97 ? 98  LEU A CD1 1 
ATOM   749  C CD2 . LEU A 1 98  ? -5.131  6.193   9.395   1.00 37.70 ? 98  LEU A CD2 1 
ATOM   750  N N   . VAL A 1 99  ? -0.298  5.243   10.785  1.00 35.74 ? 99  VAL A N   1 
ATOM   751  C CA  . VAL A 1 99  ? 0.921   5.826   10.175  1.00 35.25 ? 99  VAL A CA  1 
ATOM   752  C C   . VAL A 1 99  ? 1.939   4.713   9.822   1.00 35.93 ? 99  VAL A C   1 
ATOM   753  O O   . VAL A 1 99  ? 2.627   4.785   8.794   1.00 35.85 ? 99  VAL A O   1 
ATOM   754  C CB  . VAL A 1 99  ? 1.607   6.877   11.117  1.00 34.63 ? 99  VAL A CB  1 
ATOM   755  C CG1 . VAL A 1 99  ? 2.858   7.462   10.479  1.00 31.16 ? 99  VAL A CG1 1 
ATOM   756  C CG2 . VAL A 1 99  ? 0.632   7.998   11.487  1.00 33.78 ? 99  VAL A CG2 1 
ATOM   757  N N   . ASN A 1 100 ? 1.988   3.677   10.658  1.00 35.71 ? 100 ASN A N   1 
ATOM   758  C CA  . ASN A 1 100 ? 2.962   2.608   10.494  1.00 35.81 ? 100 ASN A CA  1 
ATOM   759  C C   . ASN A 1 100 ? 2.600   1.677   9.319   1.00 36.01 ? 100 ASN A C   1 
ATOM   760  O O   . ASN A 1 100 ? 3.486   1.082   8.686   1.00 36.52 ? 100 ASN A O   1 
ATOM   761  C CB  . ASN A 1 100 ? 3.167   1.847   11.819  1.00 34.60 ? 100 ASN A CB  1 
ATOM   762  C CG  . ASN A 1 100 ? 4.188   2.532   12.738  1.00 34.62 ? 100 ASN A CG  1 
ATOM   763  O OD1 . ASN A 1 100 ? 4.929   3.424   12.315  1.00 33.44 ? 100 ASN A OD1 1 
ATOM   764  N ND2 . ASN A 1 100 ? 4.228   2.110   14.003  1.00 34.18 ? 100 ASN A ND2 1 
ATOM   765  N N   . VAL A 1 101 ? 1.312   1.604   8.992   1.00 35.36 ? 101 VAL A N   1 
ATOM   766  C CA  . VAL A 1 101 ? 0.895   1.001   7.734   1.00 34.77 ? 101 VAL A CA  1 
ATOM   767  C C   . VAL A 1 101 ? 1.722   1.599   6.603   1.00 34.98 ? 101 VAL A C   1 
ATOM   768  O O   . VAL A 1 101 ? 2.251   0.865   5.768   1.00 35.63 ? 101 VAL A O   1 
ATOM   769  C CB  . VAL A 1 101 ? -0.615  1.200   7.453   1.00 34.83 ? 101 VAL A CB  1 
ATOM   770  C CG1 . VAL A 1 101 ? -0.955  0.830   6.001   1.00 33.85 ? 101 VAL A CG1 1 
ATOM   771  C CG2 . VAL A 1 101 ? -1.463  0.387   8.430   1.00 34.15 ? 101 VAL A CG2 1 
ATOM   772  N N   . PHE A 1 102 ? 1.860   2.923   6.584   1.00 34.47 ? 102 PHE A N   1 
ATOM   773  C CA  . PHE A 1 102 ? 2.615   3.578   5.497   1.00 34.66 ? 102 PHE A CA  1 
ATOM   774  C C   . PHE A 1 102 ? 4.099   3.678   5.755   1.00 34.45 ? 102 PHE A C   1 
ATOM   775  O O   . PHE A 1 102 ? 4.874   3.636   4.826   1.00 34.93 ? 102 PHE A O   1 
ATOM   776  C CB  . PHE A 1 102 ? 2.014   4.950   5.133   1.00 34.83 ? 102 PHE A CB  1 
ATOM   777  C CG  . PHE A 1 102 ? 0.690   4.843   4.423   1.00 35.58 ? 102 PHE A CG  1 
ATOM   778  C CD1 . PHE A 1 102 ? 0.626   4.883   3.028   1.00 35.19 ? 102 PHE A CD1 1 
ATOM   779  C CD2 . PHE A 1 102 ? -0.493  4.627   5.151   1.00 34.80 ? 102 PHE A CD2 1 
ATOM   780  C CE1 . PHE A 1 102 ? -0.605  4.724   2.368   1.00 37.33 ? 102 PHE A CE1 1 
ATOM   781  C CE2 . PHE A 1 102 ? -1.717  4.483   4.516   1.00 34.60 ? 102 PHE A CE2 1 
ATOM   782  C CZ  . PHE A 1 102 ? -1.781  4.517   3.117   1.00 35.63 ? 102 PHE A CZ  1 
ATOM   783  N N   . GLU A 1 103 ? 4.497   3.789   7.023   1.00 34.77 ? 103 GLU A N   1 
ATOM   784  C CA  . GLU A 1 103 ? 5.917   3.986   7.375   1.00 34.34 ? 103 GLU A CA  1 
ATOM   785  C C   . GLU A 1 103 ? 6.681   2.684   7.514   1.00 34.08 ? 103 GLU A C   1 
ATOM   786  O O   . GLU A 1 103 ? 7.887   2.653   7.282   1.00 34.35 ? 103 GLU A O   1 
ATOM   787  C CB  . GLU A 1 103 ? 6.067   4.805   8.666   1.00 33.79 ? 103 GLU A CB  1 
ATOM   788  C CG  . GLU A 1 103 ? 5.646   6.226   8.539   1.00 33.98 ? 103 GLU A CG  1 
ATOM   789  C CD  . GLU A 1 103 ? 6.607   7.077   7.724   1.00 36.03 ? 103 GLU A CD  1 
ATOM   790  O OE1 . GLU A 1 103 ? 7.829   6.959   7.883   1.00 39.17 ? 103 GLU A OE1 1 
ATOM   791  O OE2 . GLU A 1 103 ? 6.140   7.914   6.949   1.00 38.13 ? 103 GLU A OE2 1 
ATOM   792  N N   . VAL A 1 104 ? 5.976   1.619   7.889   1.00 33.93 ? 104 VAL A N   1 
ATOM   793  C CA  . VAL A 1 104 ? 6.604   0.343   8.204   1.00 34.65 ? 104 VAL A CA  1 
ATOM   794  C C   . VAL A 1 104 ? 6.025   -0.862  7.415   1.00 35.29 ? 104 VAL A C   1 
ATOM   795  O O   . VAL A 1 104 ? 6.754   -1.573  6.742   1.00 35.60 ? 104 VAL A O   1 
ATOM   796  C CB  . VAL A 1 104 ? 6.575   0.033   9.735   1.00 34.18 ? 104 VAL A CB  1 
ATOM   797  C CG1 . VAL A 1 104 ? 7.487   -1.129  10.029  1.00 34.88 ? 104 VAL A CG1 1 
ATOM   798  C CG2 . VAL A 1 104 ? 7.025   1.242   10.555  1.00 33.22 ? 104 VAL A CG2 1 
ATOM   799  N N   . PHE A 1 105 ? 4.727   -1.088  7.519   1.00 36.16 ? 105 PHE A N   1 
ATOM   800  C CA  . PHE A 1 105 ? 4.114   -2.263  6.916   1.00 37.28 ? 105 PHE A CA  1 
ATOM   801  C C   . PHE A 1 105 ? 4.361   -2.340  5.412   1.00 38.09 ? 105 PHE A C   1 
ATOM   802  O O   . PHE A 1 105 ? 4.978   -3.294  4.947   1.00 38.72 ? 105 PHE A O   1 
ATOM   803  C CB  . PHE A 1 105 ? 2.624   -2.341  7.230   1.00 36.58 ? 105 PHE A CB  1 
ATOM   804  C CG  . PHE A 1 105 ? 1.892   -3.376  6.411   1.00 39.19 ? 105 PHE A CG  1 
ATOM   805  C CD1 . PHE A 1 105 ? 1.040   -2.991  5.357   1.00 36.66 ? 105 PHE A CD1 1 
ATOM   806  C CD2 . PHE A 1 105 ? 2.063   -4.741  6.673   1.00 38.49 ? 105 PHE A CD2 1 
ATOM   807  C CE1 . PHE A 1 105 ? 0.375   -3.947  4.594   1.00 37.40 ? 105 PHE A CE1 1 
ATOM   808  C CE2 . PHE A 1 105 ? 1.383   -5.708  5.912   1.00 38.35 ? 105 PHE A CE2 1 
ATOM   809  C CZ  . PHE A 1 105 ? 0.544   -5.313  4.873   1.00 37.59 ? 105 PHE A CZ  1 
ATOM   810  N N   . LEU A 1 106 ? 3.916   -1.324  4.666   1.00 38.66 ? 106 LEU A N   1 
ATOM   811  C CA  . LEU A 1 106 ? 4.023   -1.326  3.203   1.00 39.65 ? 106 LEU A CA  1 
ATOM   812  C C   . LEU A 1 106 ? 5.467   -1.343  2.635   1.00 40.14 ? 106 LEU A C   1 
ATOM   813  O O   . LEU A 1 106 ? 5.741   -2.091  1.697   1.00 39.95 ? 106 LEU A O   1 
ATOM   814  C CB  . LEU A 1 106 ? 3.224   -0.160  2.583   1.00 39.88 ? 106 LEU A CB  1 
ATOM   815  C CG  . LEU A 1 106 ? 1.704   -0.300  2.413   1.00 39.90 ? 106 LEU A CG  1 
ATOM   816  C CD1 . LEU A 1 106 ? 1.155   1.006   1.863   1.00 39.29 ? 106 LEU A CD1 1 
ATOM   817  C CD2 . LEU A 1 106 ? 1.321   -1.471  1.505   1.00 33.73 ? 106 LEU A CD2 1 
ATOM   818  N N   . PRO A 1 107 ? 6.371   -0.483  3.153   1.00 40.49 ? 107 PRO A N   1 
ATOM   819  C CA  . PRO A 1 107 ? 7.781   -0.619  2.707   1.00 40.95 ? 107 PRO A CA  1 
ATOM   820  C C   . PRO A 1 107 ? 8.376   -2.004  2.969   1.00 41.71 ? 107 PRO A C   1 
ATOM   821  O O   . PRO A 1 107 ? 9.141   -2.490  2.167   1.00 41.67 ? 107 PRO A O   1 
ATOM   822  C CB  . PRO A 1 107 ? 8.521   0.453   3.525   1.00 40.51 ? 107 PRO A CB  1 
ATOM   823  C CG  . PRO A 1 107 ? 7.448   1.468   3.872   1.00 40.15 ? 107 PRO A CG  1 
ATOM   824  C CD  . PRO A 1 107 ? 6.192   0.657   4.077   1.00 40.59 ? 107 PRO A CD  1 
ATOM   825  N N   . GLN A 1 108 ? 8.023   -2.619  4.095   1.00 43.36 ? 108 GLN A N   1 
ATOM   826  C CA  . GLN A 1 108 ? 8.477   -3.966  4.437   1.00 44.23 ? 108 GLN A CA  1 
ATOM   827  C C   . GLN A 1 108 ? 7.956   -4.942  3.409   1.00 44.55 ? 108 GLN A C   1 
ATOM   828  O O   . GLN A 1 108 ? 8.729   -5.701  2.797   1.00 45.05 ? 108 GLN A O   1 
ATOM   829  C CB  . GLN A 1 108 ? 7.958   -4.354  5.825   1.00 44.90 ? 108 GLN A CB  1 
ATOM   830  C CG  . GLN A 1 108 ? 7.926   -5.861  6.141   1.00 47.58 ? 108 GLN A CG  1 
ATOM   831  C CD  . GLN A 1 108 ? 9.303   -6.447  6.302   1.00 51.38 ? 108 GLN A CD  1 
ATOM   832  O OE1 . GLN A 1 108 ? 10.314  -5.739  6.187   1.00 54.17 ? 108 GLN A OE1 1 
ATOM   833  N NE2 . GLN A 1 108 ? 9.364   -7.746  6.564   1.00 51.80 ? 108 GLN A NE2 1 
ATOM   834  N N   . LEU A 1 109 ? 6.638   -4.907  3.218   1.00 44.62 ? 109 LEU A N   1 
ATOM   835  C CA  . LEU A 1 109 ? 5.946   -5.779  2.290   1.00 44.41 ? 109 LEU A CA  1 
ATOM   836  C C   . LEU A 1 109 ? 6.505   -5.666  0.882   1.00 44.81 ? 109 LEU A C   1 
ATOM   837  O O   . LEU A 1 109 ? 6.745   -6.674  0.244   1.00 44.64 ? 109 LEU A O   1 
ATOM   838  C CB  . LEU A 1 109 ? 4.437   -5.506  2.308   1.00 44.29 ? 109 LEU A CB  1 
ATOM   839  C CG  . LEU A 1 109 ? 3.570   -6.334  1.346   1.00 44.49 ? 109 LEU A CG  1 
ATOM   840  C CD1 . LEU A 1 109 ? 3.660   -7.834  1.648   1.00 43.98 ? 109 LEU A CD1 1 
ATOM   841  C CD2 . LEU A 1 109 ? 2.123   -5.854  1.348   1.00 44.14 ? 109 LEU A CD2 1 
ATOM   842  N N   . LEU A 1 110 ? 6.735   -4.447  0.411   1.00 45.55 ? 110 LEU A N   1 
ATOM   843  C CA  . LEU A 1 110 ? 7.283   -4.250  -0.925  1.00 47.30 ? 110 LEU A CA  1 
ATOM   844  C C   . LEU A 1 110 ? 8.742   -4.718  -1.055  1.00 49.00 ? 110 LEU A C   1 
ATOM   845  O O   . LEU A 1 110 ? 9.187   -5.100  -2.133  1.00 48.66 ? 110 LEU A O   1 
ATOM   846  C CB  . LEU A 1 110 ? 7.139   -2.796  -1.391  1.00 46.84 ? 110 LEU A CB  1 
ATOM   847  C CG  . LEU A 1 110 ? 5.765   -2.115  -1.454  1.00 45.30 ? 110 LEU A CG  1 
ATOM   848  C CD1 . LEU A 1 110 ? 5.946   -0.708  -2.022  1.00 45.59 ? 110 LEU A CD1 1 
ATOM   849  C CD2 . LEU A 1 110 ? 4.730   -2.889  -2.239  1.00 42.16 ? 110 LEU A CD2 1 
ATOM   850  N N   . THR A 1 111 ? 9.472   -4.698  0.055   1.00 51.59 ? 111 THR A N   1 
ATOM   851  C CA  . THR A 1 111 ? 10.857  -5.170  0.072   1.00 53.38 ? 111 THR A CA  1 
ATOM   852  C C   . THR A 1 111 ? 10.924  -6.705  0.132   1.00 54.85 ? 111 THR A C   1 
ATOM   853  O O   . THR A 1 111 ? 11.769  -7.301  -0.519  1.00 55.14 ? 111 THR A O   1 
ATOM   854  C CB  . THR A 1 111 ? 11.662  -4.526  1.209   1.00 53.03 ? 111 THR A CB  1 
ATOM   855  O OG1 . THR A 1 111 ? 11.459  -3.110  1.184   1.00 53.39 ? 111 THR A OG1 1 
ATOM   856  C CG2 . THR A 1 111 ? 13.153  -4.804  1.046   1.00 54.09 ? 111 THR A CG2 1 
ATOM   857  N N   . TYR A 1 112 ? 10.020  -7.327  0.896   1.00 56.37 ? 112 TYR A N   1 
ATOM   858  C CA  . TYR A 1 112 ? 10.012  -8.774  1.056   1.00 57.99 ? 112 TYR A CA  1 
ATOM   859  C C   . TYR A 1 112 ? 8.624   -9.348  0.838   1.00 59.33 ? 112 TYR A C   1 
ATOM   860  O O   . TYR A 1 112 ? 7.869   -9.541  1.801   1.00 59.25 ? 112 TYR A O   1 
ATOM   861  C CB  . TYR A 1 112 ? 10.549  -9.174  2.431   1.00 59.01 ? 112 TYR A CB  1 
ATOM   862  C CG  . TYR A 1 112 ? 11.907  -8.578  2.726   1.00 60.48 ? 112 TYR A CG  1 
ATOM   863  C CD1 . TYR A 1 112 ? 13.046  -9.025  2.051   1.00 62.03 ? 112 TYR A CD1 1 
ATOM   864  C CD2 . TYR A 1 112 ? 12.053  -7.552  3.665   1.00 60.51 ? 112 TYR A CD2 1 
ATOM   865  C CE1 . TYR A 1 112 ? 14.300  -8.464  2.301   1.00 63.33 ? 112 TYR A CE1 1 
ATOM   866  C CE2 . TYR A 1 112 ? 13.298  -6.985  3.927   1.00 61.74 ? 112 TYR A CE2 1 
ATOM   867  C CZ  . TYR A 1 112 ? 14.417  -7.443  3.239   1.00 62.30 ? 112 TYR A CZ  1 
ATOM   868  O OH  . TYR A 1 112 ? 15.652  -6.895  3.487   1.00 62.47 ? 112 TYR A OH  1 
ATOM   869  N N   . PRO A 1 113 ? 8.276   -9.613  -0.442  1.00 60.63 ? 113 PRO A N   1 
ATOM   870  C CA  . PRO A 1 113 ? 6.984   -10.145 -0.859  1.00 62.00 ? 113 PRO A CA  1 
ATOM   871  C C   . PRO A 1 113 ? 6.699   -11.535 -0.322  1.00 63.74 ? 113 PRO A C   1 
ATOM   872  O O   . PRO A 1 113 ? 7.614   -12.253 0.090   1.00 64.02 ? 113 PRO A O   1 
ATOM   873  C CB  . PRO A 1 113 ? 7.112   -10.221 -2.384  1.00 61.76 ? 113 PRO A CB  1 
ATOM   874  C CG  . PRO A 1 113 ? 8.217   -9.291  -2.739  1.00 60.96 ? 113 PRO A CG  1 
ATOM   875  C CD  . PRO A 1 113 ? 9.160   -9.362  -1.602  1.00 60.99 ? 113 PRO A CD  1 
ATOM   876  N N   . ASN A 1 114 ? 5.433   -11.927 -0.348  1.00 65.78 ? 114 ASN A N   1 
ATOM   877  C CA  . ASN A 1 114 ? 5.082   -13.316 -0.066  1.00 67.53 ? 114 ASN A CA  1 
ATOM   878  C C   . ASN A 1 114 ? 4.394   -14.062 -1.236  1.00 68.18 ? 114 ASN A C   1 
ATOM   879  O O   . ASN A 1 114 ? 3.153   -14.066 -1.335  1.00 68.32 ? 114 ASN A O   1 
ATOM   880  C CB  . ASN A 1 114 ? 4.265   -13.437 1.218   1.00 67.63 ? 114 ASN A CB  1 
ATOM   881  C CG  . ASN A 1 114 ? 4.043   -14.884 1.625   1.00 69.83 ? 114 ASN A CG  1 
ATOM   882  O OD1 . ASN A 1 114 ? 4.901   -15.760 1.382   1.00 69.54 ? 114 ASN A OD1 1 
ATOM   883  N ND2 . ASN A 1 114 ? 2.880   -15.156 2.235   1.00 71.63 ? 114 ASN A ND2 1 
ATOM   884  N N   . PRO A 1 115 ? 5.208   -14.723 -2.107  1.00 68.58 ? 115 PRO A N   1 
ATOM   885  C CA  . PRO A 1 115 ? 4.704   -15.591 -3.177  1.00 68.44 ? 115 PRO A CA  1 
ATOM   886  C C   . PRO A 1 115 ? 3.909   -16.818 -2.680  1.00 68.59 ? 115 PRO A C   1 
ATOM   887  O O   . PRO A 1 115 ? 3.515   -17.659 -3.499  1.00 68.82 ? 115 PRO A O   1 
ATOM   888  C CB  . PRO A 1 115 ? 5.991   -16.044 -3.900  1.00 68.87 ? 115 PRO A CB  1 
ATOM   889  C CG  . PRO A 1 115 ? 7.025   -15.057 -3.515  1.00 68.55 ? 115 PRO A CG  1 
ATOM   890  C CD  . PRO A 1 115 ? 6.683   -14.658 -2.114  1.00 68.39 ? 115 PRO A CD  1 
ATOM   891  N N   . SER A 1 116 ? 3.697   -16.924 -1.358  1.00 68.29 ? 116 SER A N   1 
ATOM   892  C CA  . SER A 1 116 ? 2.695   -17.844 -0.788  1.00 67.60 ? 116 SER A CA  1 
ATOM   893  C C   . SER A 1 116 ? 1.267   -17.253 -0.888  1.00 67.21 ? 116 SER A C   1 
ATOM   894  O O   . SER A 1 116 ? 1.022   -16.105 -0.469  1.00 67.63 ? 116 SER A O   1 
ATOM   895  C CB  . SER A 1 116 ? 3.030   -18.178 0.667   1.00 67.75 ? 116 SER A CB  1 
ATOM   896  N N   . ASP A 1 117 ? 0.337   -18.050 -1.435  1.00 65.67 ? 117 ASP A N   1 
ATOM   897  C CA  . ASP A 1 117 ? -1.045  -17.610 -1.744  1.00 63.51 ? 117 ASP A CA  1 
ATOM   898  C C   . ASP A 1 117 ? -1.119  -16.196 -2.379  1.00 61.67 ? 117 ASP A C   1 
ATOM   899  O O   . ASP A 1 117 ? -1.739  -15.292 -1.822  1.00 62.04 ? 117 ASP A O   1 
ATOM   900  C CB  . ASP A 1 117 ? -1.957  -17.721 -0.508  1.00 63.60 ? 117 ASP A CB  1 
ATOM   901  N N   . PRO A 1 118 ? -0.498  -16.020 -3.567  1.00 59.46 ? 118 PRO A N   1 
ATOM   902  C CA  . PRO A 1 118 ? -0.418  -14.696 -4.184  1.00 57.02 ? 118 PRO A CA  1 
ATOM   903  C C   . PRO A 1 118 ? -1.722  -14.236 -4.835  1.00 54.96 ? 118 PRO A C   1 
ATOM   904  O O   . PRO A 1 118 ? -2.514  -15.048 -5.318  1.00 54.96 ? 118 PRO A O   1 
ATOM   905  C CB  . PRO A 1 118 ? 0.655   -14.878 -5.242  1.00 57.29 ? 118 PRO A CB  1 
ATOM   906  C CG  . PRO A 1 118 ? 0.535   -16.315 -5.633  1.00 58.43 ? 118 PRO A CG  1 
ATOM   907  C CD  . PRO A 1 118 ? 0.162   -17.053 -4.393  1.00 59.03 ? 118 PRO A CD  1 
ATOM   908  N N   . LEU A 1 119 ? -1.937  -12.926 -4.829  1.00 52.14 ? 119 LEU A N   1 
ATOM   909  C CA  . LEU A 1 119 ? -3.061  -12.315 -5.495  1.00 48.97 ? 119 LEU A CA  1 
ATOM   910  C C   . LEU A 1 119 ? -2.636  -12.058 -6.936  1.00 47.35 ? 119 LEU A C   1 
ATOM   911  O O   . LEU A 1 119 ? -3.463  -11.992 -7.863  1.00 46.56 ? 119 LEU A O   1 
ATOM   912  C CB  . LEU A 1 119 ? -3.389  -10.998 -4.801  1.00 48.66 ? 119 LEU A CB  1 
ATOM   913  C CG  . LEU A 1 119 ? -4.810  -10.728 -4.335  1.00 48.79 ? 119 LEU A CG  1 
ATOM   914  C CD1 . LEU A 1 119 ? -5.512  -12.004 -3.853  1.00 48.43 ? 119 LEU A CD1 1 
ATOM   915  C CD2 . LEU A 1 119 ? -4.772  -9.678  -3.228  1.00 48.61 ? 119 LEU A CD2 1 
ATOM   916  N N   . ASN A 1 120 ? -1.332  -11.885 -7.107  1.00 45.00 ? 120 ASN A N   1 
ATOM   917  C CA  . ASN A 1 120 ? -0.737  -11.839 -8.411  1.00 43.76 ? 120 ASN A CA  1 
ATOM   918  C C   . ASN A 1 120 ? 0.232   -13.014 -8.571  1.00 43.31 ? 120 ASN A C   1 
ATOM   919  O O   . ASN A 1 120 ? 1.396   -12.923 -8.147  1.00 43.26 ? 120 ASN A O   1 
ATOM   920  C CB  . ASN A 1 120 ? -0.029  -10.494 -8.628  1.00 42.85 ? 120 ASN A CB  1 
ATOM   921  C CG  . ASN A 1 120 ? 0.498   -10.350 -10.015 1.00 41.97 ? 120 ASN A CG  1 
ATOM   922  O OD1 . ASN A 1 120 ? 0.584   -11.335 -10.748 1.00 41.16 ? 120 ASN A OD1 1 
ATOM   923  N ND2 . ASN A 1 120 ? 0.860   -9.135  -10.402 1.00 37.64 ? 120 ASN A ND2 1 
ATOM   924  N N   . SER A 1 121 ? -0.243  -14.122 -9.163  1.00 42.80 ? 121 SER A N   1 
ATOM   925  C CA  . SER A 1 121 ? 0.609   -15.332 -9.295  1.00 42.60 ? 121 SER A CA  1 
ATOM   926  C C   . SER A 1 121 ? 1.676   -15.255 -10.368 1.00 41.79 ? 121 SER A C   1 
ATOM   927  O O   . SER A 1 121 ? 2.701   -15.934 -10.263 1.00 42.18 ? 121 SER A O   1 
ATOM   928  C CB  . SER A 1 121 ? -0.195  -16.648 -9.392  1.00 42.63 ? 121 SER A CB  1 
ATOM   929  O OG  . SER A 1 121 ? -1.148  -16.591 -10.427 1.00 43.83 ? 121 SER A OG  1 
ATOM   930  N N   . ASP A 1 122 ? 1.445   -14.449 -11.399 1.00 41.59 ? 122 ASP A N   1 
ATOM   931  C CA  . ASP A 1 122 ? 2.488   -14.198 -12.405 1.00 42.22 ? 122 ASP A CA  1 
ATOM   932  C C   . ASP A 1 122 ? 3.717   -13.531 -11.780 1.00 42.12 ? 122 ASP A C   1 
ATOM   933  O O   . ASP A 1 122 ? 4.855   -13.875 -12.108 1.00 42.31 ? 122 ASP A O   1 
ATOM   934  C CB  . ASP A 1 122 ? 1.969   -13.337 -13.555 1.00 42.63 ? 122 ASP A CB  1 
ATOM   935  C CG  . ASP A 1 122 ? 1.112   -14.116 -14.538 1.00 44.63 ? 122 ASP A CG  1 
ATOM   936  O OD1 . ASP A 1 122 ? 1.017   -15.359 -14.434 1.00 45.22 ? 122 ASP A OD1 1 
ATOM   937  O OD2 . ASP A 1 122 ? 0.524   -13.470 -15.436 1.00 49.01 ? 122 ASP A OD2 1 
ATOM   938  N N   . ALA A 1 123 ? 3.471   -12.582 -10.874 1.00 41.86 ? 123 ALA A N   1 
ATOM   939  C CA  . ALA A 1 123 ? 4.537   -11.867 -10.174 1.00 40.85 ? 123 ALA A CA  1 
ATOM   940  C C   . ALA A 1 123 ? 5.246   -12.811 -9.215  1.00 40.44 ? 123 ALA A C   1 
ATOM   941  O O   . ALA A 1 123 ? 6.456   -12.831 -9.166  1.00 40.52 ? 123 ALA A O   1 
ATOM   942  C CB  . ALA A 1 123 ? 3.970   -10.661 -9.440  1.00 40.17 ? 123 ALA A CB  1 
ATOM   943  N N   . ALA A 1 124 ? 4.470   -13.615 -8.484  1.00 40.12 ? 124 ALA A N   1 
ATOM   944  C CA  . ALA A 1 124 ? 5.002   -14.666 -7.612  1.00 40.25 ? 124 ALA A CA  1 
ATOM   945  C C   . ALA A 1 124 ? 5.908   -15.656 -8.360  1.00 40.50 ? 124 ALA A C   1 
ATOM   946  O O   . ALA A 1 124 ? 7.016   -15.947 -7.909  1.00 40.32 ? 124 ALA A O   1 
ATOM   947  C CB  . ALA A 1 124 ? 3.861   -15.412 -6.926  1.00 39.45 ? 124 ALA A CB  1 
ATOM   948  N N   . SER A 1 125 ? 5.423   -16.174 -9.495  1.00 40.96 ? 125 SER A N   1 
ATOM   949  C CA  . SER A 1 125 ? 6.220   -17.064 -10.345 1.00 41.08 ? 125 SER A CA  1 
ATOM   950  C C   . SER A 1 125 ? 7.500   -16.409 -10.821 1.00 40.87 ? 125 SER A C   1 
ATOM   951  O O   . SER A 1 125 ? 8.590   -16.938 -10.579 1.00 41.25 ? 125 SER A O   1 
ATOM   952  C CB  . SER A 1 125 ? 5.411   -17.544 -11.529 1.00 41.37 ? 125 SER A CB  1 
ATOM   953  O OG  . SER A 1 125 ? 4.294   -18.267 -11.060 1.00 44.85 ? 125 SER A OG  1 
ATOM   954  N N   . LEU A 1 126 ? 7.380   -15.258 -11.486 1.00 40.07 ? 126 LEU A N   1 
ATOM   955  C CA  . LEU A 1 126 ? 8.562   -14.534 -11.946 1.00 39.95 ? 126 LEU A CA  1 
ATOM   956  C C   . LEU A 1 126 ? 9.597   -14.342 -10.828 1.00 40.29 ? 126 LEU A C   1 
ATOM   957  O O   . LEU A 1 126 ? 10.772  -14.639 -11.025 1.00 40.24 ? 126 LEU A O   1 
ATOM   958  C CB  . LEU A 1 126 ? 8.193   -13.188 -12.589 1.00 39.65 ? 126 LEU A CB  1 
ATOM   959  C CG  . LEU A 1 126 ? 9.360   -12.529 -13.338 1.00 39.49 ? 126 LEU A CG  1 
ATOM   960  C CD1 . LEU A 1 126 ? 9.909   -13.458 -14.445 1.00 37.90 ? 126 LEU A CD1 1 
ATOM   961  C CD2 . LEU A 1 126 ? 8.973   -11.184 -13.902 1.00 39.08 ? 126 LEU A CD2 1 
ATOM   962  N N   . LEU A 1 127 ? 9.144   -13.877 -9.658  1.00 40.45 ? 127 LEU A N   1 
ATOM   963  C CA  . LEU A 1 127 ? 10.017  -13.705 -8.478  1.00 41.06 ? 127 LEU A CA  1 
ATOM   964  C C   . LEU A 1 127 ? 10.682  -15.021 -8.010  1.00 42.46 ? 127 LEU A C   1 
ATOM   965  O O   . LEU A 1 127 ? 11.865  -15.036 -7.708  1.00 42.07 ? 127 LEU A O   1 
ATOM   966  C CB  . LEU A 1 127 ? 9.251   -13.034 -7.325  1.00 40.38 ? 127 LEU A CB  1 
ATOM   967  C CG  . LEU A 1 127 ? 9.894   -12.943 -5.919  1.00 39.98 ? 127 LEU A CG  1 
ATOM   968  C CD1 . LEU A 1 127 ? 11.180  -12.114 -5.895  1.00 33.53 ? 127 LEU A CD1 1 
ATOM   969  C CD2 . LEU A 1 127 ? 8.885   -12.398 -4.906  1.00 39.78 ? 127 LEU A CD2 1 
ATOM   970  N N   . MET A 1 128 ? 9.910   -16.104 -7.946  1.00 44.04 ? 128 MET A N   1 
ATOM   971  C CA  . MET A 1 128 ? 10.450  -17.436 -7.636  1.00 47.43 ? 128 MET A CA  1 
ATOM   972  C C   . MET A 1 128 ? 11.542  -17.868 -8.637  1.00 46.47 ? 128 MET A C   1 
ATOM   973  O O   . MET A 1 128 ? 12.629  -18.289 -8.236  1.00 47.27 ? 128 MET A O   1 
ATOM   974  C CB  . MET A 1 128 ? 9.324   -18.474 -7.612  1.00 46.99 ? 128 MET A CB  1 
ATOM   975  C CG  . MET A 1 128 ? 8.881   -18.918 -6.237  1.00 49.35 ? 128 MET A CG  1 
ATOM   976  S SD  . MET A 1 128 ? 7.078   -19.226 -6.038  1.00 54.81 ? 128 MET A SD  1 
ATOM   977  C CE  . MET A 1 128 ? 6.496   -19.852 -7.625  1.00 55.03 ? 128 MET A CE  1 
ATOM   978  N N   . LYS A 1 129 ? 11.254  -17.734 -9.931  1.00 46.02 ? 129 LYS A N   1 
ATOM   979  C CA  . LYS A 1 129 ? 12.203  -18.107 -10.991 1.00 45.40 ? 129 LYS A CA  1 
ATOM   980  C C   . LYS A 1 129 ? 13.519  -17.321 -10.977 1.00 45.22 ? 129 LYS A C   1 
ATOM   981  O O   . LYS A 1 129 ? 14.587  -17.916 -11.039 1.00 46.10 ? 129 LYS A O   1 
ATOM   982  C CB  . LYS A 1 129 ? 11.544  -18.007 -12.364 1.00 44.97 ? 129 LYS A CB  1 
ATOM   983  C CG  . LYS A 1 129 ? 10.422  -19.008 -12.544 1.00 43.76 ? 129 LYS A CG  1 
ATOM   984  C CD  . LYS A 1 129 ? 9.946   -19.082 -13.975 1.00 42.88 ? 129 LYS A CD  1 
ATOM   985  C CE  . LYS A 1 129 ? 8.844   -20.105 -14.114 1.00 43.01 ? 129 LYS A CE  1 
ATOM   986  N NZ  . LYS A 1 129 ? 9.264   -21.454 -13.608 1.00 44.02 ? 129 LYS A NZ  1 
ATOM   987  N N   . ASP A 1 130 ? 13.445  -16.000 -10.922 1.00 44.73 ? 130 ASP A N   1 
ATOM   988  C CA  . ASP A 1 130 ? 14.646  -15.165 -10.942 1.00 44.71 ? 130 ASP A CA  1 
ATOM   989  C C   . ASP A 1 130 ? 14.363  -13.773 -10.370 1.00 44.79 ? 130 ASP A C   1 
ATOM   990  O O   . ASP A 1 130 ? 13.795  -12.906 -11.044 1.00 44.68 ? 130 ASP A O   1 
ATOM   991  C CB  . ASP A 1 130 ? 15.264  -15.066 -12.343 1.00 44.16 ? 130 ASP A CB  1 
ATOM   992  C CG  . ASP A 1 130 ? 16.662  -14.441 -12.319 1.00 45.96 ? 130 ASP A CG  1 
ATOM   993  O OD1 . ASP A 1 130 ? 17.640  -15.198 -12.232 1.00 53.26 ? 130 ASP A OD1 1 
ATOM   994  O OD2 . ASP A 1 130 ? 16.801  -13.201 -12.350 1.00 44.99 ? 130 ASP A OD2 1 
ATOM   995  N N   . LYS A 1 131 ? 14.776  -13.587 -9.121  1.00 44.62 ? 131 LYS A N   1 
ATOM   996  C CA  . LYS A 1 131 ? 14.580  -12.358 -8.385  1.00 45.14 ? 131 LYS A CA  1 
ATOM   997  C C   . LYS A 1 131 ? 15.092  -11.117 -9.123  1.00 44.89 ? 131 LYS A C   1 
ATOM   998  O O   . LYS A 1 131 ? 14.444  -10.075 -9.100  1.00 44.76 ? 131 LYS A O   1 
ATOM   999  C CB  . LYS A 1 131 ? 15.245  -12.490 -7.012  1.00 45.66 ? 131 LYS A CB  1 
ATOM   1000 C CG  . LYS A 1 131 ? 15.196  -11.254 -6.134  1.00 47.66 ? 131 LYS A CG  1 
ATOM   1001 C CD  . LYS A 1 131 ? 15.879  -11.557 -4.822  1.00 52.13 ? 131 LYS A CD  1 
ATOM   1002 C CE  . LYS A 1 131 ? 16.270  -10.289 -4.089  1.00 56.83 ? 131 LYS A CE  1 
ATOM   1003 N NZ  . LYS A 1 131 ? 15.076  -9.609  -3.501  1.00 59.13 ? 131 LYS A NZ  1 
ATOM   1004 N N   . ASN A 1 132 ? 16.247  -11.232 -9.780  1.00 44.81 ? 132 ASN A N   1 
ATOM   1005 C CA  . ASN A 1 132 ? 16.813  -10.110 -10.540 1.00 45.14 ? 132 ASN A CA  1 
ATOM   1006 C C   . ASN A 1 132 ? 16.013  -9.752  -11.785 1.00 43.87 ? 132 ASN A C   1 
ATOM   1007 O O   . ASN A 1 132 ? 15.783  -8.589  -12.060 1.00 43.69 ? 132 ASN A O   1 
ATOM   1008 C CB  . ASN A 1 132 ? 18.268  -10.391 -10.928 1.00 45.82 ? 132 ASN A CB  1 
ATOM   1009 C CG  . ASN A 1 132 ? 19.221  -10.319 -9.736  1.00 50.61 ? 132 ASN A CG  1 
ATOM   1010 O OD1 . ASN A 1 132 ? 18.958  -9.620  -8.737  1.00 55.34 ? 132 ASN A OD1 1 
ATOM   1011 N ND2 . ASN A 1 132 ? 20.340  -11.045 -9.832  1.00 52.90 ? 132 ASN A ND2 1 
ATOM   1012 N N   . ILE A 1 133 ? 15.630  -10.760 -12.561 1.00 43.38 ? 133 ILE A N   1 
ATOM   1013 C CA  . ILE A 1 133 ? 14.768  -10.529 -13.712 1.00 42.64 ? 133 ILE A CA  1 
ATOM   1014 C C   . ILE A 1 133 ? 13.441  -9.895  -13.256 1.00 42.48 ? 133 ILE A C   1 
ATOM   1015 O O   . ILE A 1 133 ? 12.996  -8.893  -13.836 1.00 41.75 ? 133 ILE A O   1 
ATOM   1016 C CB  . ILE A 1 133 ? 14.549  -11.810 -14.561 1.00 42.65 ? 133 ILE A CB  1 
ATOM   1017 C CG1 . ILE A 1 133 ? 15.790  -12.087 -15.421 1.00 42.90 ? 133 ILE A CG1 1 
ATOM   1018 C CG2 . ILE A 1 133 ? 13.309  -11.668 -15.484 1.00 42.30 ? 133 ILE A CG2 1 
ATOM   1019 C CD1 . ILE A 1 133 ? 15.825  -13.488 -16.033 1.00 41.92 ? 133 ILE A CD1 1 
ATOM   1020 N N   . TYR A 1 134 ? 12.854  -10.453 -12.192 1.00 41.94 ? 134 TYR A N   1 
ATOM   1021 C CA  . TYR A 1 134 ? 11.656  -9.896  -11.577 1.00 41.95 ? 134 TYR A CA  1 
ATOM   1022 C C   . TYR A 1 134 ? 11.803  -8.425  -11.224 1.00 42.48 ? 134 TYR A C   1 
ATOM   1023 O O   . TYR A 1 134 ? 10.950  -7.619  -11.584 1.00 43.39 ? 134 TYR A O   1 
ATOM   1024 C CB  . TYR A 1 134 ? 11.266  -10.708 -10.341 1.00 42.25 ? 134 TYR A CB  1 
ATOM   1025 C CG  . TYR A 1 134 ? 10.169  -10.095 -9.513  1.00 41.80 ? 134 TYR A CG  1 
ATOM   1026 C CD1 . TYR A 1 134 ? 8.829   -10.152 -9.927  1.00 41.33 ? 134 TYR A CD1 1 
ATOM   1027 C CD2 . TYR A 1 134 ? 10.464  -9.454  -8.306  1.00 42.30 ? 134 TYR A CD2 1 
ATOM   1028 C CE1 . TYR A 1 134 ? 7.801   -9.583  -9.150  1.00 41.73 ? 134 TYR A CE1 1 
ATOM   1029 C CE2 . TYR A 1 134 ? 9.457   -8.880  -7.531  1.00 43.11 ? 134 TYR A CE2 1 
ATOM   1030 C CZ  . TYR A 1 134 ? 8.123   -8.952  -7.958  1.00 42.90 ? 134 TYR A CZ  1 
ATOM   1031 O OH  . TYR A 1 134 ? 7.136   -8.372  -7.181  1.00 43.61 ? 134 TYR A OH  1 
ATOM   1032 N N   . GLU A 1 135 ? 12.890  -8.067  -10.545 1.00 42.45 ? 135 GLU A N   1 
ATOM   1033 C CA  . GLU A 1 135 ? 13.098  -6.688  -10.113 1.00 43.10 ? 135 GLU A CA  1 
ATOM   1034 C C   . GLU A 1 135 ? 13.385  -5.734  -11.247 1.00 42.23 ? 135 GLU A C   1 
ATOM   1035 O O   . GLU A 1 135 ? 13.136  -4.544  -11.127 1.00 42.28 ? 135 GLU A O   1 
ATOM   1036 C CB  . GLU A 1 135 ? 14.185  -6.606  -9.033  1.00 43.07 ? 135 GLU A CB  1 
ATOM   1037 C CG  . GLU A 1 135 ? 13.728  -7.239  -7.730  1.00 43.97 ? 135 GLU A CG  1 
ATOM   1038 C CD  . GLU A 1 135 ? 14.698  -7.052  -6.571  1.00 45.66 ? 135 GLU A CD  1 
ATOM   1039 O OE1 . GLU A 1 135 ? 15.815  -6.538  -6.794  1.00 47.31 ? 135 GLU A OE1 1 
ATOM   1040 O OE2 . GLU A 1 135 ? 14.328  -7.445  -5.425  1.00 49.46 ? 135 GLU A OE2 1 
ATOM   1041 N N   . GLU A 1 136 ? 13.870  -6.257  -12.367 1.00 41.97 ? 136 GLU A N   1 
ATOM   1042 C CA  . GLU A 1 136 ? 14.043  -5.439  -13.579 1.00 42.31 ? 136 GLU A CA  1 
ATOM   1043 C C   . GLU A 1 136 ? 12.693  -5.077  -14.186 1.00 40.92 ? 136 GLU A C   1 
ATOM   1044 O O   . GLU A 1 136 ? 12.559  -4.027  -14.842 1.00 40.76 ? 136 GLU A O   1 
ATOM   1045 C CB  . GLU A 1 136 ? 14.897  -6.164  -14.624 1.00 41.99 ? 136 GLU A CB  1 
ATOM   1046 C CG  . GLU A 1 136 ? 16.399  -6.172  -14.323 1.00 44.57 ? 136 GLU A CG  1 
ATOM   1047 C CD  . GLU A 1 136 ? 17.213  -6.886  -15.406 1.00 45.03 ? 136 GLU A CD  1 
ATOM   1048 O OE1 . GLU A 1 136 ? 18.071  -6.228  -16.019 1.00 49.27 ? 136 GLU A OE1 1 
ATOM   1049 O OE2 . GLU A 1 136 ? 16.982  -8.097  -15.658 1.00 48.12 ? 136 GLU A OE2 1 
ATOM   1050 N N   . LYS A 1 137 ? 11.711  -5.958  -13.979 1.00 39.45 ? 137 LYS A N   1 
ATOM   1051 C CA  . LYS A 1 137 ? 10.350  -5.725  -14.421 1.00 39.20 ? 137 LYS A CA  1 
ATOM   1052 C C   . LYS A 1 137 ? 9.700   -4.623  -13.580 1.00 39.26 ? 137 LYS A C   1 
ATOM   1053 O O   . LYS A 1 137 ? 9.173   -3.638  -14.123 1.00 39.21 ? 137 LYS A O   1 
ATOM   1054 C CB  . LYS A 1 137 ? 9.495   -7.007  -14.348 1.00 37.85 ? 137 LYS A CB  1 
ATOM   1055 C CG  . LYS A 1 137 ? 8.153   -6.809  -15.036 1.00 35.59 ? 137 LYS A CG  1 
ATOM   1056 C CD  . LYS A 1 137 ? 7.199   -7.929  -14.806 1.00 33.83 ? 137 LYS A CD  1 
ATOM   1057 C CE  . LYS A 1 137 ? 5.869   -7.645  -15.509 1.00 32.95 ? 137 LYS A CE  1 
ATOM   1058 N NZ  . LYS A 1 137 ? 4.956   -8.811  -15.489 1.00 29.20 ? 137 LYS A NZ  1 
ATOM   1059 N N   . VAL A 1 138 ? 9.729   -4.818  -12.262 1.00 39.41 ? 138 VAL A N   1 
ATOM   1060 C CA  . VAL A 1 138 ? 9.232   -3.838  -11.300 1.00 39.72 ? 138 VAL A CA  1 
ATOM   1061 C C   . VAL A 1 138 ? 9.792   -2.448  -11.636 1.00 40.03 ? 138 VAL A C   1 
ATOM   1062 O O   . VAL A 1 138 ? 9.029   -1.494  -11.815 1.00 39.92 ? 138 VAL A O   1 
ATOM   1063 C CB  . VAL A 1 138 ? 9.576   -4.242  -9.838  1.00 39.76 ? 138 VAL A CB  1 
ATOM   1064 C CG1 . VAL A 1 138 ? 9.222   -3.123  -8.856  1.00 40.12 ? 138 VAL A CG1 1 
ATOM   1065 C CG2 . VAL A 1 138 ? 8.877   -5.548  -9.448  1.00 38.14 ? 138 VAL A CG2 1 
ATOM   1066 N N   . LYS A 1 139 ? 11.113  -2.344  -11.781 1.00 40.73 ? 139 LYS A N   1 
ATOM   1067 C CA  . LYS A 1 139 ? 11.743  -1.048  -12.113 1.00 40.86 ? 139 LYS A CA  1 
ATOM   1068 C C   . LYS A 1 139 ? 11.141  -0.375  -13.351 1.00 40.51 ? 139 LYS A C   1 
ATOM   1069 O O   . LYS A 1 139 ? 10.934  0.836   -13.363 1.00 40.62 ? 139 LYS A O   1 
ATOM   1070 C CB  . LYS A 1 139 ? 13.250  -1.194  -12.263 1.00 40.71 ? 139 LYS A CB  1 
ATOM   1071 C CG  . LYS A 1 139 ? 13.968  -1.573  -10.986 1.00 43.44 ? 139 LYS A CG  1 
ATOM   1072 C CD  . LYS A 1 139 ? 15.463  -1.279  -11.107 1.00 47.83 ? 139 LYS A CD  1 
ATOM   1073 C CE  . LYS A 1 139 ? 16.168  -1.308  -9.750  1.00 51.50 ? 139 LYS A CE  1 
ATOM   1074 N NZ  . LYS A 1 139 ? 17.112  -2.476  -9.583  1.00 55.19 ? 139 LYS A NZ  1 
ATOM   1075 N N   . GLU A 1 140 ? 10.854  -1.158  -14.388 1.00 40.71 ? 140 GLU A N   1 
ATOM   1076 C CA  . GLU A 1 140 ? 10.215  -0.606  -15.597 1.00 41.09 ? 140 GLU A CA  1 
ATOM   1077 C C   . GLU A 1 140 ? 8.763   -0.266  -15.408 1.00 40.75 ? 140 GLU A C   1 
ATOM   1078 O O   . GLU A 1 140 ? 8.308   0.754   -15.913 1.00 41.23 ? 140 GLU A O   1 
ATOM   1079 C CB  . GLU A 1 140 ? 10.404  -1.508  -16.819 1.00 40.82 ? 140 GLU A CB  1 
ATOM   1080 C CG  . GLU A 1 140 ? 11.626  -1.126  -17.609 1.00 44.21 ? 140 GLU A CG  1 
ATOM   1081 C CD  . GLU A 1 140 ? 11.508  0.255   -18.220 1.00 47.57 ? 140 GLU A CD  1 
ATOM   1082 O OE1 . GLU A 1 140 ? 10.383  0.643   -18.662 1.00 51.14 ? 140 GLU A OE1 1 
ATOM   1083 O OE2 . GLU A 1 140 ? 12.535  0.954   -18.272 1.00 49.92 ? 140 GLU A OE2 1 
ATOM   1084 N N   . TYR A 1 141 ? 8.038   -1.128  -14.693 1.00 40.86 ? 141 TYR A N   1 
ATOM   1085 C CA  . TYR A 1 141 ? 6.672   -0.840  -14.253 1.00 41.32 ? 141 TYR A CA  1 
ATOM   1086 C C   . TYR A 1 141 ? 6.586   0.443   -13.444 1.00 41.74 ? 141 TYR A C   1 
ATOM   1087 O O   . TYR A 1 141 ? 5.622   1.187   -13.576 1.00 42.09 ? 141 TYR A O   1 
ATOM   1088 C CB  . TYR A 1 141 ? 6.168   -1.959  -13.357 1.00 42.01 ? 141 TYR A CB  1 
ATOM   1089 C CG  . TYR A 1 141 ? 5.124   -2.843  -13.951 1.00 41.79 ? 141 TYR A CG  1 
ATOM   1090 C CD1 . TYR A 1 141 ? 5.375   -3.567  -15.106 1.00 40.53 ? 141 TYR A CD1 1 
ATOM   1091 C CD2 . TYR A 1 141 ? 3.900   -3.002  -13.322 1.00 42.13 ? 141 TYR A CD2 1 
ATOM   1092 C CE1 . TYR A 1 141 ? 4.416   -4.402  -15.654 1.00 42.16 ? 141 TYR A CE1 1 
ATOM   1093 C CE2 . TYR A 1 141 ? 2.931   -3.850  -13.846 1.00 43.18 ? 141 TYR A CE2 1 
ATOM   1094 C CZ  . TYR A 1 141 ? 3.194   -4.543  -15.018 1.00 42.58 ? 141 TYR A CZ  1 
ATOM   1095 O OH  . TYR A 1 141 ? 2.243   -5.396  -15.546 1.00 44.17 ? 141 TYR A OH  1 
ATOM   1096 N N   . VAL A 1 142 ? 7.568   0.668   -12.564 1.00 41.66 ? 142 VAL A N   1 
ATOM   1097 C CA  . VAL A 1 142 ? 7.620   1.883   -11.751 1.00 42.15 ? 142 VAL A CA  1 
ATOM   1098 C C   . VAL A 1 142 ? 7.801   3.141   -12.636 1.00 42.78 ? 142 VAL A C   1 
ATOM   1099 O O   . VAL A 1 142 ? 7.072   4.122   -12.476 1.00 42.90 ? 142 VAL A O   1 
ATOM   1100 C CB  . VAL A 1 142 ? 8.728   1.789   -10.623 1.00 41.76 ? 142 VAL A CB  1 
ATOM   1101 C CG1 . VAL A 1 142 ? 9.063   3.153   -10.060 1.00 41.58 ? 142 VAL A CG1 1 
ATOM   1102 C CG2 . VAL A 1 142 ? 8.301   0.846   -9.522  1.00 41.05 ? 142 VAL A CG2 1 
ATOM   1103 N N   . LYS A 1 143 ? 8.762   3.096   -13.563 1.00 43.15 ? 143 LYS A N   1 
ATOM   1104 C CA  . LYS A 1 143 ? 8.964   4.158   -14.560 1.00 43.82 ? 143 LYS A CA  1 
ATOM   1105 C C   . LYS A 1 143 ? 7.690   4.457   -15.346 1.00 43.89 ? 143 LYS A C   1 
ATOM   1106 O O   . LYS A 1 143 ? 7.412   5.609   -15.698 1.00 44.03 ? 143 LYS A O   1 
ATOM   1107 C CB  . LYS A 1 143 ? 10.010  3.730   -15.584 1.00 44.36 ? 143 LYS A CB  1 
ATOM   1108 C CG  . LYS A 1 143 ? 11.366  4.330   -15.456 1.00 46.90 ? 143 LYS A CG  1 
ATOM   1109 C CD  . LYS A 1 143 ? 11.984  4.462   -16.854 1.00 51.56 ? 143 LYS A CD  1 
ATOM   1110 C CE  . LYS A 1 143 ? 13.460  4.081   -16.870 1.00 53.96 ? 143 LYS A CE  1 
ATOM   1111 N NZ  . LYS A 1 143 ? 13.927  3.847   -18.274 1.00 54.97 ? 143 LYS A NZ  1 
ATOM   1112 N N   . LEU A 1 144 ? 6.943   3.411   -15.662 1.00 43.31 ? 144 LEU A N   1 
ATOM   1113 C CA  . LEU A 1 144 ? 5.865   3.530   -16.624 1.00 43.73 ? 144 LEU A CA  1 
ATOM   1114 C C   . LEU A 1 144 ? 4.575   3.994   -15.955 1.00 43.43 ? 144 LEU A C   1 
ATOM   1115 O O   . LEU A 1 144 ? 3.878   4.866   -16.470 1.00 42.91 ? 144 LEU A O   1 
ATOM   1116 C CB  . LEU A 1 144 ? 5.650   2.186   -17.311 1.00 43.39 ? 144 LEU A CB  1 
ATOM   1117 C CG  . LEU A 1 144 ? 5.224   2.132   -18.762 1.00 45.36 ? 144 LEU A CG  1 
ATOM   1118 C CD1 . LEU A 1 144 ? 6.141   2.985   -19.622 1.00 46.32 ? 144 LEU A CD1 1 
ATOM   1119 C CD2 . LEU A 1 144 ? 5.259   0.662   -19.232 1.00 44.06 ? 144 LEU A CD2 1 
ATOM   1120 N N   . TYR A 1 145 ? 4.279   3.406   -14.799 1.00 43.37 ? 145 TYR A N   1 
ATOM   1121 C CA  . TYR A 1 145 ? 2.967   3.503   -14.182 1.00 43.71 ? 145 TYR A CA  1 
ATOM   1122 C C   . TYR A 1 145 ? 2.941   4.288   -12.854 1.00 44.08 ? 145 TYR A C   1 
ATOM   1123 O O   . TYR A 1 145 ? 1.882   4.415   -12.242 1.00 44.02 ? 145 TYR A O   1 
ATOM   1124 C CB  . TYR A 1 145 ? 2.423   2.106   -13.948 1.00 44.08 ? 145 TYR A CB  1 
ATOM   1125 C CG  . TYR A 1 145 ? 2.275   1.290   -15.202 1.00 45.48 ? 145 TYR A CG  1 
ATOM   1126 C CD1 . TYR A 1 145 ? 1.368   1.667   -16.204 1.00 44.33 ? 145 TYR A CD1 1 
ATOM   1127 C CD2 . TYR A 1 145 ? 3.024   0.129   -15.388 1.00 45.50 ? 145 TYR A CD2 1 
ATOM   1128 C CE1 . TYR A 1 145 ? 1.232   0.935   -17.345 1.00 45.00 ? 145 TYR A CE1 1 
ATOM   1129 C CE2 . TYR A 1 145 ? 2.888   -0.636  -16.538 1.00 45.65 ? 145 TYR A CE2 1 
ATOM   1130 C CZ  . TYR A 1 145 ? 1.992   -0.231  -17.518 1.00 47.05 ? 145 TYR A CZ  1 
ATOM   1131 O OH  . TYR A 1 145 ? 1.848   -0.982  -18.678 1.00 46.46 ? 145 TYR A OH  1 
ATOM   1132 N N   . ALA A 1 146 ? 4.100   4.793   -12.417 1.00 44.23 ? 146 ALA A N   1 
ATOM   1133 C CA  . ALA A 1 146 ? 4.243   5.441   -11.117 1.00 45.08 ? 146 ALA A CA  1 
ATOM   1134 C C   . ALA A 1 146 ? 5.269   6.569   -11.127 1.00 46.25 ? 146 ALA A C   1 
ATOM   1135 O O   . ALA A 1 146 ? 5.918   6.829   -10.122 1.00 46.07 ? 146 ALA A O   1 
ATOM   1136 C CB  . ALA A 1 146 ? 4.595   4.423   -10.051 1.00 44.51 ? 146 ALA A CB  1 
ATOM   1137 N N   . SER A 1 147 ? 5.400   7.249   -12.262 1.00 48.46 ? 147 SER A N   1 
ATOM   1138 C CA  . SER A 1 147 ? 6.314   8.383   -12.375 1.00 50.66 ? 147 SER A CA  1 
ATOM   1139 C C   . SER A 1 147 ? 5.798   9.608   -11.626 1.00 51.72 ? 147 SER A C   1 
ATOM   1140 O O   . SER A 1 147 ? 4.597   9.713   -11.335 1.00 51.23 ? 147 SER A O   1 
ATOM   1141 C CB  . SER A 1 147 ? 6.567   8.736   -13.845 1.00 50.80 ? 147 SER A CB  1 
ATOM   1142 O OG  . SER A 1 147 ? 5.340   8.801   -14.551 1.00 52.38 ? 147 SER A OG  1 
ATOM   1143 N N   . LYS A 1 148 ? 6.724   10.521  -11.326 1.00 53.76 ? 148 LYS A N   1 
ATOM   1144 C CA  . LYS A 1 148 ? 6.455   11.738  -10.549 1.00 55.82 ? 148 LYS A CA  1 
ATOM   1145 C C   . LYS A 1 148 ? 5.170   12.462  -10.980 1.00 57.01 ? 148 LYS A C   1 
ATOM   1146 O O   . LYS A 1 148 ? 4.244   12.665  -10.172 1.00 56.89 ? 148 LYS A O   1 
ATOM   1147 C CB  . LYS A 1 148 ? 7.657   12.695  -10.633 1.00 55.65 ? 148 LYS A CB  1 
ATOM   1148 N N   . ASP A 1 149 ? 5.111   12.792  -12.268 1.00 58.43 ? 149 ASP A N   1 
ATOM   1149 C CA  . ASP A 1 149 ? 4.086   13.670  -12.836 1.00 59.76 ? 149 ASP A CA  1 
ATOM   1150 C C   . ASP A 1 149 ? 2.673   13.077  -12.891 1.00 59.42 ? 149 ASP A C   1 
ATOM   1151 O O   . ASP A 1 149 ? 1.700   13.818  -13.052 1.00 59.53 ? 149 ASP A O   1 
ATOM   1152 C CB  . ASP A 1 149 ? 4.516   14.088  -14.243 1.00 60.68 ? 149 ASP A CB  1 
ATOM   1153 C CG  . ASP A 1 149 ? 4.764   12.886  -15.147 1.00 64.05 ? 149 ASP A CG  1 
ATOM   1154 O OD1 . ASP A 1 149 ? 5.945   12.433  -15.226 1.00 67.70 ? 149 ASP A OD1 1 
ATOM   1155 O OD2 . ASP A 1 149 ? 3.771   12.367  -15.733 1.00 65.43 ? 149 ASP A OD2 1 
ATOM   1156 N N   . LEU A 1 150 ? 2.558   11.754  -12.776 1.00 59.05 ? 150 LEU A N   1 
ATOM   1157 C CA  . LEU A 1 150 ? 1.278   11.071  -13.023 1.00 58.44 ? 150 LEU A CA  1 
ATOM   1158 C C   . LEU A 1 150 ? 0.069   11.719  -12.320 1.00 58.44 ? 150 LEU A C   1 
ATOM   1159 O O   . LEU A 1 150 ? -0.982  11.938  -12.947 1.00 58.03 ? 150 LEU A O   1 
ATOM   1160 C CB  . LEU A 1 150 ? 1.363   9.572   -12.681 1.00 58.35 ? 150 LEU A CB  1 
ATOM   1161 C CG  . LEU A 1 150 ? 0.071   8.762   -12.878 1.00 58.10 ? 150 LEU A CG  1 
ATOM   1162 C CD1 . LEU A 1 150 ? -0.257  8.545   -14.377 1.00 57.29 ? 150 LEU A CD1 1 
ATOM   1163 C CD2 . LEU A 1 150 ? 0.125   7.455   -12.140 1.00 55.28 ? 150 LEU A CD2 1 
ATOM   1164 N N   . TRP A 1 151 ? 0.208   12.009  -11.025 1.00 57.97 ? 151 TRP A N   1 
ATOM   1165 C CA  . TRP A 1 151 ? -0.901  12.593  -10.269 1.00 58.00 ? 151 TRP A CA  1 
ATOM   1166 C C   . TRP A 1 151 ? -0.760  14.130  -10.157 1.00 58.89 ? 151 TRP A C   1 
ATOM   1167 O O   . TRP A 1 151 ? -1.606  14.795  -9.554  1.00 58.92 ? 151 TRP A O   1 
ATOM   1168 C CB  . TRP A 1 151 ? -1.044  11.923  -8.896  1.00 56.48 ? 151 TRP A CB  1 
ATOM   1169 C CG  . TRP A 1 151 ? -1.460  10.455  -8.959  1.00 55.10 ? 151 TRP A CG  1 
ATOM   1170 C CD1 . TRP A 1 151 ? -0.657  9.364   -8.765  1.00 52.83 ? 151 TRP A CD1 1 
ATOM   1171 C CD2 . TRP A 1 151 ? -2.784  9.933   -9.215  1.00 53.49 ? 151 TRP A CD2 1 
ATOM   1172 N NE1 . TRP A 1 151 ? -1.389  8.207   -8.881  1.00 51.76 ? 151 TRP A NE1 1 
ATOM   1173 C CE2 . TRP A 1 151 ? -2.692  8.520   -9.158  1.00 51.81 ? 151 TRP A CE2 1 
ATOM   1174 C CE3 . TRP A 1 151 ? -4.027  10.522  -9.495  1.00 51.96 ? 151 TRP A CE3 1 
ATOM   1175 C CZ2 . TRP A 1 151 ? -3.801  7.680   -9.368  1.00 52.84 ? 151 TRP A CZ2 1 
ATOM   1176 C CZ3 . TRP A 1 151 ? -5.139  9.681   -9.696  1.00 53.65 ? 151 TRP A CZ3 1 
ATOM   1177 C CH2 . TRP A 1 151 ? -5.010  8.273   -9.627  1.00 53.73 ? 151 TRP A CH2 1 
ATOM   1178 N N   . GLU A 1 152 ? 0.311   14.656  -10.777 1.00 59.89 ? 152 GLU A N   1 
ATOM   1179 C CA  . GLU A 1 152 ? 0.650   16.101  -10.886 1.00 60.50 ? 152 GLU A CA  1 
ATOM   1180 C C   . GLU A 1 152 ? 1.660   16.560  -9.836  1.00 61.09 ? 152 GLU A C   1 
ATOM   1181 O O   . GLU A 1 152 ? 2.879   16.492  -10.068 1.00 61.50 ? 152 GLU A O   1 
ATOM   1182 C CB  . GLU A 1 152 ? -0.588  17.012  -10.918 1.00 60.68 ? 152 GLU A CB  1 
ATOM   1183 C CG  . GLU A 1 152 ? -1.394  16.917  -12.216 1.00 61.24 ? 152 GLU A CG  1 
HETATM 1184 O O1  . PG4 B 2 .   ? 7.592   -21.236 -10.641 1.00 66.90 ? 503 PG4 A O1  1 
HETATM 1185 C C1  . PG4 B 2 .   ? 8.919   -21.176 -10.062 1.00 67.37 ? 503 PG4 A C1  1 
HETATM 1186 C C2  . PG4 B 2 .   ? 9.658   -22.521 -10.116 1.00 66.28 ? 503 PG4 A C2  1 
HETATM 1187 O O2  . PG4 B 2 .   ? 11.033  -22.335 -10.504 1.00 66.63 ? 503 PG4 A O2  1 
HETATM 1188 C C3  . PG4 B 2 .   ? 11.387  -23.033 -11.719 1.00 65.22 ? 503 PG4 A C3  1 
HETATM 1189 C C4  . PG4 B 2 .   ? 12.385  -22.222 -12.562 1.00 64.46 ? 503 PG4 A C4  1 
HETATM 1190 O O3  . PG4 B 2 .   ? 12.470  -22.719 -13.914 1.00 63.26 ? 503 PG4 A O3  1 
HETATM 1191 C C5  . PG4 B 2 .   ? 12.500  -21.679 -14.901 1.00 60.20 ? 503 PG4 A C5  1 
HETATM 1192 C C6  . PG4 B 2 .   ? 11.941  -22.167 -16.245 1.00 58.85 ? 503 PG4 A C6  1 
HETATM 1193 O O4  . PG4 B 2 .   ? 10.604  -22.633 -16.050 1.00 58.82 ? 503 PG4 A O4  1 
HETATM 1194 C C7  . PG4 B 2 .   ? 9.780   -22.595 -17.216 1.00 57.71 ? 503 PG4 A C7  1 
HETATM 1195 C C8  . PG4 B 2 .   ? 8.460   -23.326 -16.968 1.00 57.93 ? 503 PG4 A C8  1 
HETATM 1196 O O5  . PG4 B 2 .   ? 7.785   -22.812 -15.805 1.00 56.54 ? 503 PG4 A O5  1 
HETATM 1197 O O   . HOH C 3 .   ? -3.698  4.656   14.242  1.00 39.03 ? 504 HOH A O   1 
HETATM 1198 O O   . HOH C 3 .   ? -9.696  8.638   10.343  1.00 35.31 ? 505 HOH A O   1 
HETATM 1199 O O   . HOH C 3 .   ? 2.236   0.495   14.952  1.00 39.54 ? 506 HOH A O   1 
HETATM 1200 O O   . HOH C 3 .   ? -4.018  12.119  -2.019  1.00 46.10 ? 507 HOH A O   1 
HETATM 1201 O O   . HOH C 3 .   ? 5.134   -3.905  10.871  1.00 36.98 ? 508 HOH A O   1 
HETATM 1202 O O   . HOH C 3 .   ? -16.861 10.264  8.809   1.00 37.65 ? 509 HOH A O   1 
HETATM 1203 O O   . HOH C 3 .   ? 0.374   -6.858  -8.579  1.00 29.60 ? 510 HOH A O   1 
HETATM 1204 O O   . HOH C 3 .   ? 5.458   8.236   1.247   1.00 46.96 ? 511 HOH A O   1 
HETATM 1205 O O   . HOH C 3 .   ? -6.907  -4.249  1.081   1.00 39.33 ? 512 HOH A O   1 
HETATM 1206 O O   . HOH C 3 .   ? 12.637  2.015   -9.264  1.00 29.11 ? 513 HOH A O   1 
HETATM 1207 O O   . HOH C 3 .   ? -12.673 3.995   16.403  1.00 53.45 ? 514 HOH A O   1 
HETATM 1208 O O   . HOH C 3 .   ? 5.002   -5.984  6.304   1.00 48.64 ? 515 HOH A O   1 
HETATM 1209 O O   . HOH C 3 .   ? -4.771  6.991   17.444  1.00 39.33 ? 516 HOH A O   1 
HETATM 1210 O O   . HOH C 3 .   ? -16.403 9.341   11.307  1.00 44.29 ? 517 HOH A O   1 
HETATM 1211 O O   . HOH C 3 .   ? 5.381   -1.476  -9.567  1.00 33.22 ? 518 HOH A O   1 
HETATM 1212 O O   . HOH C 3 .   ? 9.182   8.368   -4.643  1.00 48.64 ? 519 HOH A O   1 
HETATM 1213 O O   . HOH C 3 .   ? 14.804  -2.263  -15.330 1.00 45.05 ? 520 HOH A O   1 
HETATM 1214 O O   . HOH C 3 .   ? 2.196   11.465  -9.073  1.00 51.91 ? 521 HOH A O   1 
HETATM 1215 O O   . HOH C 3 .   ? -2.752  5.050   16.847  1.00 36.28 ? 522 HOH A O   1 
HETATM 1216 O O   . HOH C 3 .   ? 3.662   13.061  -0.818  1.00 37.94 ? 523 HOH A O   1 
HETATM 1217 O O   . HOH C 3 .   ? 3.177   -3.219  -19.117 1.00 38.72 ? 524 HOH A O   1 
HETATM 1218 O O   . HOH C 3 .   ? -0.473  -15.052 1.584   1.00 58.83 ? 525 HOH A O   1 
HETATM 1219 O O   . HOH C 3 .   ? -2.110  -2.367  -9.025  1.00 46.36 ? 526 HOH A O   1 
HETATM 1220 O O   . HOH C 3 .   ? -1.386  -12.579 -1.207  1.00 49.73 ? 527 HOH A O   1 
HETATM 1221 O O   . HOH C 3 .   ? -3.406  -10.140 -9.841  1.00 39.82 ? 528 HOH A O   1 
HETATM 1222 O O   . HOH C 3 .   ? 4.364   0.649   -10.884 1.00 29.28 ? 529 HOH A O   1 
HETATM 1223 O O   . HOH C 3 .   ? 4.422   6.043   13.376  1.00 32.54 ? 530 HOH A O   1 
HETATM 1224 O O   . HOH C 3 .   ? 5.934   10.877  3.137   1.00 62.23 ? 531 HOH A O   1 
HETATM 1225 O O   . HOH C 3 .   ? 12.898  -4.479  -4.352  1.00 54.41 ? 532 HOH A O   1 
HETATM 1226 O O   . HOH C 3 .   ? -1.888  2.793   -13.647 1.00 36.74 ? 533 HOH A O   1 
HETATM 1227 O O   . HOH C 3 .   ? -9.096  16.117  2.563   1.00 44.70 ? 534 HOH A O   1 
HETATM 1228 O O   . HOH C 3 .   ? -1.823  -9.351  -13.703 1.00 62.31 ? 535 HOH A O   1 
HETATM 1229 O O   . HOH C 3 .   ? -12.850 -1.054  5.012   1.00 47.14 ? 536 HOH A O   1 
HETATM 1230 O O   . HOH C 3 .   ? -1.576  -13.288 -12.017 1.00 49.00 ? 537 HOH A O   1 
HETATM 1231 O O   . HOH C 3 .   ? 0.718   16.478  5.735   1.00 36.95 ? 538 HOH A O   1 
HETATM 1232 O O   . HOH C 3 .   ? 3.005   17.603  12.651  1.00 41.26 ? 539 HOH A O   1 
HETATM 1233 O O   . HOH C 3 .   ? -2.480  16.214  3.717   1.00 36.73 ? 540 HOH A O   1 
HETATM 1234 O O   . HOH C 3 .   ? -7.877  17.808  0.882   1.00 55.06 ? 541 HOH A O   1 
HETATM 1235 O O   . HOH C 3 .   ? 0.026   -10.968 -14.986 1.00 65.68 ? 542 HOH A O   1 
HETATM 1236 O O   . HOH C 3 .   ? 2.307   11.820  1.005   1.00 28.58 ? 543 HOH A O   1 
HETATM 1237 O O   . HOH C 3 .   ? -9.080  0.416   0.226   1.00 50.99 ? 544 HOH A O   1 
HETATM 1238 O O   . HOH C 3 .   ? 11.136  6.777   -3.691  1.00 39.88 ? 545 HOH A O   1 
HETATM 1239 O O   . HOH C 3 .   ? -11.646 4.531   19.119  1.00 45.48 ? 546 HOH A O   1 
HETATM 1240 O O   . HOH C 3 .   ? 2.124   6.322   14.602  1.00 39.36 ? 547 HOH A O   1 
HETATM 1241 O O   . HOH C 3 .   ? 1.963   -8.899  7.268   1.00 37.32 ? 548 HOH A O   1 
HETATM 1242 O O   . HOH C 3 .   ? 8.147   4.123   1.420   1.00 41.81 ? 549 HOH A O   1 
HETATM 1243 O O   . HOH C 3 .   ? 13.854  2.153   2.627   1.00 65.78 ? 550 HOH A O   1 
HETATM 1244 O O   . HOH C 3 .   ? 4.786   -5.975  9.217   1.00 39.59 ? 551 HOH A O   1 
HETATM 1245 O O   . HOH C 3 .   ? 6.744   5.149   3.563   1.00 50.50 ? 552 HOH A O   1 
HETATM 1246 O O   . HOH C 3 .   ? 6.645   -8.984  4.332   1.00 61.84 ? 553 HOH A O   1 
HETATM 1247 O O   . HOH C 3 .   ? 7.883   13.418  8.088   1.00 47.52 ? 554 HOH A O   1 
HETATM 1248 O O   . HOH C 3 .   ? 12.409  2.458   -11.841 1.00 34.23 ? 555 HOH A O   1 
HETATM 1249 O O   . HOH C 3 .   ? 3.849   -8.234  5.524   1.00 45.71 ? 556 HOH A O   1 
HETATM 1250 O O   . HOH C 3 .   ? -12.978 17.118  3.197   1.00 45.34 ? 557 HOH A O   1 
HETATM 1251 O O   . HOH C 3 .   ? 2.238   -9.779  -13.282 1.00 47.72 ? 558 HOH A O   1 
HETATM 1252 O O   . HOH C 3 .   ? -7.719  11.738  -4.035  1.00 53.57 ? 559 HOH A O   1 
HETATM 1253 O O   . HOH C 3 .   ? 5.391   -14.970 -14.649 1.00 38.71 ? 560 HOH A O   1 
HETATM 1254 O O   . HOH C 3 .   ? 4.664   -10.531 -13.354 1.00 41.94 ? 561 HOH A O   1 
HETATM 1255 O O   . HOH C 3 .   ? -14.153 14.854  0.830   1.00 46.16 ? 562 HOH A O   1 
HETATM 1256 O O   . HOH C 3 .   ? -9.042  -0.743  -1.868  1.00 54.55 ? 563 HOH A O   1 
HETATM 1257 O O   . HOH C 3 .   ? 2.609   8.879   -9.755  1.00 46.91 ? 564 HOH A O   1 
HETATM 1258 O O   . HOH C 3 .   ? -7.723  -9.339  -0.204  1.00 65.05 ? 565 HOH A O   1 
HETATM 1259 O O   . HOH C 3 .   ? 3.208   -16.832 -15.299 1.00 50.32 ? 566 HOH A O   1 
HETATM 1260 O O   . HOH C 3 .   ? -14.082 13.538  -2.767  1.00 64.46 ? 567 HOH A O   1 
HETATM 1261 O O   . HOH C 3 .   ? -0.293  4.613   -14.180 1.00 48.00 ? 568 HOH A O   1 
HETATM 1262 O O   . HOH C 3 .   ? 14.420  0.642   -15.777 1.00 61.86 ? 569 HOH A O   1 
HETATM 1263 O O   . HOH C 3 .   ? 2.145   -6.310  14.477  1.00 45.81 ? 570 HOH A O   1 
HETATM 1264 O O   . HOH C 3 .   ? 3.234   7.207   -14.511 1.00 63.86 ? 571 HOH A O   1 
HETATM 1265 O O   . HOH C 3 .   ? 15.016  -4.106  4.531   1.00 64.32 ? 572 HOH A O   1 
HETATM 1266 O O   . HOH C 3 .   ? 2.487   -5.486  -18.064 1.00 42.29 ? 573 HOH A O   1 
HETATM 1267 O O   . HOH C 3 .   ? -8.874  -2.010  -4.281  1.00 57.54 ? 574 HOH A O   1 
HETATM 1268 O O   . HOH C 3 .   ? -11.334 8.259   -4.683  1.00 41.60 ? 575 HOH A O   1 
HETATM 1269 O O   . HOH C 3 .   ? -13.695 8.425   -3.704  1.00 47.38 ? 576 HOH A O   1 
HETATM 1270 O O   . HOH C 3 .   ? -7.744  -5.457  5.295   1.00 63.14 ? 577 HOH A O   1 
HETATM 1271 O O   . HOH C 3 .   ? -3.224  -14.228 -10.419 1.00 56.88 ? 578 HOH A O   1 
HETATM 1272 O O   . HOH C 3 .   ? 18.077  -3.529  -11.724 1.00 45.29 ? 579 HOH A O   1 
HETATM 1273 O O   . HOH C 3 .   ? -11.630 7.883   -7.151  1.00 48.93 ? 580 HOH A O   1 
HETATM 1274 O O   . HOH C 3 .   ? 16.992  -1.966  -6.644  1.00 58.05 ? 581 HOH A O   1 
HETATM 1275 O O   . HOH C 3 .   ? -18.114 13.786  16.865  1.00 56.25 ? 582 HOH A O   1 
HETATM 1276 O O   . HOH C 3 .   ? 6.041   15.957  -11.488 1.00 90.32 ? 583 HOH A O   1 
HETATM 1277 O O   . HOH C 3 .   ? 17.361  0.600   -7.008  1.00 52.18 ? 584 HOH A O   1 
HETATM 1278 O O   . HOH C 3 .   ? 16.149  1.923   -8.792  1.00 60.08 ? 585 HOH A O   1 
HETATM 1279 O O   . HOH C 3 .   ? 12.086  4.776   1.968   1.00 51.34 ? 586 HOH A O   1 
HETATM 1280 O O   . HOH C 3 .   ? -8.606  -3.336  -0.910  1.00 51.89 ? 587 HOH A O   1 
HETATM 1281 O O   . HOH C 3 .   ? -7.807  16.252  5.013   1.00 47.04 ? 588 HOH A O   1 
HETATM 1282 O O   . HOH C 3 .   ? -7.999  1.672   -5.341  1.00 56.50 ? 589 HOH A O   1 
HETATM 1283 O O   . HOH C 3 .   ? 18.546  -13.172 -9.366  1.00 58.41 ? 590 HOH A O   1 
HETATM 1284 O O   . HOH C 3 .   ? 18.941  -7.668  -11.737 1.00 73.51 ? 591 HOH A O   1 
HETATM 1285 O O   . HOH C 3 .   ? 10.604  -6.473  -4.185  1.00 48.16 ? 592 HOH A O   1 
HETATM 1286 O O   . HOH C 3 .   ? -17.404 -1.733  7.766   1.00 58.30 ? 593 HOH A O   1 
HETATM 1287 O O   . HOH C 3 .   ? -3.022  13.983  -12.705 1.00 56.73 ? 594 HOH A O   1 
HETATM 1288 O O   . HOH C 3 .   ? 16.422  -3.422  -17.348 1.00 52.13 ? 595 HOH A O   1 
HETATM 1289 O O   . HOH C 3 .   ? -16.949 7.910   0.367   1.00 61.29 ? 596 HOH A O   1 
HETATM 1290 O O   . HOH C 3 .   ? -1.549  -9.986  13.943  1.00 64.37 ? 597 HOH A O   1 
HETATM 1291 O O   . HOH C 3 .   ? 2.212   14.629  -2.908  1.00 50.36 ? 598 HOH A O   1 
HETATM 1292 O O   . HOH C 3 .   ? 6.811   10.690  6.268   1.00 58.78 ? 599 HOH A O   1 
HETATM 1293 O O   . HOH C 3 .   ? 19.078  -12.477 -13.701 1.00 52.92 ? 600 HOH A O   1 
HETATM 1294 O O   . HOH C 3 .   ? -9.772  0.558   -3.916  1.00 59.56 ? 601 HOH A O   1 
HETATM 1295 O O   . HOH C 3 .   ? -7.112  -12.624 7.343   1.00 58.76 ? 602 HOH A O   1 
HETATM 1296 O O   . HOH C 3 .   ? 3.332   -8.908  -17.811 1.00 54.74 ? 603 HOH A O   1 
HETATM 1297 O O   . HOH C 3 .   ? -18.230 12.106  7.590   1.00 55.27 ? 604 HOH A O   1 
HETATM 1298 O O   . HOH C 3 .   ? 2.840   16.700  1.798   1.00 55.12 ? 605 HOH A O   1 
HETATM 1299 O O   . HOH C 3 .   ? 16.516  -8.207  -1.694  1.00 63.67 ? 606 HOH A O   1 
HETATM 1300 O O   . HOH C 3 .   ? -9.579  -7.359  9.236   1.00 55.16 ? 607 HOH A O   1 
HETATM 1301 O O   . HOH C 3 .   ? 9.551   9.013   7.294   1.00 39.01 ? 608 HOH A O   1 
HETATM 1302 O O   . HOH C 3 .   ? -5.167  17.382  4.152   1.00 60.21 ? 609 HOH A O   1 
HETATM 1303 O O   . HOH C 3 .   ? -4.065  -0.364  -9.891  1.00 66.25 ? 610 HOH A O   1 
HETATM 1304 O O   . HOH C 3 .   ? -19.224 10.520  3.347   1.00 53.34 ? 611 HOH A O   1 
HETATM 1305 O O   . HOH C 3 .   ? -18.362 4.862   11.973  1.00 47.75 ? 612 HOH A O   1 
HETATM 1306 O O   . HOH C 3 .   ? -4.360  -5.355  -14.942 1.00 64.69 ? 613 HOH A O   1 
HETATM 1307 O O   . HOH C 3 .   ? 12.933  -15.592 -5.315  1.00 52.71 ? 614 HOH A O   1 
HETATM 1308 O O   . HOH C 3 .   ? 10.451  -11.998 -0.464  1.00 54.00 ? 615 HOH A O   1 
HETATM 1309 O O   . HOH C 3 .   ? -16.046 2.854   5.095   1.00 54.91 ? 616 HOH A O   1 
HETATM 1310 O O   . HOH C 3 .   ? 17.132  -6.413  -4.021  1.00 66.16 ? 617 HOH A O   1 
HETATM 1311 O O   . HOH C 3 .   ? -6.118  -8.401  12.424  1.00 58.15 ? 618 HOH A O   1 
HETATM 1312 O O   . HOH C 3 .   ? 2.318   13.148  -6.686  1.00 46.90 ? 619 HOH A O   1 
HETATM 1313 O O   . HOH C 3 .   ? -7.959  -0.039  20.127  1.00 66.69 ? 620 HOH A O   1 
HETATM 1314 O O   . HOH C 3 .   ? -15.238 10.614  -3.986  1.00 54.98 ? 621 HOH A O   1 
HETATM 1315 O O   . HOH C 3 .   ? -11.367 -3.135  5.927   1.00 60.60 ? 622 HOH A O   1 
HETATM 1316 O O   . HOH C 3 .   ? -4.246  -1.462  -12.899 1.00 63.78 ? 623 HOH A O   1 
HETATM 1317 O O   . HOH C 3 .   ? -11.501 -5.398  7.528   1.00 62.06 ? 624 HOH A O   1 
HETATM 1318 O O   . HOH C 3 .   ? -10.187 6.487   -4.233  1.00 42.67 ? 625 HOH A O   1 
# 
loop_
_pdbx_poly_seq_scheme.asym_id 
_pdbx_poly_seq_scheme.entity_id 
_pdbx_poly_seq_scheme.seq_id 
_pdbx_poly_seq_scheme.mon_id 
_pdbx_poly_seq_scheme.ndb_seq_num 
_pdbx_poly_seq_scheme.pdb_seq_num 
_pdbx_poly_seq_scheme.auth_seq_num 
_pdbx_poly_seq_scheme.pdb_mon_id 
_pdbx_poly_seq_scheme.auth_mon_id 
_pdbx_poly_seq_scheme.pdb_strand_id 
_pdbx_poly_seq_scheme.pdb_ins_code 
_pdbx_poly_seq_scheme.hetero 
A 1 1   GLY 1   1   ?   ?   ?   A . n 
A 1 2   THR 2   2   ?   ?   ?   A . n 
A 1 3   SER 3   3   3   SER SER A . n 
A 1 4   LEU 4   4   4   LEU LEU A . n 
A 1 5   THR 5   5   5   THR THR A . n 
A 1 6   ARG 6   6   6   ARG ARG A . n 
A 1 7   LYS 7   7   7   LYS LYS A . n 
A 1 8   GLN 8   8   8   GLN GLN A . n 
A 1 9   CYS 9   9   9   CYS CYS A . n 
A 1 10  ASP 10  10  10  ASP ASP A . n 
A 1 11  PHE 11  11  11  PHE PHE A . n 
A 1 12  THR 12  12  12  THR THR A . n 
A 1 13  LYS 13  13  13  LYS LYS A . n 
A 1 14  LEU 14  14  14  LEU LEU A . n 
A 1 15  ILE 15  15  15  ILE ILE A . n 
A 1 16  MET 16  16  16  MET MET A . n 
A 1 17  ALA 17  17  17  ALA ALA A . n 
A 1 18  GLY 18  18  18  GLY GLY A . n 
A 1 19  TYR 19  19  19  TYR TYR A . n 
A 1 20  ASP 20  20  20  ASP ASP A . n 
A 1 21  LEU 21  21  21  LEU LEU A . n 
A 1 22  GLU 22  22  22  GLU GLU A . n 
A 1 23  LEU 23  23  23  LEU LEU A . n 
A 1 24  ASN 24  24  24  ASN ASN A . n 
A 1 25  ASN 25  25  25  ASN ASN A . n 
A 1 26  GLY 26  26  26  GLY GLY A . n 
A 1 27  SER 27  27  27  SER SER A . n 
A 1 28  THR 28  28  28  THR THR A . n 
A 1 29  GLN 29  29  29  GLN GLN A . n 
A 1 30  ASP 30  30  30  ASP ASP A . n 
A 1 31  PHE 31  31  31  PHE PHE A . n 
A 1 32  ASP 32  32  32  ASP ASP A . n 
A 1 33  VAL 33  33  33  VAL VAL A . n 
A 1 34  MET 34  34  34  MET MET A . n 
A 1 35  PHE 35  35  35  PHE PHE A . n 
A 1 36  HIS 36  36  36  HIS HIS A . n 
A 1 37  GLY 37  37  37  GLY GLY A . n 
A 1 38  PRO 38  38  38  PRO PRO A . n 
A 1 39  ASN 39  39  39  ASN ASN A . n 
A 1 40  GLY 40  40  40  GLY GLY A . n 
A 1 41  THR 41  41  41  THR THR A . n 
A 1 42  ALA 42  42  42  ALA ALA A . n 
A 1 43  TYR 43  43  43  TYR TYR A . n 
A 1 44  GLU 44  44  44  GLU GLU A . n 
A 1 45  GLY 45  45  45  GLY GLY A . n 
A 1 46  GLY 46  46  46  GLY GLY A . n 
A 1 47  ILE 47  47  47  ILE ILE A . n 
A 1 48  TRP 48  48  48  TRP TRP A . n 
A 1 49  LYS 49  49  49  LYS LYS A . n 
A 1 50  VAL 50  50  50  VAL VAL A . n 
A 1 51  HIS 51  51  51  HIS HIS A . n 
A 1 52  VAL 52  52  52  VAL VAL A . n 
A 1 53  THR 53  53  53  THR THR A . n 
A 1 54  LEU 54  54  54  LEU LEU A . n 
A 1 55  PRO 55  55  55  PRO PRO A . n 
A 1 56  ASP 56  56  56  ASP ASP A . n 
A 1 57  ASP 57  57  57  ASP ASP A . n 
A 1 58  TYR 58  58  58  TYR TYR A . n 
A 1 59  PRO 59  59  59  PRO PRO A . n 
A 1 60  PHE 60  60  60  PHE PHE A . n 
A 1 61  ALA 61  61  61  ALA ALA A . n 
A 1 62  SER 62  62  62  SER SER A . n 
A 1 63  PRO 63  63  63  PRO PRO A . n 
A 1 64  SER 64  64  64  SER SER A . n 
A 1 65  ILE 65  65  65  ILE ILE A . n 
A 1 66  GLY 66  66  66  GLY GLY A . n 
A 1 67  PHE 67  67  67  PHE PHE A . n 
A 1 68  MET 68  68  68  MET MET A . n 
A 1 69  ASN 69  69  69  ASN ASN A . n 
A 1 70  LYS 70  70  70  LYS LYS A . n 
A 1 71  LEU 71  71  71  LEU LEU A . n 
A 1 72  LEU 72  72  72  LEU LEU A . n 
A 1 73  HIS 73  73  73  HIS HIS A . n 
A 1 74  PRO 74  74  74  PRO PRO A . n 
A 1 75  ASN 75  75  75  ASN ASN A . n 
A 1 76  VAL 76  76  76  VAL VAL A . n 
A 1 77  ASP 77  77  77  ASP ASP A . n 
A 1 78  GLU 78  78  78  GLU GLU A . n 
A 1 79  ALA 79  79  79  ALA ALA A . n 
A 1 80  SER 80  80  80  SER SER A . n 
A 1 81  GLY 81  81  81  GLY GLY A . n 
A 1 82  SER 82  82  82  SER SER A . n 
A 1 83  VAL 83  83  83  VAL VAL A . n 
A 1 84  CYS 84  84  84  CYS CYS A . n 
A 1 85  LEU 85  85  85  LEU LEU A . n 
A 1 86  ASP 86  86  86  ASP ASP A . n 
A 1 87  VAL 87  87  87  VAL VAL A . n 
A 1 88  ILE 88  88  88  ILE ILE A . n 
A 1 89  ASN 89  89  89  ASN ASN A . n 
A 1 90  GLN 90  90  90  GLN GLN A . n 
A 1 91  THR 91  91  91  THR THR A . n 
A 1 92  TRP 92  92  92  TRP TRP A . n 
A 1 93  THR 93  93  93  THR THR A . n 
A 1 94  PRO 94  94  94  PRO PRO A . n 
A 1 95  LEU 95  95  95  LEU LEU A . n 
A 1 96  TYR 96  96  96  TYR TYR A . n 
A 1 97  SER 97  97  97  SER SER A . n 
A 1 98  LEU 98  98  98  LEU LEU A . n 
A 1 99  VAL 99  99  99  VAL VAL A . n 
A 1 100 ASN 100 100 100 ASN ASN A . n 
A 1 101 VAL 101 101 101 VAL VAL A . n 
A 1 102 PHE 102 102 102 PHE PHE A . n 
A 1 103 GLU 103 103 103 GLU GLU A . n 
A 1 104 VAL 104 104 104 VAL VAL A . n 
A 1 105 PHE 105 105 105 PHE PHE A . n 
A 1 106 LEU 106 106 106 LEU LEU A . n 
A 1 107 PRO 107 107 107 PRO PRO A . n 
A 1 108 GLN 108 108 108 GLN GLN A . n 
A 1 109 LEU 109 109 109 LEU LEU A . n 
A 1 110 LEU 110 110 110 LEU LEU A . n 
A 1 111 THR 111 111 111 THR THR A . n 
A 1 112 TYR 112 112 112 TYR TYR A . n 
A 1 113 PRO 113 113 113 PRO PRO A . n 
A 1 114 ASN 114 114 114 ASN ASN A . n 
A 1 115 PRO 115 115 115 PRO PRO A . n 
A 1 116 SER 116 116 116 SER SER A . n 
A 1 117 ASP 117 117 117 ASP ASP A . n 
A 1 118 PRO 118 118 118 PRO PRO A . n 
A 1 119 LEU 119 119 119 LEU LEU A . n 
A 1 120 ASN 120 120 120 ASN ASN A . n 
A 1 121 SER 121 121 121 SER SER A . n 
A 1 122 ASP 122 122 122 ASP ASP A . n 
A 1 123 ALA 123 123 123 ALA ALA A . n 
A 1 124 ALA 124 124 124 ALA ALA A . n 
A 1 125 SER 125 125 125 SER SER A . n 
A 1 126 LEU 126 126 126 LEU LEU A . n 
A 1 127 LEU 127 127 127 LEU LEU A . n 
A 1 128 MET 128 128 128 MET MET A . n 
A 1 129 LYS 129 129 129 LYS LYS A . n 
A 1 130 ASP 130 130 130 ASP ASP A . n 
A 1 131 LYS 131 131 131 LYS LYS A . n 
A 1 132 ASN 132 132 132 ASN ASN A . n 
A 1 133 ILE 133 133 133 ILE ILE A . n 
A 1 134 TYR 134 134 134 TYR TYR A . n 
A 1 135 GLU 135 135 135 GLU GLU A . n 
A 1 136 GLU 136 136 136 GLU GLU A . n 
A 1 137 LYS 137 137 137 LYS LYS A . n 
A 1 138 VAL 138 138 138 VAL VAL A . n 
A 1 139 LYS 139 139 139 LYS LYS A . n 
A 1 140 GLU 140 140 140 GLU GLU A . n 
A 1 141 TYR 141 141 141 TYR TYR A . n 
A 1 142 VAL 142 142 142 VAL VAL A . n 
A 1 143 LYS 143 143 143 LYS LYS A . n 
A 1 144 LEU 144 144 144 LEU LEU A . n 
A 1 145 TYR 145 145 145 TYR TYR A . n 
A 1 146 ALA 146 146 146 ALA ALA A . n 
A 1 147 SER 147 147 147 SER SER A . n 
A 1 148 LYS 148 148 148 LYS LYS A . n 
A 1 149 ASP 149 149 149 ASP ASP A . n 
A 1 150 LEU 150 150 150 LEU LEU A . n 
A 1 151 TRP 151 151 151 TRP TRP A . n 
A 1 152 GLU 152 152 152 GLU GLU A . n 
# 
_pdbx_SG_project.id                    1 
_pdbx_SG_project.project_name          ? 
_pdbx_SG_project.full_name_of_center   'Structural Genomics Consortium' 
_pdbx_SG_project.initial_of_center     SGC 
# 
loop_
_pdbx_nonpoly_scheme.asym_id 
_pdbx_nonpoly_scheme.entity_id 
_pdbx_nonpoly_scheme.mon_id 
_pdbx_nonpoly_scheme.ndb_seq_num 
_pdbx_nonpoly_scheme.pdb_seq_num 
_pdbx_nonpoly_scheme.auth_seq_num 
_pdbx_nonpoly_scheme.pdb_mon_id 
_pdbx_nonpoly_scheme.auth_mon_id 
_pdbx_nonpoly_scheme.pdb_strand_id 
_pdbx_nonpoly_scheme.pdb_ins_code 
B 2 PG4 1   503 503 PG4 PG4 A . 
C 3 HOH 1   504 1   HOH HOH A . 
C 3 HOH 2   505 2   HOH HOH A . 
C 3 HOH 3   506 3   HOH HOH A . 
C 3 HOH 4   507 4   HOH HOH A . 
C 3 HOH 5   508 5   HOH HOH A . 
C 3 HOH 6   509 6   HOH HOH A . 
C 3 HOH 7   510 7   HOH HOH A . 
C 3 HOH 8   511 8   HOH HOH A . 
C 3 HOH 9   512 9   HOH HOH A . 
C 3 HOH 10  513 10  HOH HOH A . 
C 3 HOH 11  514 11  HOH HOH A . 
C 3 HOH 12  515 12  HOH HOH A . 
C 3 HOH 13  516 13  HOH HOH A . 
C 3 HOH 14  517 14  HOH HOH A . 
C 3 HOH 15  518 15  HOH HOH A . 
C 3 HOH 16  519 16  HOH HOH A . 
C 3 HOH 17  520 17  HOH HOH A . 
C 3 HOH 18  521 18  HOH HOH A . 
C 3 HOH 19  522 19  HOH HOH A . 
C 3 HOH 20  523 20  HOH HOH A . 
C 3 HOH 21  524 21  HOH HOH A . 
C 3 HOH 22  525 22  HOH HOH A . 
C 3 HOH 23  526 23  HOH HOH A . 
C 3 HOH 24  527 24  HOH HOH A . 
C 3 HOH 25  528 25  HOH HOH A . 
C 3 HOH 26  529 26  HOH HOH A . 
C 3 HOH 27  530 27  HOH HOH A . 
C 3 HOH 28  531 28  HOH HOH A . 
C 3 HOH 29  532 29  HOH HOH A . 
C 3 HOH 30  533 30  HOH HOH A . 
C 3 HOH 31  534 31  HOH HOH A . 
C 3 HOH 32  535 32  HOH HOH A . 
C 3 HOH 33  536 33  HOH HOH A . 
C 3 HOH 34  537 34  HOH HOH A . 
C 3 HOH 35  538 35  HOH HOH A . 
C 3 HOH 36  539 36  HOH HOH A . 
C 3 HOH 37  540 37  HOH HOH A . 
C 3 HOH 38  541 38  HOH HOH A . 
C 3 HOH 39  542 39  HOH HOH A . 
C 3 HOH 40  543 40  HOH HOH A . 
C 3 HOH 41  544 41  HOH HOH A . 
C 3 HOH 42  545 42  HOH HOH A . 
C 3 HOH 43  546 43  HOH HOH A . 
C 3 HOH 44  547 44  HOH HOH A . 
C 3 HOH 45  548 45  HOH HOH A . 
C 3 HOH 46  549 46  HOH HOH A . 
C 3 HOH 47  550 47  HOH HOH A . 
C 3 HOH 48  551 48  HOH HOH A . 
C 3 HOH 49  552 49  HOH HOH A . 
C 3 HOH 50  553 50  HOH HOH A . 
C 3 HOH 51  554 51  HOH HOH A . 
C 3 HOH 52  555 52  HOH HOH A . 
C 3 HOH 53  556 53  HOH HOH A . 
C 3 HOH 54  557 54  HOH HOH A . 
C 3 HOH 55  558 55  HOH HOH A . 
C 3 HOH 56  559 56  HOH HOH A . 
C 3 HOH 57  560 57  HOH HOH A . 
C 3 HOH 58  561 58  HOH HOH A . 
C 3 HOH 59  562 59  HOH HOH A . 
C 3 HOH 60  563 60  HOH HOH A . 
C 3 HOH 61  564 61  HOH HOH A . 
C 3 HOH 62  565 62  HOH HOH A . 
C 3 HOH 63  566 63  HOH HOH A . 
C 3 HOH 64  567 64  HOH HOH A . 
C 3 HOH 65  568 65  HOH HOH A . 
C 3 HOH 66  569 66  HOH HOH A . 
C 3 HOH 67  570 67  HOH HOH A . 
C 3 HOH 68  571 68  HOH HOH A . 
C 3 HOH 69  572 69  HOH HOH A . 
C 3 HOH 70  573 70  HOH HOH A . 
C 3 HOH 71  574 71  HOH HOH A . 
C 3 HOH 72  575 72  HOH HOH A . 
C 3 HOH 73  576 73  HOH HOH A . 
C 3 HOH 74  577 74  HOH HOH A . 
C 3 HOH 75  578 75  HOH HOH A . 
C 3 HOH 76  579 76  HOH HOH A . 
C 3 HOH 77  580 77  HOH HOH A . 
C 3 HOH 78  581 78  HOH HOH A . 
C 3 HOH 79  582 79  HOH HOH A . 
C 3 HOH 80  583 80  HOH HOH A . 
C 3 HOH 81  584 81  HOH HOH A . 
C 3 HOH 82  585 82  HOH HOH A . 
C 3 HOH 83  586 83  HOH HOH A . 
C 3 HOH 84  587 84  HOH HOH A . 
C 3 HOH 85  588 85  HOH HOH A . 
C 3 HOH 86  589 86  HOH HOH A . 
C 3 HOH 87  590 87  HOH HOH A . 
C 3 HOH 88  591 88  HOH HOH A . 
C 3 HOH 89  592 89  HOH HOH A . 
C 3 HOH 90  593 90  HOH HOH A . 
C 3 HOH 91  594 91  HOH HOH A . 
C 3 HOH 92  595 92  HOH HOH A . 
C 3 HOH 93  596 93  HOH HOH A . 
C 3 HOH 94  597 94  HOH HOH A . 
C 3 HOH 95  598 95  HOH HOH A . 
C 3 HOH 96  599 96  HOH HOH A . 
C 3 HOH 97  600 97  HOH HOH A . 
C 3 HOH 98  601 98  HOH HOH A . 
C 3 HOH 99  602 101 HOH HOH A . 
C 3 HOH 100 603 102 HOH HOH A . 
C 3 HOH 101 604 103 HOH HOH A . 
C 3 HOH 102 605 104 HOH HOH A . 
C 3 HOH 103 606 106 HOH HOH A . 
C 3 HOH 104 607 107 HOH HOH A . 
C 3 HOH 105 608 108 HOH HOH A . 
C 3 HOH 106 609 109 HOH HOH A . 
C 3 HOH 107 610 110 HOH HOH A . 
C 3 HOH 108 611 111 HOH HOH A . 
C 3 HOH 109 612 112 HOH HOH A . 
C 3 HOH 110 613 114 HOH HOH A . 
C 3 HOH 111 614 115 HOH HOH A . 
C 3 HOH 112 615 116 HOH HOH A . 
C 3 HOH 113 616 117 HOH HOH A . 
C 3 HOH 114 617 118 HOH HOH A . 
C 3 HOH 115 618 119 HOH HOH A . 
C 3 HOH 116 619 120 HOH HOH A . 
C 3 HOH 117 620 121 HOH HOH A . 
C 3 HOH 118 621 123 HOH HOH A . 
C 3 HOH 119 622 124 HOH HOH A . 
C 3 HOH 120 623 126 HOH HOH A . 
C 3 HOH 121 624 129 HOH HOH A . 
C 3 HOH 122 625 130 HOH HOH A . 
# 
_pdbx_struct_assembly.id                   1 
_pdbx_struct_assembly.details              author_defined_assembly 
_pdbx_struct_assembly.method_details       ? 
_pdbx_struct_assembly.oligomeric_details   monomeric 
_pdbx_struct_assembly.oligomeric_count     1 
# 
_pdbx_struct_assembly_gen.assembly_id       1 
_pdbx_struct_assembly_gen.oper_expression   1 
_pdbx_struct_assembly_gen.asym_id_list      A,B,C 
# 
_pdbx_struct_oper_list.id                   1 
_pdbx_struct_oper_list.type                 'identity operation' 
_pdbx_struct_oper_list.name                 1_555 
_pdbx_struct_oper_list.symmetry_operation   x,y,z 
_pdbx_struct_oper_list.matrix[1][1]         1.0000000000 
_pdbx_struct_oper_list.matrix[1][2]         0.0000000000 
_pdbx_struct_oper_list.matrix[1][3]         0.0000000000 
_pdbx_struct_oper_list.vector[1]            0.0000000000 
_pdbx_struct_oper_list.matrix[2][1]         0.0000000000 
_pdbx_struct_oper_list.matrix[2][2]         1.0000000000 
_pdbx_struct_oper_list.matrix[2][3]         0.0000000000 
_pdbx_struct_oper_list.vector[2]            0.0000000000 
_pdbx_struct_oper_list.matrix[3][1]         0.0000000000 
_pdbx_struct_oper_list.matrix[3][2]         0.0000000000 
_pdbx_struct_oper_list.matrix[3][3]         1.0000000000 
_pdbx_struct_oper_list.vector[3]            0.0000000000 
# 
loop_
_pdbx_audit_revision_history.ordinal 
_pdbx_audit_revision_history.data_content_type 
_pdbx_audit_revision_history.major_revision 
_pdbx_audit_revision_history.minor_revision 
_pdbx_audit_revision_history.revision_date 
1 'Structure model' 1 0 2007-02-06 
2 'Structure model' 1 1 2008-05-01 
3 'Structure model' 1 2 2011-07-13 
4 'Structure model' 1 3 2017-10-18 
5 'Structure model' 1 4 2023-08-30 
# 
_pdbx_audit_revision_details.ordinal             1 
_pdbx_audit_revision_details.revision_ordinal    1 
_pdbx_audit_revision_details.data_content_type   'Structure model' 
_pdbx_audit_revision_details.provider            repository 
_pdbx_audit_revision_details.type                'Initial release' 
_pdbx_audit_revision_details.description         ? 
_pdbx_audit_revision_details.details             ? 
# 
loop_
_pdbx_audit_revision_group.ordinal 
_pdbx_audit_revision_group.revision_ordinal 
_pdbx_audit_revision_group.data_content_type 
_pdbx_audit_revision_group.group 
1 2 'Structure model' 'Version format compliance' 
2 3 'Structure model' 'Source and taxonomy'       
3 3 'Structure model' 'Version format compliance' 
4 4 'Structure model' 'Refinement description'    
5 5 'Structure model' 'Data collection'           
6 5 'Structure model' 'Database references'       
7 5 'Structure model' 'Derived calculations'      
8 5 'Structure model' 'Refinement description'    
# 
loop_
_pdbx_audit_revision_category.ordinal 
_pdbx_audit_revision_category.revision_ordinal 
_pdbx_audit_revision_category.data_content_type 
_pdbx_audit_revision_category.category 
1 4 'Structure model' software                      
2 5 'Structure model' chem_comp_atom                
3 5 'Structure model' chem_comp_bond                
4 5 'Structure model' database_2                    
5 5 'Structure model' pdbx_initial_refinement_model 
6 5 'Structure model' struct_ref_seq_dif            
7 5 'Structure model' struct_site                   
# 
loop_
_pdbx_audit_revision_item.ordinal 
_pdbx_audit_revision_item.revision_ordinal 
_pdbx_audit_revision_item.data_content_type 
_pdbx_audit_revision_item.item 
1 4 'Structure model' '_software.name'                      
2 5 'Structure model' '_database_2.pdbx_DOI'                
3 5 'Structure model' '_database_2.pdbx_database_accession' 
4 5 'Structure model' '_struct_ref_seq_dif.details'         
5 5 'Structure model' '_struct_site.pdbx_auth_asym_id'      
6 5 'Structure model' '_struct_site.pdbx_auth_comp_id'      
7 5 'Structure model' '_struct_site.pdbx_auth_seq_id'       
# 
loop_
_software.name 
_software.classification 
_software.version 
_software.citation_id 
_software.pdbx_ordinal 
REFMAC      refinement        5.2.0019 ? 1 
SBC-Collect 'data collection' .        ? 2 
HKL-2000    'data reduction'  .        ? 3 
HKL-2000    'data scaling'    .        ? 4 
PHASER      phasing           .        ? 5 
# 
_pdbx_database_remark.id     300 
_pdbx_database_remark.text   
;
BIOMOLECULE: 1
THIS ENTRY CONTAINS THE CRYSTALLOGRAPHIC ASYMMETRIC UNIT
WHICH CONSISTS OF 1 CHAIN. AUTHORS STATE THAT THE
BIOLOGICAL UNIT OF THIS PROTEIN IS UNKNOWN.
;
# 
_pdbx_validate_close_contact.id               1 
_pdbx_validate_close_contact.PDB_model_num    1 
_pdbx_validate_close_contact.auth_atom_id_1   O 
_pdbx_validate_close_contact.auth_asym_id_1   A 
_pdbx_validate_close_contact.auth_comp_id_1   HOH 
_pdbx_validate_close_contact.auth_seq_id_1    575 
_pdbx_validate_close_contact.PDB_ins_code_1   ? 
_pdbx_validate_close_contact.label_alt_id_1   ? 
_pdbx_validate_close_contact.auth_atom_id_2   O 
_pdbx_validate_close_contact.auth_asym_id_2   A 
_pdbx_validate_close_contact.auth_comp_id_2   HOH 
_pdbx_validate_close_contact.auth_seq_id_2    625 
_pdbx_validate_close_contact.PDB_ins_code_2   ? 
_pdbx_validate_close_contact.label_alt_id_2   ? 
_pdbx_validate_close_contact.dist             2.16 
# 
loop_
_pdbx_validate_torsion.id 
_pdbx_validate_torsion.PDB_model_num 
_pdbx_validate_torsion.auth_comp_id 
_pdbx_validate_torsion.auth_asym_id 
_pdbx_validate_torsion.auth_seq_id 
_pdbx_validate_torsion.PDB_ins_code 
_pdbx_validate_torsion.label_alt_id 
_pdbx_validate_torsion.phi 
_pdbx_validate_torsion.psi 
1 1 VAL A 104 ? ? -126.30 -56.73 
2 1 PRO A 115 ? ? -62.37  3.63   
3 1 ALA A 146 ? ? -147.02 31.90  
# 
loop_
_pdbx_unobs_or_zero_occ_atoms.id 
_pdbx_unobs_or_zero_occ_atoms.PDB_model_num 
_pdbx_unobs_or_zero_occ_atoms.polymer_flag 
_pdbx_unobs_or_zero_occ_atoms.occupancy_flag 
_pdbx_unobs_or_zero_occ_atoms.auth_asym_id 
_pdbx_unobs_or_zero_occ_atoms.auth_comp_id 
_pdbx_unobs_or_zero_occ_atoms.auth_seq_id 
_pdbx_unobs_or_zero_occ_atoms.PDB_ins_code 
_pdbx_unobs_or_zero_occ_atoms.auth_atom_id 
_pdbx_unobs_or_zero_occ_atoms.label_alt_id 
_pdbx_unobs_or_zero_occ_atoms.label_asym_id 
_pdbx_unobs_or_zero_occ_atoms.label_comp_id 
_pdbx_unobs_or_zero_occ_atoms.label_seq_id 
_pdbx_unobs_or_zero_occ_atoms.label_atom_id 
1  1 Y 1 A SER 116 ? OG  ? A SER 116 OG  
2  1 Y 1 A ASP 117 ? CG  ? A ASP 117 CG  
3  1 Y 1 A ASP 117 ? OD1 ? A ASP 117 OD1 
4  1 Y 1 A ASP 117 ? OD2 ? A ASP 117 OD2 
5  1 Y 1 A LYS 148 ? CG  ? A LYS 148 CG  
6  1 Y 1 A LYS 148 ? CD  ? A LYS 148 CD  
7  1 Y 1 A LYS 148 ? CE  ? A LYS 148 CE  
8  1 Y 1 A LYS 148 ? NZ  ? A LYS 148 NZ  
9  1 Y 1 A GLU 152 ? CD  ? A GLU 152 CD  
10 1 Y 1 A GLU 152 ? OE1 ? A GLU 152 OE1 
11 1 Y 1 A GLU 152 ? OE2 ? A GLU 152 OE2 
# 
loop_
_pdbx_unobs_or_zero_occ_residues.id 
_pdbx_unobs_or_zero_occ_residues.PDB_model_num 
_pdbx_unobs_or_zero_occ_residues.polymer_flag 
_pdbx_unobs_or_zero_occ_residues.occupancy_flag 
_pdbx_unobs_or_zero_occ_residues.auth_asym_id 
_pdbx_unobs_or_zero_occ_residues.auth_comp_id 
_pdbx_unobs_or_zero_occ_residues.auth_seq_id 
_pdbx_unobs_or_zero_occ_residues.PDB_ins_code 
_pdbx_unobs_or_zero_occ_residues.label_asym_id 
_pdbx_unobs_or_zero_occ_residues.label_comp_id 
_pdbx_unobs_or_zero_occ_residues.label_seq_id 
1 1 Y 1 A GLY 1 ? A GLY 1 
2 1 Y 1 A THR 2 ? A THR 2 
# 
loop_
_chem_comp_atom.comp_id 
_chem_comp_atom.atom_id 
_chem_comp_atom.type_symbol 
_chem_comp_atom.pdbx_aromatic_flag 
_chem_comp_atom.pdbx_stereo_config 
_chem_comp_atom.pdbx_ordinal 
ALA N    N N N 1   
ALA CA   C N S 2   
ALA C    C N N 3   
ALA O    O N N 4   
ALA CB   C N N 5   
ALA OXT  O N N 6   
ALA H    H N N 7   
ALA H2   H N N 8   
ALA HA   H N N 9   
ALA HB1  H N N 10  
ALA HB2  H N N 11  
ALA HB3  H N N 12  
ALA HXT  H N N 13  
ARG N    N N N 14  
ARG CA   C N S 15  
ARG C    C N N 16  
ARG O    O N N 17  
ARG CB   C N N 18  
ARG CG   C N N 19  
ARG CD   C N N 20  
ARG NE   N N N 21  
ARG CZ   C N N 22  
ARG NH1  N N N 23  
ARG NH2  N N N 24  
ARG OXT  O N N 25  
ARG H    H N N 26  
ARG H2   H N N 27  
ARG HA   H N N 28  
ARG HB2  H N N 29  
ARG HB3  H N N 30  
ARG HG2  H N N 31  
ARG HG3  H N N 32  
ARG HD2  H N N 33  
ARG HD3  H N N 34  
ARG HE   H N N 35  
ARG HH11 H N N 36  
ARG HH12 H N N 37  
ARG HH21 H N N 38  
ARG HH22 H N N 39  
ARG HXT  H N N 40  
ASN N    N N N 41  
ASN CA   C N S 42  
ASN C    C N N 43  
ASN O    O N N 44  
ASN CB   C N N 45  
ASN CG   C N N 46  
ASN OD1  O N N 47  
ASN ND2  N N N 48  
ASN OXT  O N N 49  
ASN H    H N N 50  
ASN H2   H N N 51  
ASN HA   H N N 52  
ASN HB2  H N N 53  
ASN HB3  H N N 54  
ASN HD21 H N N 55  
ASN HD22 H N N 56  
ASN HXT  H N N 57  
ASP N    N N N 58  
ASP CA   C N S 59  
ASP C    C N N 60  
ASP O    O N N 61  
ASP CB   C N N 62  
ASP CG   C N N 63  
ASP OD1  O N N 64  
ASP OD2  O N N 65  
ASP OXT  O N N 66  
ASP H    H N N 67  
ASP H2   H N N 68  
ASP HA   H N N 69  
ASP HB2  H N N 70  
ASP HB3  H N N 71  
ASP HD2  H N N 72  
ASP HXT  H N N 73  
CYS N    N N N 74  
CYS CA   C N R 75  
CYS C    C N N 76  
CYS O    O N N 77  
CYS CB   C N N 78  
CYS SG   S N N 79  
CYS OXT  O N N 80  
CYS H    H N N 81  
CYS H2   H N N 82  
CYS HA   H N N 83  
CYS HB2  H N N 84  
CYS HB3  H N N 85  
CYS HG   H N N 86  
CYS HXT  H N N 87  
GLN N    N N N 88  
GLN CA   C N S 89  
GLN C    C N N 90  
GLN O    O N N 91  
GLN CB   C N N 92  
GLN CG   C N N 93  
GLN CD   C N N 94  
GLN OE1  O N N 95  
GLN NE2  N N N 96  
GLN OXT  O N N 97  
GLN H    H N N 98  
GLN H2   H N N 99  
GLN HA   H N N 100 
GLN HB2  H N N 101 
GLN HB3  H N N 102 
GLN HG2  H N N 103 
GLN HG3  H N N 104 
GLN HE21 H N N 105 
GLN HE22 H N N 106 
GLN HXT  H N N 107 
GLU N    N N N 108 
GLU CA   C N S 109 
GLU C    C N N 110 
GLU O    O N N 111 
GLU CB   C N N 112 
GLU CG   C N N 113 
GLU CD   C N N 114 
GLU OE1  O N N 115 
GLU OE2  O N N 116 
GLU OXT  O N N 117 
GLU H    H N N 118 
GLU H2   H N N 119 
GLU HA   H N N 120 
GLU HB2  H N N 121 
GLU HB3  H N N 122 
GLU HG2  H N N 123 
GLU HG3  H N N 124 
GLU HE2  H N N 125 
GLU HXT  H N N 126 
GLY N    N N N 127 
GLY CA   C N N 128 
GLY C    C N N 129 
GLY O    O N N 130 
GLY OXT  O N N 131 
GLY H    H N N 132 
GLY H2   H N N 133 
GLY HA2  H N N 134 
GLY HA3  H N N 135 
GLY HXT  H N N 136 
HIS N    N N N 137 
HIS CA   C N S 138 
HIS C    C N N 139 
HIS O    O N N 140 
HIS CB   C N N 141 
HIS CG   C Y N 142 
HIS ND1  N Y N 143 
HIS CD2  C Y N 144 
HIS CE1  C Y N 145 
HIS NE2  N Y N 146 
HIS OXT  O N N 147 
HIS H    H N N 148 
HIS H2   H N N 149 
HIS HA   H N N 150 
HIS HB2  H N N 151 
HIS HB3  H N N 152 
HIS HD1  H N N 153 
HIS HD2  H N N 154 
HIS HE1  H N N 155 
HIS HE2  H N N 156 
HIS HXT  H N N 157 
HOH O    O N N 158 
HOH H1   H N N 159 
HOH H2   H N N 160 
ILE N    N N N 161 
ILE CA   C N S 162 
ILE C    C N N 163 
ILE O    O N N 164 
ILE CB   C N S 165 
ILE CG1  C N N 166 
ILE CG2  C N N 167 
ILE CD1  C N N 168 
ILE OXT  O N N 169 
ILE H    H N N 170 
ILE H2   H N N 171 
ILE HA   H N N 172 
ILE HB   H N N 173 
ILE HG12 H N N 174 
ILE HG13 H N N 175 
ILE HG21 H N N 176 
ILE HG22 H N N 177 
ILE HG23 H N N 178 
ILE HD11 H N N 179 
ILE HD12 H N N 180 
ILE HD13 H N N 181 
ILE HXT  H N N 182 
LEU N    N N N 183 
LEU CA   C N S 184 
LEU C    C N N 185 
LEU O    O N N 186 
LEU CB   C N N 187 
LEU CG   C N N 188 
LEU CD1  C N N 189 
LEU CD2  C N N 190 
LEU OXT  O N N 191 
LEU H    H N N 192 
LEU H2   H N N 193 
LEU HA   H N N 194 
LEU HB2  H N N 195 
LEU HB3  H N N 196 
LEU HG   H N N 197 
LEU HD11 H N N 198 
LEU HD12 H N N 199 
LEU HD13 H N N 200 
LEU HD21 H N N 201 
LEU HD22 H N N 202 
LEU HD23 H N N 203 
LEU HXT  H N N 204 
LYS N    N N N 205 
LYS CA   C N S 206 
LYS C    C N N 207 
LYS O    O N N 208 
LYS CB   C N N 209 
LYS CG   C N N 210 
LYS CD   C N N 211 
LYS CE   C N N 212 
LYS NZ   N N N 213 
LYS OXT  O N N 214 
LYS H    H N N 215 
LYS H2   H N N 216 
LYS HA   H N N 217 
LYS HB2  H N N 218 
LYS HB3  H N N 219 
LYS HG2  H N N 220 
LYS HG3  H N N 221 
LYS HD2  H N N 222 
LYS HD3  H N N 223 
LYS HE2  H N N 224 
LYS HE3  H N N 225 
LYS HZ1  H N N 226 
LYS HZ2  H N N 227 
LYS HZ3  H N N 228 
LYS HXT  H N N 229 
MET N    N N N 230 
MET CA   C N S 231 
MET C    C N N 232 
MET O    O N N 233 
MET CB   C N N 234 
MET CG   C N N 235 
MET SD   S N N 236 
MET CE   C N N 237 
MET OXT  O N N 238 
MET H    H N N 239 
MET H2   H N N 240 
MET HA   H N N 241 
MET HB2  H N N 242 
MET HB3  H N N 243 
MET HG2  H N N 244 
MET HG3  H N N 245 
MET HE1  H N N 246 
MET HE2  H N N 247 
MET HE3  H N N 248 
MET HXT  H N N 249 
PG4 O1   O N N 250 
PG4 C1   C N N 251 
PG4 C2   C N N 252 
PG4 O2   O N N 253 
PG4 C3   C N N 254 
PG4 C4   C N N 255 
PG4 O3   O N N 256 
PG4 C5   C N N 257 
PG4 C6   C N N 258 
PG4 O4   O N N 259 
PG4 C7   C N N 260 
PG4 C8   C N N 261 
PG4 O5   O N N 262 
PG4 HO1  H N N 263 
PG4 H11  H N N 264 
PG4 H12  H N N 265 
PG4 H21  H N N 266 
PG4 H22  H N N 267 
PG4 H31  H N N 268 
PG4 H32  H N N 269 
PG4 H41  H N N 270 
PG4 H42  H N N 271 
PG4 H51  H N N 272 
PG4 H52  H N N 273 
PG4 H61  H N N 274 
PG4 H62  H N N 275 
PG4 H71  H N N 276 
PG4 H72  H N N 277 
PG4 H81  H N N 278 
PG4 H82  H N N 279 
PG4 HO5  H N N 280 
PHE N    N N N 281 
PHE CA   C N S 282 
PHE C    C N N 283 
PHE O    O N N 284 
PHE CB   C N N 285 
PHE CG   C Y N 286 
PHE CD1  C Y N 287 
PHE CD2  C Y N 288 
PHE CE1  C Y N 289 
PHE CE2  C Y N 290 
PHE CZ   C Y N 291 
PHE OXT  O N N 292 
PHE H    H N N 293 
PHE H2   H N N 294 
PHE HA   H N N 295 
PHE HB2  H N N 296 
PHE HB3  H N N 297 
PHE HD1  H N N 298 
PHE HD2  H N N 299 
PHE HE1  H N N 300 
PHE HE2  H N N 301 
PHE HZ   H N N 302 
PHE HXT  H N N 303 
PRO N    N N N 304 
PRO CA   C N S 305 
PRO C    C N N 306 
PRO O    O N N 307 
PRO CB   C N N 308 
PRO CG   C N N 309 
PRO CD   C N N 310 
PRO OXT  O N N 311 
PRO H    H N N 312 
PRO HA   H N N 313 
PRO HB2  H N N 314 
PRO HB3  H N N 315 
PRO HG2  H N N 316 
PRO HG3  H N N 317 
PRO HD2  H N N 318 
PRO HD3  H N N 319 
PRO HXT  H N N 320 
SER N    N N N 321 
SER CA   C N S 322 
SER C    C N N 323 
SER O    O N N 324 
SER CB   C N N 325 
SER OG   O N N 326 
SER OXT  O N N 327 
SER H    H N N 328 
SER H2   H N N 329 
SER HA   H N N 330 
SER HB2  H N N 331 
SER HB3  H N N 332 
SER HG   H N N 333 
SER HXT  H N N 334 
THR N    N N N 335 
THR CA   C N S 336 
THR C    C N N 337 
THR O    O N N 338 
THR CB   C N R 339 
THR OG1  O N N 340 
THR CG2  C N N 341 
THR OXT  O N N 342 
THR H    H N N 343 
THR H2   H N N 344 
THR HA   H N N 345 
THR HB   H N N 346 
THR HG1  H N N 347 
THR HG21 H N N 348 
THR HG22 H N N 349 
THR HG23 H N N 350 
THR HXT  H N N 351 
TRP N    N N N 352 
TRP CA   C N S 353 
TRP C    C N N 354 
TRP O    O N N 355 
TRP CB   C N N 356 
TRP CG   C Y N 357 
TRP CD1  C Y N 358 
TRP CD2  C Y N 359 
TRP NE1  N Y N 360 
TRP CE2  C Y N 361 
TRP CE3  C Y N 362 
TRP CZ2  C Y N 363 
TRP CZ3  C Y N 364 
TRP CH2  C Y N 365 
TRP OXT  O N N 366 
TRP H    H N N 367 
TRP H2   H N N 368 
TRP HA   H N N 369 
TRP HB2  H N N 370 
TRP HB3  H N N 371 
TRP HD1  H N N 372 
TRP HE1  H N N 373 
TRP HE3  H N N 374 
TRP HZ2  H N N 375 
TRP HZ3  H N N 376 
TRP HH2  H N N 377 
TRP HXT  H N N 378 
TYR N    N N N 379 
TYR CA   C N S 380 
TYR C    C N N 381 
TYR O    O N N 382 
TYR CB   C N N 383 
TYR CG   C Y N 384 
TYR CD1  C Y N 385 
TYR CD2  C Y N 386 
TYR CE1  C Y N 387 
TYR CE2  C Y N 388 
TYR CZ   C Y N 389 
TYR OH   O N N 390 
TYR OXT  O N N 391 
TYR H    H N N 392 
TYR H2   H N N 393 
TYR HA   H N N 394 
TYR HB2  H N N 395 
TYR HB3  H N N 396 
TYR HD1  H N N 397 
TYR HD2  H N N 398 
TYR HE1  H N N 399 
TYR HE2  H N N 400 
TYR HH   H N N 401 
TYR HXT  H N N 402 
VAL N    N N N 403 
VAL CA   C N S 404 
VAL C    C N N 405 
VAL O    O N N 406 
VAL CB   C N N 407 
VAL CG1  C N N 408 
VAL CG2  C N N 409 
VAL OXT  O N N 410 
VAL H    H N N 411 
VAL H2   H N N 412 
VAL HA   H N N 413 
VAL HB   H N N 414 
VAL HG11 H N N 415 
VAL HG12 H N N 416 
VAL HG13 H N N 417 
VAL HG21 H N N 418 
VAL HG22 H N N 419 
VAL HG23 H N N 420 
VAL HXT  H N N 421 
# 
loop_
_chem_comp_bond.comp_id 
_chem_comp_bond.atom_id_1 
_chem_comp_bond.atom_id_2 
_chem_comp_bond.value_order 
_chem_comp_bond.pdbx_aromatic_flag 
_chem_comp_bond.pdbx_stereo_config 
_chem_comp_bond.pdbx_ordinal 
ALA N   CA   sing N N 1   
ALA N   H    sing N N 2   
ALA N   H2   sing N N 3   
ALA CA  C    sing N N 4   
ALA CA  CB   sing N N 5   
ALA CA  HA   sing N N 6   
ALA C   O    doub N N 7   
ALA C   OXT  sing N N 8   
ALA CB  HB1  sing N N 9   
ALA CB  HB2  sing N N 10  
ALA CB  HB3  sing N N 11  
ALA OXT HXT  sing N N 12  
ARG N   CA   sing N N 13  
ARG N   H    sing N N 14  
ARG N   H2   sing N N 15  
ARG CA  C    sing N N 16  
ARG CA  CB   sing N N 17  
ARG CA  HA   sing N N 18  
ARG C   O    doub N N 19  
ARG C   OXT  sing N N 20  
ARG CB  CG   sing N N 21  
ARG CB  HB2  sing N N 22  
ARG CB  HB3  sing N N 23  
ARG CG  CD   sing N N 24  
ARG CG  HG2  sing N N 25  
ARG CG  HG3  sing N N 26  
ARG CD  NE   sing N N 27  
ARG CD  HD2  sing N N 28  
ARG CD  HD3  sing N N 29  
ARG NE  CZ   sing N N 30  
ARG NE  HE   sing N N 31  
ARG CZ  NH1  sing N N 32  
ARG CZ  NH2  doub N N 33  
ARG NH1 HH11 sing N N 34  
ARG NH1 HH12 sing N N 35  
ARG NH2 HH21 sing N N 36  
ARG NH2 HH22 sing N N 37  
ARG OXT HXT  sing N N 38  
ASN N   CA   sing N N 39  
ASN N   H    sing N N 40  
ASN N   H2   sing N N 41  
ASN CA  C    sing N N 42  
ASN CA  CB   sing N N 43  
ASN CA  HA   sing N N 44  
ASN C   O    doub N N 45  
ASN C   OXT  sing N N 46  
ASN CB  CG   sing N N 47  
ASN CB  HB2  sing N N 48  
ASN CB  HB3  sing N N 49  
ASN CG  OD1  doub N N 50  
ASN CG  ND2  sing N N 51  
ASN ND2 HD21 sing N N 52  
ASN ND2 HD22 sing N N 53  
ASN OXT HXT  sing N N 54  
ASP N   CA   sing N N 55  
ASP N   H    sing N N 56  
ASP N   H2   sing N N 57  
ASP CA  C    sing N N 58  
ASP CA  CB   sing N N 59  
ASP CA  HA   sing N N 60  
ASP C   O    doub N N 61  
ASP C   OXT  sing N N 62  
ASP CB  CG   sing N N 63  
ASP CB  HB2  sing N N 64  
ASP CB  HB3  sing N N 65  
ASP CG  OD1  doub N N 66  
ASP CG  OD2  sing N N 67  
ASP OD2 HD2  sing N N 68  
ASP OXT HXT  sing N N 69  
CYS N   CA   sing N N 70  
CYS N   H    sing N N 71  
CYS N   H2   sing N N 72  
CYS CA  C    sing N N 73  
CYS CA  CB   sing N N 74  
CYS CA  HA   sing N N 75  
CYS C   O    doub N N 76  
CYS C   OXT  sing N N 77  
CYS CB  SG   sing N N 78  
CYS CB  HB2  sing N N 79  
CYS CB  HB3  sing N N 80  
CYS SG  HG   sing N N 81  
CYS OXT HXT  sing N N 82  
GLN N   CA   sing N N 83  
GLN N   H    sing N N 84  
GLN N   H2   sing N N 85  
GLN CA  C    sing N N 86  
GLN CA  CB   sing N N 87  
GLN CA  HA   sing N N 88  
GLN C   O    doub N N 89  
GLN C   OXT  sing N N 90  
GLN CB  CG   sing N N 91  
GLN CB  HB2  sing N N 92  
GLN CB  HB3  sing N N 93  
GLN CG  CD   sing N N 94  
GLN CG  HG2  sing N N 95  
GLN CG  HG3  sing N N 96  
GLN CD  OE1  doub N N 97  
GLN CD  NE2  sing N N 98  
GLN NE2 HE21 sing N N 99  
GLN NE2 HE22 sing N N 100 
GLN OXT HXT  sing N N 101 
GLU N   CA   sing N N 102 
GLU N   H    sing N N 103 
GLU N   H2   sing N N 104 
GLU CA  C    sing N N 105 
GLU CA  CB   sing N N 106 
GLU CA  HA   sing N N 107 
GLU C   O    doub N N 108 
GLU C   OXT  sing N N 109 
GLU CB  CG   sing N N 110 
GLU CB  HB2  sing N N 111 
GLU CB  HB3  sing N N 112 
GLU CG  CD   sing N N 113 
GLU CG  HG2  sing N N 114 
GLU CG  HG3  sing N N 115 
GLU CD  OE1  doub N N 116 
GLU CD  OE2  sing N N 117 
GLU OE2 HE2  sing N N 118 
GLU OXT HXT  sing N N 119 
GLY N   CA   sing N N 120 
GLY N   H    sing N N 121 
GLY N   H2   sing N N 122 
GLY CA  C    sing N N 123 
GLY CA  HA2  sing N N 124 
GLY CA  HA3  sing N N 125 
GLY C   O    doub N N 126 
GLY C   OXT  sing N N 127 
GLY OXT HXT  sing N N 128 
HIS N   CA   sing N N 129 
HIS N   H    sing N N 130 
HIS N   H2   sing N N 131 
HIS CA  C    sing N N 132 
HIS CA  CB   sing N N 133 
HIS CA  HA   sing N N 134 
HIS C   O    doub N N 135 
HIS C   OXT  sing N N 136 
HIS CB  CG   sing N N 137 
HIS CB  HB2  sing N N 138 
HIS CB  HB3  sing N N 139 
HIS CG  ND1  sing Y N 140 
HIS CG  CD2  doub Y N 141 
HIS ND1 CE1  doub Y N 142 
HIS ND1 HD1  sing N N 143 
HIS CD2 NE2  sing Y N 144 
HIS CD2 HD2  sing N N 145 
HIS CE1 NE2  sing Y N 146 
HIS CE1 HE1  sing N N 147 
HIS NE2 HE2  sing N N 148 
HIS OXT HXT  sing N N 149 
HOH O   H1   sing N N 150 
HOH O   H2   sing N N 151 
ILE N   CA   sing N N 152 
ILE N   H    sing N N 153 
ILE N   H2   sing N N 154 
ILE CA  C    sing N N 155 
ILE CA  CB   sing N N 156 
ILE CA  HA   sing N N 157 
ILE C   O    doub N N 158 
ILE C   OXT  sing N N 159 
ILE CB  CG1  sing N N 160 
ILE CB  CG2  sing N N 161 
ILE CB  HB   sing N N 162 
ILE CG1 CD1  sing N N 163 
ILE CG1 HG12 sing N N 164 
ILE CG1 HG13 sing N N 165 
ILE CG2 HG21 sing N N 166 
ILE CG2 HG22 sing N N 167 
ILE CG2 HG23 sing N N 168 
ILE CD1 HD11 sing N N 169 
ILE CD1 HD12 sing N N 170 
ILE CD1 HD13 sing N N 171 
ILE OXT HXT  sing N N 172 
LEU N   CA   sing N N 173 
LEU N   H    sing N N 174 
LEU N   H2   sing N N 175 
LEU CA  C    sing N N 176 
LEU CA  CB   sing N N 177 
LEU CA  HA   sing N N 178 
LEU C   O    doub N N 179 
LEU C   OXT  sing N N 180 
LEU CB  CG   sing N N 181 
LEU CB  HB2  sing N N 182 
LEU CB  HB3  sing N N 183 
LEU CG  CD1  sing N N 184 
LEU CG  CD2  sing N N 185 
LEU CG  HG   sing N N 186 
LEU CD1 HD11 sing N N 187 
LEU CD1 HD12 sing N N 188 
LEU CD1 HD13 sing N N 189 
LEU CD2 HD21 sing N N 190 
LEU CD2 HD22 sing N N 191 
LEU CD2 HD23 sing N N 192 
LEU OXT HXT  sing N N 193 
LYS N   CA   sing N N 194 
LYS N   H    sing N N 195 
LYS N   H2   sing N N 196 
LYS CA  C    sing N N 197 
LYS CA  CB   sing N N 198 
LYS CA  HA   sing N N 199 
LYS C   O    doub N N 200 
LYS C   OXT  sing N N 201 
LYS CB  CG   sing N N 202 
LYS CB  HB2  sing N N 203 
LYS CB  HB3  sing N N 204 
LYS CG  CD   sing N N 205 
LYS CG  HG2  sing N N 206 
LYS CG  HG3  sing N N 207 
LYS CD  CE   sing N N 208 
LYS CD  HD2  sing N N 209 
LYS CD  HD3  sing N N 210 
LYS CE  NZ   sing N N 211 
LYS CE  HE2  sing N N 212 
LYS CE  HE3  sing N N 213 
LYS NZ  HZ1  sing N N 214 
LYS NZ  HZ2  sing N N 215 
LYS NZ  HZ3  sing N N 216 
LYS OXT HXT  sing N N 217 
MET N   CA   sing N N 218 
MET N   H    sing N N 219 
MET N   H2   sing N N 220 
MET CA  C    sing N N 221 
MET CA  CB   sing N N 222 
MET CA  HA   sing N N 223 
MET C   O    doub N N 224 
MET C   OXT  sing N N 225 
MET CB  CG   sing N N 226 
MET CB  HB2  sing N N 227 
MET CB  HB3  sing N N 228 
MET CG  SD   sing N N 229 
MET CG  HG2  sing N N 230 
MET CG  HG3  sing N N 231 
MET SD  CE   sing N N 232 
MET CE  HE1  sing N N 233 
MET CE  HE2  sing N N 234 
MET CE  HE3  sing N N 235 
MET OXT HXT  sing N N 236 
PG4 O1  C1   sing N N 237 
PG4 O1  HO1  sing N N 238 
PG4 C1  C2   sing N N 239 
PG4 C1  H11  sing N N 240 
PG4 C1  H12  sing N N 241 
PG4 C2  O2   sing N N 242 
PG4 C2  H21  sing N N 243 
PG4 C2  H22  sing N N 244 
PG4 O2  C3   sing N N 245 
PG4 C3  C4   sing N N 246 
PG4 C3  H31  sing N N 247 
PG4 C3  H32  sing N N 248 
PG4 C4  O3   sing N N 249 
PG4 C4  H41  sing N N 250 
PG4 C4  H42  sing N N 251 
PG4 O3  C5   sing N N 252 
PG4 C5  C6   sing N N 253 
PG4 C5  H51  sing N N 254 
PG4 C5  H52  sing N N 255 
PG4 C6  O4   sing N N 256 
PG4 C6  H61  sing N N 257 
PG4 C6  H62  sing N N 258 
PG4 O4  C7   sing N N 259 
PG4 C7  C8   sing N N 260 
PG4 C7  H71  sing N N 261 
PG4 C7  H72  sing N N 262 
PG4 C8  O5   sing N N 263 
PG4 C8  H81  sing N N 264 
PG4 C8  H82  sing N N 265 
PG4 O5  HO5  sing N N 266 
PHE N   CA   sing N N 267 
PHE N   H    sing N N 268 
PHE N   H2   sing N N 269 
PHE CA  C    sing N N 270 
PHE CA  CB   sing N N 271 
PHE CA  HA   sing N N 272 
PHE C   O    doub N N 273 
PHE C   OXT  sing N N 274 
PHE CB  CG   sing N N 275 
PHE CB  HB2  sing N N 276 
PHE CB  HB3  sing N N 277 
PHE CG  CD1  doub Y N 278 
PHE CG  CD2  sing Y N 279 
PHE CD1 CE1  sing Y N 280 
PHE CD1 HD1  sing N N 281 
PHE CD2 CE2  doub Y N 282 
PHE CD2 HD2  sing N N 283 
PHE CE1 CZ   doub Y N 284 
PHE CE1 HE1  sing N N 285 
PHE CE2 CZ   sing Y N 286 
PHE CE2 HE2  sing N N 287 
PHE CZ  HZ   sing N N 288 
PHE OXT HXT  sing N N 289 
PRO N   CA   sing N N 290 
PRO N   CD   sing N N 291 
PRO N   H    sing N N 292 
PRO CA  C    sing N N 293 
PRO CA  CB   sing N N 294 
PRO CA  HA   sing N N 295 
PRO C   O    doub N N 296 
PRO C   OXT  sing N N 297 
PRO CB  CG   sing N N 298 
PRO CB  HB2  sing N N 299 
PRO CB  HB3  sing N N 300 
PRO CG  CD   sing N N 301 
PRO CG  HG2  sing N N 302 
PRO CG  HG3  sing N N 303 
PRO CD  HD2  sing N N 304 
PRO CD  HD3  sing N N 305 
PRO OXT HXT  sing N N 306 
SER N   CA   sing N N 307 
SER N   H    sing N N 308 
SER N   H2   sing N N 309 
SER CA  C    sing N N 310 
SER CA  CB   sing N N 311 
SER CA  HA   sing N N 312 
SER C   O    doub N N 313 
SER C   OXT  sing N N 314 
SER CB  OG   sing N N 315 
SER CB  HB2  sing N N 316 
SER CB  HB3  sing N N 317 
SER OG  HG   sing N N 318 
SER OXT HXT  sing N N 319 
THR N   CA   sing N N 320 
THR N   H    sing N N 321 
THR N   H2   sing N N 322 
THR CA  C    sing N N 323 
THR CA  CB   sing N N 324 
THR CA  HA   sing N N 325 
THR C   O    doub N N 326 
THR C   OXT  sing N N 327 
THR CB  OG1  sing N N 328 
THR CB  CG2  sing N N 329 
THR CB  HB   sing N N 330 
THR OG1 HG1  sing N N 331 
THR CG2 HG21 sing N N 332 
THR CG2 HG22 sing N N 333 
THR CG2 HG23 sing N N 334 
THR OXT HXT  sing N N 335 
TRP N   CA   sing N N 336 
TRP N   H    sing N N 337 
TRP N   H2   sing N N 338 
TRP CA  C    sing N N 339 
TRP CA  CB   sing N N 340 
TRP CA  HA   sing N N 341 
TRP C   O    doub N N 342 
TRP C   OXT  sing N N 343 
TRP CB  CG   sing N N 344 
TRP CB  HB2  sing N N 345 
TRP CB  HB3  sing N N 346 
TRP CG  CD1  doub Y N 347 
TRP CG  CD2  sing Y N 348 
TRP CD1 NE1  sing Y N 349 
TRP CD1 HD1  sing N N 350 
TRP CD2 CE2  doub Y N 351 
TRP CD2 CE3  sing Y N 352 
TRP NE1 CE2  sing Y N 353 
TRP NE1 HE1  sing N N 354 
TRP CE2 CZ2  sing Y N 355 
TRP CE3 CZ3  doub Y N 356 
TRP CE3 HE3  sing N N 357 
TRP CZ2 CH2  doub Y N 358 
TRP CZ2 HZ2  sing N N 359 
TRP CZ3 CH2  sing Y N 360 
TRP CZ3 HZ3  sing N N 361 
TRP CH2 HH2  sing N N 362 
TRP OXT HXT  sing N N 363 
TYR N   CA   sing N N 364 
TYR N   H    sing N N 365 
TYR N   H2   sing N N 366 
TYR CA  C    sing N N 367 
TYR CA  CB   sing N N 368 
TYR CA  HA   sing N N 369 
TYR C   O    doub N N 370 
TYR C   OXT  sing N N 371 
TYR CB  CG   sing N N 372 
TYR CB  HB2  sing N N 373 
TYR CB  HB3  sing N N 374 
TYR CG  CD1  doub Y N 375 
TYR CG  CD2  sing Y N 376 
TYR CD1 CE1  sing Y N 377 
TYR CD1 HD1  sing N N 378 
TYR CD2 CE2  doub Y N 379 
TYR CD2 HD2  sing N N 380 
TYR CE1 CZ   doub Y N 381 
TYR CE1 HE1  sing N N 382 
TYR CE2 CZ   sing Y N 383 
TYR CE2 HE2  sing N N 384 
TYR CZ  OH   sing N N 385 
TYR OH  HH   sing N N 386 
TYR OXT HXT  sing N N 387 
VAL N   CA   sing N N 388 
VAL N   H    sing N N 389 
VAL N   H2   sing N N 390 
VAL CA  C    sing N N 391 
VAL CA  CB   sing N N 392 
VAL CA  HA   sing N N 393 
VAL C   O    doub N N 394 
VAL C   OXT  sing N N 395 
VAL CB  CG1  sing N N 396 
VAL CB  CG2  sing N N 397 
VAL CB  HB   sing N N 398 
VAL CG1 HG11 sing N N 399 
VAL CG1 HG12 sing N N 400 
VAL CG1 HG13 sing N N 401 
VAL CG2 HG21 sing N N 402 
VAL CG2 HG22 sing N N 403 
VAL CG2 HG23 sing N N 404 
VAL OXT HXT  sing N N 405 
# 
loop_
_pdbx_entity_nonpoly.entity_id 
_pdbx_entity_nonpoly.name 
_pdbx_entity_nonpoly.comp_id 
2 'TETRAETHYLENE GLYCOL' PG4 
3 water                  HOH 
# 
_pdbx_initial_refinement_model.id               1 
_pdbx_initial_refinement_model.entity_id_list   ? 
_pdbx_initial_refinement_model.type             'experimental model' 
_pdbx_initial_refinement_model.source_name      PDB 
_pdbx_initial_refinement_model.accession_code   1YH6 
_pdbx_initial_refinement_model.details          'PDB entry 1YH6' 
# 
